data_4S01
#
_entry.id   4S01
#
_cell.length_a   175.963
_cell.length_b   175.963
_cell.length_c   109.679
_cell.angle_alpha   90.00
_cell.angle_beta   90.00
_cell.angle_gamma   120.00
#
_symmetry.space_group_name_H-M   'P 32'
#
loop_
_entity.id
_entity.type
_entity.pdbx_description
1 polymer 'Peptidase M24'
2 non-polymer 'FE (III) ION'
3 non-polymer 'ACRYLIC ACID'
4 non-polymer GLYCEROL
5 water water
#
_entity_poly.entity_id   1
_entity_poly.type   'polypeptide(L)'
_entity_poly.pdbx_seq_one_letter_code
;MNHHYRDTRKIDPSRGATLGDGTPNDNDRIEIGPTQLAFSEWAAAGLQLPNLDRMREYRWKRLTQAIVDRGYGGLLMFDP
LNIRYATDSTNMQLWNTHNPFRAVLLCADGYMVIWDYKNSPFLSKFNPLVREQRSGADLFYFDRGDKVDVQADVFANEVR
VLMQDHAPGHTRLAVDKIMLHGLRALEAQGFEIMEGEEVTEKTRAIKGPDEILAMRCASHACETAVAEMEKFARAHVGDG
KTSEDDIWAVLHAENIKRGGEWIETRLLASGPRTNPWFQECGPRITQKNEIIAFDTDLIGSYGICVDISRTWWIGDQKPR
PDMVYAMQHAHEHIMTNMEMLKPGVMIPDLTANCHRLDDKFQAQKYGCLMHGVGLCNEWPLVAYPDKAVPGSYDYPLEPG
MVLCVEAAVGEVGGDFSIKLEDQVLITEDGYENLTTYPFDAALMGLA
;
_entity_poly.pdbx_strand_id   A,B,C,D
#
# COMPACT_ATOMS: atom_id res chain seq x y z
N ARG A 9 29.00 -20.46 4.52
CA ARG A 9 29.05 -19.98 3.14
C ARG A 9 27.76 -19.29 2.74
N LYS A 10 26.65 -19.62 3.40
CA LYS A 10 25.37 -18.94 3.16
C LYS A 10 25.43 -17.49 3.60
N ILE A 11 24.79 -16.60 2.85
CA ILE A 11 24.72 -15.20 3.26
C ILE A 11 23.46 -14.99 4.10
N ASP A 12 22.46 -15.84 3.88
CA ASP A 12 21.25 -15.82 4.68
C ASP A 12 21.05 -17.20 5.28
N PRO A 13 21.42 -17.36 6.57
CA PRO A 13 21.41 -18.63 7.29
C PRO A 13 20.00 -19.24 7.38
N SER A 14 18.98 -18.38 7.28
CA SER A 14 17.61 -18.81 7.46
C SER A 14 17.04 -19.49 6.21
N ARG A 15 17.80 -19.50 5.11
CA ARG A 15 17.32 -20.10 3.87
C ARG A 15 18.16 -21.27 3.43
N GLY A 16 17.67 -21.97 2.40
CA GLY A 16 18.37 -23.12 1.85
C GLY A 16 19.40 -22.71 0.81
N ALA A 17 19.42 -23.45 -0.29
CA ALA A 17 20.42 -23.28 -1.33
C ALA A 17 20.26 -21.98 -2.11
N THR A 18 19.04 -21.48 -2.19
CA THR A 18 18.76 -20.27 -2.95
C THR A 18 18.17 -19.15 -2.11
N LEU A 19 18.34 -17.90 -2.57
CA LEU A 19 17.71 -16.75 -1.97
C LEU A 19 16.27 -16.66 -2.47
N GLY A 20 15.51 -15.70 -1.95
CA GLY A 20 14.11 -15.55 -2.33
C GLY A 20 13.88 -15.24 -3.80
N ASP A 21 14.88 -14.68 -4.47
CA ASP A 21 14.78 -14.35 -5.89
C ASP A 21 15.37 -15.46 -6.75
N GLY A 22 15.71 -16.59 -6.13
CA GLY A 22 16.20 -17.75 -6.84
C GLY A 22 17.72 -17.76 -7.06
N THR A 23 18.40 -16.70 -6.63
CA THR A 23 19.87 -16.64 -6.80
C THR A 23 20.58 -17.47 -5.71
N PRO A 24 21.85 -17.83 -5.95
CA PRO A 24 22.57 -18.67 -4.98
C PRO A 24 22.71 -18.06 -3.57
N ASN A 25 22.37 -18.85 -2.56
CA ASN A 25 22.62 -18.45 -1.18
C ASN A 25 24.09 -18.68 -0.84
N ASP A 26 24.95 -17.77 -1.30
CA ASP A 26 26.39 -17.95 -1.23
C ASP A 26 27.05 -16.61 -0.99
N ASN A 27 27.58 -16.43 0.22
CA ASN A 27 28.22 -15.17 0.61
C ASN A 27 29.41 -14.81 -0.27
N ASP A 28 29.98 -15.78 -0.96
CA ASP A 28 31.19 -15.55 -1.74
C ASP A 28 30.95 -15.53 -3.26
N ARG A 29 29.69 -15.52 -3.67
CA ARG A 29 29.38 -15.59 -5.10
C ARG A 29 29.87 -14.35 -5.85
N ILE A 30 30.04 -14.52 -7.16
CA ILE A 30 30.44 -13.40 -8.01
C ILE A 30 29.30 -12.39 -8.11
N GLU A 31 28.10 -12.87 -8.43
CA GLU A 31 26.94 -12.03 -8.66
C GLU A 31 26.61 -11.16 -7.44
N ILE A 32 26.32 -9.89 -7.71
CA ILE A 32 25.87 -9.01 -6.63
C ILE A 32 24.34 -8.90 -6.66
N GLY A 33 23.81 -7.84 -6.06
CA GLY A 33 22.38 -7.67 -5.96
C GLY A 33 21.97 -7.00 -4.66
N PRO A 34 20.68 -7.07 -4.32
CA PRO A 34 20.20 -6.41 -3.09
C PRO A 34 20.92 -6.94 -1.85
N THR A 35 21.11 -6.07 -0.87
CA THR A 35 21.75 -6.47 0.37
C THR A 35 20.76 -7.16 1.31
N GLN A 36 21.30 -7.73 2.39
CA GLN A 36 20.46 -8.35 3.41
C GLN A 36 19.60 -7.28 4.08
N LEU A 37 20.11 -6.07 4.17
CA LEU A 37 19.31 -4.94 4.64
C LEU A 37 18.06 -4.77 3.78
N ALA A 38 18.22 -4.69 2.46
CA ALA A 38 17.07 -4.51 1.58
C ALA A 38 16.09 -5.68 1.67
N PHE A 39 16.60 -6.90 1.54
CA PHE A 39 15.77 -8.10 1.61
C PHE A 39 14.92 -8.15 2.88
N SER A 40 15.56 -7.79 3.98
CA SER A 40 14.93 -7.77 5.29
C SER A 40 13.77 -6.77 5.35
N GLU A 41 14.01 -5.57 4.81
CA GLU A 41 12.98 -4.54 4.76
C GLU A 41 11.83 -4.96 3.85
N TRP A 42 12.16 -5.59 2.72
CA TRP A 42 11.13 -5.99 1.77
C TRP A 42 10.24 -7.09 2.36
N ALA A 43 10.88 -8.02 3.06
CA ALA A 43 10.17 -9.15 3.67
C ALA A 43 9.23 -8.63 4.74
N ALA A 44 9.71 -7.68 5.54
CA ALA A 44 8.88 -7.08 6.57
C ALA A 44 7.73 -6.30 5.93
N ALA A 45 7.89 -5.89 4.68
CA ALA A 45 6.83 -5.16 4.00
C ALA A 45 5.91 -6.07 3.19
N GLY A 46 6.19 -7.38 3.17
CA GLY A 46 5.33 -8.31 2.46
C GLY A 46 5.42 -8.21 0.94
N LEU A 47 6.58 -7.79 0.45
CA LEU A 47 6.82 -7.71 -0.99
C LEU A 47 7.25 -9.05 -1.53
N GLN A 48 6.65 -9.46 -2.64
CA GLN A 48 7.08 -10.66 -3.36
C GLN A 48 8.34 -10.35 -4.17
N LEU A 49 9.34 -11.23 -4.09
CA LEU A 49 10.59 -11.04 -4.81
C LEU A 49 10.48 -11.53 -6.25
N PRO A 50 11.13 -10.82 -7.18
CA PRO A 50 11.19 -11.31 -8.57
C PRO A 50 11.96 -12.61 -8.65
N ASN A 51 11.66 -13.44 -9.64
CA ASN A 51 12.53 -14.56 -9.95
C ASN A 51 13.46 -14.12 -11.09
N LEU A 52 14.74 -14.00 -10.80
CA LEU A 52 15.64 -13.35 -11.76
C LEU A 52 15.80 -14.19 -13.04
N ASP A 53 15.84 -15.52 -12.93
CA ASP A 53 15.96 -16.38 -14.11
C ASP A 53 14.81 -16.14 -15.07
N ARG A 54 13.60 -16.08 -14.53
CA ARG A 54 12.42 -15.91 -15.35
C ARG A 54 12.39 -14.50 -15.92
N MET A 55 12.87 -13.53 -15.14
CA MET A 55 12.98 -12.16 -15.60
C MET A 55 13.94 -12.05 -16.77
N ARG A 56 15.13 -12.61 -16.63
CA ARG A 56 16.14 -12.57 -17.67
C ARG A 56 15.66 -13.27 -18.94
N GLU A 57 14.90 -14.35 -18.78
CA GLU A 57 14.39 -15.09 -19.91
C GLU A 57 13.31 -14.28 -20.63
N TYR A 58 12.48 -13.59 -19.86
CA TYR A 58 11.41 -12.78 -20.41
C TYR A 58 11.96 -11.66 -21.29
N ARG A 59 12.96 -10.95 -20.75
CA ARG A 59 13.61 -9.87 -21.48
C ARG A 59 14.25 -10.36 -22.76
N TRP A 60 15.02 -11.44 -22.64
CA TRP A 60 15.70 -12.03 -23.79
C TRP A 60 14.71 -12.44 -24.88
N LYS A 61 13.70 -13.23 -24.52
CA LYS A 61 12.69 -13.68 -25.48
C LYS A 61 12.04 -12.47 -26.17
N ARG A 62 11.70 -11.46 -25.39
CA ARG A 62 11.06 -10.27 -25.91
C ARG A 62 11.95 -9.48 -26.88
N LEU A 63 13.22 -9.32 -26.53
CA LEU A 63 14.16 -8.60 -27.39
C LEU A 63 14.39 -9.36 -28.70
N THR A 64 14.51 -10.67 -28.62
CA THR A 64 14.64 -11.49 -29.82
C THR A 64 13.41 -11.32 -30.72
N GLN A 65 12.22 -11.41 -30.14
CA GLN A 65 10.98 -11.26 -30.89
C GLN A 65 10.91 -9.91 -31.61
N ALA A 66 11.44 -8.88 -30.95
CA ALA A 66 11.44 -7.53 -31.50
C ALA A 66 12.29 -7.46 -32.77
N ILE A 67 13.42 -8.16 -32.74
CA ILE A 67 14.31 -8.27 -33.90
C ILE A 67 13.59 -8.99 -35.06
N VAL A 68 13.01 -10.13 -34.73
CA VAL A 68 12.27 -10.94 -35.68
C VAL A 68 11.13 -10.15 -36.31
N ASP A 69 10.37 -9.42 -35.48
CA ASP A 69 9.22 -8.66 -35.96
C ASP A 69 9.59 -7.60 -36.99
N ARG A 70 10.81 -7.07 -36.90
CA ARG A 70 11.22 -5.99 -37.79
C ARG A 70 11.87 -6.51 -39.07
N GLY A 71 12.06 -7.83 -39.14
CA GLY A 71 12.76 -8.45 -40.26
C GLY A 71 14.25 -8.18 -40.25
N TYR A 72 14.83 -8.01 -39.07
CA TYR A 72 16.26 -7.76 -38.93
C TYR A 72 16.94 -9.10 -38.67
N GLY A 73 18.25 -9.16 -38.90
CA GLY A 73 18.99 -10.35 -38.55
C GLY A 73 19.55 -10.33 -37.15
N GLY A 74 19.70 -9.12 -36.59
CA GLY A 74 20.27 -9.01 -35.27
C GLY A 74 20.29 -7.60 -34.71
N LEU A 75 20.71 -7.51 -33.45
CA LEU A 75 20.81 -6.25 -32.73
C LEU A 75 22.12 -6.21 -31.98
N LEU A 76 22.90 -5.14 -32.19
CA LEU A 76 24.19 -4.99 -31.57
C LEU A 76 24.16 -3.79 -30.61
N MET A 77 24.50 -4.04 -29.34
CA MET A 77 24.30 -3.05 -28.29
C MET A 77 25.60 -2.64 -27.59
N PHE A 78 25.88 -1.34 -27.57
CA PHE A 78 27.01 -0.75 -26.85
C PHE A 78 26.57 0.11 -25.64
N ASP A 79 25.30 0.49 -25.62
CA ASP A 79 24.77 1.23 -24.47
C ASP A 79 24.68 0.27 -23.29
N PRO A 80 25.33 0.62 -22.16
CA PRO A 80 25.39 -0.22 -20.94
C PRO A 80 24.02 -0.56 -20.42
N LEU A 81 23.04 0.30 -20.68
CA LEU A 81 21.67 0.07 -20.20
C LEU A 81 20.96 -0.97 -21.07
N ASN A 82 21.26 -0.98 -22.37
CA ASN A 82 20.72 -2.02 -23.26
C ASN A 82 21.37 -3.37 -22.99
N ILE A 83 22.67 -3.34 -22.74
CA ILE A 83 23.41 -4.52 -22.33
C ILE A 83 22.84 -5.10 -21.03
N ARG A 84 22.52 -4.22 -20.08
CA ARG A 84 21.87 -4.62 -18.83
C ARG A 84 20.50 -5.24 -19.09
N TYR A 85 19.75 -4.67 -20.01
CA TYR A 85 18.46 -5.27 -20.32
C TYR A 85 18.60 -6.65 -20.93
N ALA A 86 19.55 -6.80 -21.85
CA ALA A 86 19.71 -8.07 -22.59
C ALA A 86 20.28 -9.20 -21.73
N THR A 87 21.20 -8.85 -20.84
CA THR A 87 21.98 -9.87 -20.15
C THR A 87 21.87 -9.81 -18.62
N ASP A 88 21.38 -8.68 -18.11
CA ASP A 88 21.30 -8.41 -16.67
C ASP A 88 22.70 -8.38 -16.00
N SER A 89 23.74 -8.28 -16.82
CA SER A 89 25.12 -8.28 -16.35
C SER A 89 25.68 -6.85 -16.31
N THR A 90 26.19 -6.46 -15.15
CA THR A 90 26.81 -5.15 -15.02
C THR A 90 28.34 -5.30 -15.09
N ASN A 91 29.02 -4.24 -15.47
CA ASN A 91 30.48 -4.18 -15.38
C ASN A 91 30.90 -2.74 -15.54
N MET A 92 31.23 -2.11 -14.41
CA MET A 92 31.64 -0.70 -14.41
C MET A 92 30.66 0.13 -15.23
N GLN A 93 29.36 -0.04 -14.96
CA GLN A 93 28.30 0.63 -15.71
C GLN A 93 28.60 2.10 -16.02
N LEU A 94 29.02 2.86 -15.01
CA LEU A 94 29.18 4.29 -15.23
C LEU A 94 30.39 4.57 -16.12
N TRP A 95 31.49 3.86 -15.88
CA TRP A 95 32.61 3.97 -16.80
C TRP A 95 32.15 3.59 -18.22
N ASN A 96 31.38 2.51 -18.31
CA ASN A 96 30.93 1.97 -19.60
C ASN A 96 30.12 2.98 -20.39
N THR A 97 29.38 3.84 -19.69
CA THR A 97 28.52 4.80 -20.37
C THR A 97 29.26 5.75 -21.29
N HIS A 98 30.48 6.15 -20.92
CA HIS A 98 31.24 7.05 -21.78
C HIS A 98 32.54 6.42 -22.25
N ASN A 99 32.69 5.12 -22.03
CA ASN A 99 33.80 4.36 -22.61
C ASN A 99 33.23 3.08 -23.22
N PRO A 100 33.06 3.05 -24.55
CA PRO A 100 32.36 1.89 -25.12
C PRO A 100 33.26 0.66 -25.23
N PHE A 101 33.54 0.00 -24.10
CA PHE A 101 34.44 -1.15 -24.11
C PHE A 101 33.68 -2.44 -24.31
N ARG A 102 32.36 -2.36 -24.24
CA ARG A 102 31.50 -3.54 -24.11
C ARG A 102 30.50 -3.67 -25.26
N ALA A 103 30.11 -4.89 -25.61
CA ALA A 103 29.13 -5.06 -26.68
C ALA A 103 28.35 -6.36 -26.51
N VAL A 104 27.06 -6.33 -26.87
CA VAL A 104 26.27 -7.55 -26.94
C VAL A 104 25.61 -7.69 -28.33
N LEU A 105 25.83 -8.84 -28.96
CA LEU A 105 25.12 -9.17 -30.18
C LEU A 105 24.00 -10.17 -29.87
N LEU A 106 22.78 -9.84 -30.27
CA LEU A 106 21.67 -10.75 -30.16
C LEU A 106 21.13 -11.03 -31.56
N CYS A 107 21.16 -12.29 -31.99
CA CYS A 107 20.77 -12.64 -33.36
C CYS A 107 19.30 -13.05 -33.40
N ALA A 108 18.73 -13.06 -34.60
CA ALA A 108 17.32 -13.36 -34.81
C ALA A 108 16.90 -14.74 -34.28
N ASP A 109 17.85 -15.67 -34.18
CA ASP A 109 17.55 -17.00 -33.64
C ASP A 109 17.75 -17.04 -32.13
N GLY A 110 17.98 -15.87 -31.52
CA GLY A 110 18.12 -15.76 -30.09
C GLY A 110 19.54 -15.95 -29.55
N TYR A 111 20.47 -16.35 -30.42
CA TYR A 111 21.86 -16.56 -30.01
C TYR A 111 22.48 -15.23 -29.55
N MET A 112 23.10 -15.24 -28.38
CA MET A 112 23.58 -14.00 -27.76
C MET A 112 25.04 -14.11 -27.35
N VAL A 113 25.83 -13.14 -27.78
CA VAL A 113 27.27 -13.10 -27.51
C VAL A 113 27.63 -11.79 -26.84
N ILE A 114 28.47 -11.83 -25.81
CA ILE A 114 28.98 -10.59 -25.24
C ILE A 114 30.49 -10.47 -25.49
N TRP A 115 30.93 -9.27 -25.86
CA TRP A 115 32.36 -8.92 -25.84
C TRP A 115 32.59 -8.07 -24.61
N ASP A 116 33.28 -8.64 -23.62
CA ASP A 116 33.45 -7.95 -22.36
C ASP A 116 34.85 -7.43 -22.24
N TYR A 117 35.10 -6.66 -21.19
CA TYR A 117 36.43 -6.28 -20.75
C TYR A 117 37.34 -7.51 -20.74
N LYS A 118 38.54 -7.36 -21.28
CA LYS A 118 39.48 -8.48 -21.43
C LYS A 118 39.68 -9.27 -20.13
N ASN A 119 39.91 -8.56 -19.04
CA ASN A 119 40.19 -9.20 -17.76
C ASN A 119 38.97 -9.76 -17.03
N SER A 120 37.75 -9.50 -17.50
CA SER A 120 36.59 -9.90 -16.71
C SER A 120 35.52 -10.70 -17.46
N PRO A 121 35.91 -11.78 -18.14
CA PRO A 121 34.90 -12.55 -18.90
C PRO A 121 33.89 -13.28 -18.01
N PHE A 122 34.19 -13.41 -16.73
CA PHE A 122 33.33 -14.16 -15.81
C PHE A 122 32.07 -13.39 -15.37
N LEU A 123 32.01 -12.11 -15.66
CA LEU A 123 30.96 -11.28 -15.08
C LEU A 123 29.55 -11.59 -15.61
N SER A 124 29.43 -12.22 -16.77
CA SER A 124 28.10 -12.55 -17.27
C SER A 124 27.82 -14.04 -17.30
N LYS A 125 28.71 -14.85 -16.73
CA LYS A 125 28.53 -16.30 -16.81
C LYS A 125 27.37 -16.81 -15.97
N PHE A 126 26.85 -15.99 -15.04
CA PHE A 126 25.67 -16.40 -14.29
C PHE A 126 24.43 -16.53 -15.19
N ASN A 127 24.46 -15.86 -16.35
CA ASN A 127 23.35 -15.90 -17.28
C ASN A 127 23.66 -16.82 -18.47
N PRO A 128 23.12 -18.04 -18.44
CA PRO A 128 23.38 -19.03 -19.49
C PRO A 128 22.86 -18.62 -20.87
N LEU A 129 21.99 -17.62 -20.93
CA LEU A 129 21.51 -17.09 -22.21
C LEU A 129 22.64 -16.37 -22.94
N VAL A 130 23.65 -15.95 -22.20
CA VAL A 130 24.85 -15.41 -22.84
C VAL A 130 25.72 -16.60 -23.22
N ARG A 131 25.74 -16.90 -24.52
CA ARG A 131 26.33 -18.15 -24.99
C ARG A 131 27.85 -18.11 -25.10
N GLU A 132 28.41 -16.91 -25.24
CA GLU A 132 29.85 -16.73 -25.39
C GLU A 132 30.33 -15.45 -24.72
N GLN A 133 31.50 -15.52 -24.10
CA GLN A 133 32.17 -14.37 -23.57
C GLN A 133 33.45 -14.12 -24.38
N ARG A 134 33.47 -13.03 -25.15
CA ARG A 134 34.63 -12.67 -25.95
C ARG A 134 35.23 -11.35 -25.45
N SER A 135 36.16 -10.79 -26.22
CA SER A 135 36.70 -9.47 -25.94
C SER A 135 37.12 -8.80 -27.25
N GLY A 136 37.47 -7.52 -27.18
CA GLY A 136 37.92 -6.81 -28.36
C GLY A 136 36.88 -5.97 -29.07
N ALA A 137 35.81 -5.55 -28.36
CA ALA A 137 34.82 -4.64 -28.95
C ALA A 137 35.06 -3.21 -28.54
N ASP A 138 36.20 -2.96 -27.88
CA ASP A 138 36.52 -1.65 -27.35
C ASP A 138 37.22 -0.74 -28.39
N LEU A 139 36.42 0.02 -29.12
CA LEU A 139 36.90 0.79 -30.26
C LEU A 139 36.97 2.29 -30.02
N PHE A 140 37.85 2.73 -29.11
CA PHE A 140 37.95 4.15 -28.85
C PHE A 140 39.37 4.51 -28.45
N TYR A 141 39.71 5.80 -28.54
CA TYR A 141 41.09 6.24 -28.60
C TYR A 141 41.90 5.97 -27.32
N PHE A 142 41.28 6.14 -26.15
CA PHE A 142 41.97 5.84 -24.89
C PHE A 142 42.43 4.37 -24.85
N ASP A 143 41.56 3.44 -25.20
CA ASP A 143 41.89 2.03 -25.13
C ASP A 143 42.80 1.51 -26.24
N ARG A 144 42.75 2.10 -27.44
CA ARG A 144 43.54 1.53 -28.52
C ARG A 144 44.42 2.51 -29.27
N GLY A 145 44.34 3.78 -28.89
CA GLY A 145 45.20 4.79 -29.51
C GLY A 145 45.03 4.86 -31.02
N ASP A 146 46.16 4.87 -31.72
CA ASP A 146 46.17 4.95 -33.18
C ASP A 146 45.88 3.62 -33.89
N LYS A 147 45.53 2.58 -33.15
CA LYS A 147 45.21 1.31 -33.76
C LYS A 147 43.79 0.83 -33.46
N VAL A 148 42.84 1.74 -33.35
CA VAL A 148 41.42 1.37 -33.25
C VAL A 148 40.99 0.63 -34.52
N ASP A 149 41.33 1.17 -35.69
CA ASP A 149 40.82 0.64 -36.97
C ASP A 149 41.13 -0.84 -37.20
N VAL A 150 42.33 -1.27 -36.81
CA VAL A 150 42.71 -2.67 -36.98
C VAL A 150 41.78 -3.61 -36.23
N GLN A 151 41.50 -3.27 -34.98
CA GLN A 151 40.61 -4.09 -34.16
C GLN A 151 39.15 -3.94 -34.59
N ALA A 152 38.80 -2.78 -35.13
CA ALA A 152 37.45 -2.56 -35.64
C ALA A 152 37.15 -3.58 -36.73
N ASP A 153 38.15 -3.86 -37.58
CA ASP A 153 37.98 -4.84 -38.63
C ASP A 153 37.90 -6.26 -38.06
N VAL A 154 38.71 -6.56 -37.06
CA VAL A 154 38.63 -7.86 -36.39
C VAL A 154 37.23 -8.11 -35.80
N PHE A 155 36.72 -7.09 -35.13
CA PHE A 155 35.42 -7.19 -34.47
C PHE A 155 34.31 -7.34 -35.51
N ALA A 156 34.34 -6.52 -36.54
CA ALA A 156 33.29 -6.54 -37.56
C ALA A 156 33.27 -7.87 -38.31
N ASN A 157 34.44 -8.47 -38.52
CA ASN A 157 34.48 -9.79 -39.12
C ASN A 157 33.84 -10.82 -38.19
N GLU A 158 34.09 -10.69 -36.89
CA GLU A 158 33.47 -11.60 -35.92
C GLU A 158 31.95 -11.49 -35.99
N VAL A 159 31.46 -10.26 -36.14
CA VAL A 159 30.02 -10.05 -36.18
C VAL A 159 29.45 -10.63 -37.49
N ARG A 160 30.19 -10.48 -38.59
CA ARG A 160 29.78 -11.08 -39.85
C ARG A 160 29.64 -12.59 -39.73
N VAL A 161 30.65 -13.25 -39.17
CA VAL A 161 30.61 -14.71 -39.04
C VAL A 161 29.43 -15.15 -38.16
N LEU A 162 29.25 -14.51 -37.01
CA LEU A 162 28.13 -14.81 -36.13
C LEU A 162 26.78 -14.70 -36.86
N MET A 163 26.65 -13.61 -37.63
CA MET A 163 25.43 -13.34 -38.37
C MET A 163 25.22 -14.35 -39.51
N GLN A 164 26.29 -14.73 -40.21
CA GLN A 164 26.23 -15.79 -41.21
C GLN A 164 25.72 -17.11 -40.64
N ASP A 165 26.19 -17.45 -39.44
CA ASP A 165 25.81 -18.71 -38.81
C ASP A 165 24.47 -18.67 -38.09
N HIS A 166 24.02 -17.49 -37.65
CA HIS A 166 22.82 -17.42 -36.79
C HIS A 166 21.70 -16.55 -37.35
N ALA A 167 21.97 -15.80 -38.41
CA ALA A 167 20.94 -15.08 -39.14
C ALA A 167 21.21 -15.11 -40.65
N PRO A 168 21.36 -16.32 -41.23
CA PRO A 168 21.76 -16.36 -42.64
C PRO A 168 20.74 -15.68 -43.55
N GLY A 169 21.25 -14.97 -44.55
CA GLY A 169 20.39 -14.24 -45.45
C GLY A 169 20.04 -12.83 -44.99
N HIS A 170 20.29 -12.52 -43.73
CA HIS A 170 19.99 -11.17 -43.23
C HIS A 170 21.17 -10.23 -43.44
N THR A 171 20.90 -9.06 -44.04
CA THR A 171 21.92 -8.02 -44.05
C THR A 171 21.59 -6.85 -43.12
N ARG A 172 20.38 -6.80 -42.57
CA ARG A 172 20.03 -5.69 -41.66
C ARG A 172 20.43 -5.98 -40.23
N LEU A 173 21.30 -5.11 -39.73
CA LEU A 173 21.84 -5.19 -38.37
C LEU A 173 21.49 -3.91 -37.61
N ALA A 174 20.64 -4.04 -36.59
CA ALA A 174 20.30 -2.88 -35.76
C ALA A 174 21.43 -2.60 -34.75
N VAL A 175 21.78 -1.33 -34.59
CA VAL A 175 22.86 -0.91 -33.70
C VAL A 175 22.38 0.27 -32.88
N ASP A 176 22.50 0.21 -31.56
CA ASP A 176 21.99 1.32 -30.76
C ASP A 176 22.88 2.54 -30.91
N LYS A 177 24.18 2.39 -30.66
CA LYS A 177 25.14 3.50 -30.81
C LYS A 177 26.55 2.93 -30.92
N ILE A 178 27.30 3.36 -31.94
CA ILE A 178 28.62 2.78 -32.16
C ILE A 178 29.60 3.86 -32.61
N MET A 179 30.84 3.75 -32.16
CA MET A 179 31.87 4.69 -32.59
C MET A 179 32.03 4.60 -34.10
N LEU A 180 32.44 5.70 -34.73
CA LEU A 180 32.53 5.76 -36.19
C LEU A 180 33.41 4.68 -36.82
N HIS A 181 34.55 4.37 -36.21
CA HIS A 181 35.42 3.28 -36.67
C HIS A 181 34.64 1.96 -36.72
N GLY A 182 33.81 1.71 -35.71
CA GLY A 182 32.96 0.53 -35.70
C GLY A 182 31.91 0.56 -36.79
N LEU A 183 31.25 1.69 -36.95
CA LEU A 183 30.23 1.82 -37.99
C LEU A 183 30.78 1.46 -39.37
N ARG A 184 31.94 2.03 -39.70
N ARG A 184 31.94 2.03 -39.70
CA ARG A 184 32.52 1.84 -41.02
CA ARG A 184 32.51 1.83 -41.02
C ARG A 184 33.00 0.41 -41.24
C ARG A 184 33.00 0.41 -41.24
N ALA A 185 33.57 -0.20 -40.21
CA ALA A 185 34.01 -1.59 -40.30
C ALA A 185 32.81 -2.53 -40.56
N LEU A 186 31.70 -2.30 -39.87
CA LEU A 186 30.49 -3.08 -40.08
C LEU A 186 29.93 -2.89 -41.49
N GLU A 187 29.90 -1.64 -41.96
CA GLU A 187 29.39 -1.39 -43.30
C GLU A 187 30.29 -2.03 -44.34
N ALA A 188 31.59 -2.08 -44.04
CA ALA A 188 32.53 -2.73 -44.95
C ALA A 188 32.27 -4.23 -45.01
N GLN A 189 31.54 -4.76 -44.04
CA GLN A 189 31.27 -6.19 -44.05
C GLN A 189 29.91 -6.46 -44.70
N GLY A 190 29.30 -5.40 -45.23
CA GLY A 190 28.07 -5.54 -45.99
C GLY A 190 26.78 -5.47 -45.20
N PHE A 191 26.86 -4.99 -43.97
CA PHE A 191 25.65 -4.79 -43.17
C PHE A 191 24.94 -3.49 -43.50
N GLU A 192 23.61 -3.50 -43.50
CA GLU A 192 22.84 -2.27 -43.52
C GLU A 192 22.51 -1.94 -42.08
N ILE A 193 23.00 -0.80 -41.59
CA ILE A 193 22.87 -0.47 -40.17
C ILE A 193 21.55 0.21 -39.86
N MET A 194 20.74 -0.43 -39.01
CA MET A 194 19.42 0.07 -38.65
C MET A 194 19.43 0.73 -37.26
N GLU A 195 18.35 1.46 -36.95
CA GLU A 195 18.23 2.16 -35.67
C GLU A 195 17.95 1.21 -34.50
N GLY A 196 18.99 0.94 -33.72
CA GLY A 196 18.90 0.04 -32.59
C GLY A 196 18.01 0.52 -31.46
N GLU A 197 18.01 1.82 -31.20
CA GLU A 197 17.17 2.38 -30.12
C GLU A 197 15.67 2.20 -30.36
N GLU A 198 15.24 2.28 -31.60
CA GLU A 198 13.84 2.04 -31.93
C GLU A 198 13.43 0.64 -31.50
N VAL A 199 14.36 -0.30 -31.59
CA VAL A 199 14.12 -1.67 -31.15
C VAL A 199 14.16 -1.81 -29.63
N THR A 200 15.19 -1.26 -29.02
CA THR A 200 15.41 -1.46 -27.58
C THR A 200 14.37 -0.69 -26.76
N GLU A 201 14.07 0.53 -27.17
CA GLU A 201 13.13 1.35 -26.40
C GLU A 201 11.71 0.75 -26.38
N LYS A 202 11.23 0.28 -27.53
CA LYS A 202 9.88 -0.27 -27.60
C LYS A 202 9.81 -1.64 -26.91
N THR A 203 10.89 -2.41 -26.96
CA THR A 203 10.98 -3.66 -26.22
C THR A 203 10.94 -3.41 -24.71
N ARG A 204 11.79 -2.49 -24.24
CA ARG A 204 11.93 -2.25 -22.81
C ARG A 204 10.68 -1.60 -22.21
N ALA A 205 9.86 -0.99 -23.06
CA ALA A 205 8.67 -0.27 -22.60
C ALA A 205 7.61 -1.16 -21.92
N ILE A 206 7.61 -2.45 -22.23
CA ILE A 206 6.64 -3.36 -21.59
C ILE A 206 7.34 -4.31 -20.61
N LYS A 207 7.02 -4.15 -19.33
CA LYS A 207 7.64 -4.95 -18.28
C LYS A 207 6.91 -6.26 -18.09
N GLY A 208 7.63 -7.36 -17.96
CA GLY A 208 7.03 -8.62 -17.57
C GLY A 208 6.71 -8.64 -16.09
N PRO A 209 6.10 -9.72 -15.61
CA PRO A 209 5.70 -9.75 -14.19
C PRO A 209 6.90 -9.67 -13.21
N ASP A 210 8.02 -10.31 -13.51
CA ASP A 210 9.15 -10.24 -12.57
C ASP A 210 9.78 -8.86 -12.54
N GLU A 211 9.87 -8.23 -13.69
CA GLU A 211 10.33 -6.84 -13.75
C GLU A 211 9.46 -5.96 -12.86
N ILE A 212 8.15 -6.18 -12.88
CA ILE A 212 7.26 -5.35 -12.10
C ILE A 212 7.52 -5.60 -10.61
N LEU A 213 7.75 -6.87 -10.25
CA LEU A 213 8.04 -7.22 -8.86
C LEU A 213 9.35 -6.57 -8.41
N ALA A 214 10.36 -6.65 -9.27
CA ALA A 214 11.64 -6.03 -9.01
C ALA A 214 11.44 -4.53 -8.82
N MET A 215 10.61 -3.92 -9.67
CA MET A 215 10.39 -2.50 -9.59
C MET A 215 9.70 -2.12 -8.27
N ARG A 216 8.78 -2.96 -7.82
CA ARG A 216 8.09 -2.69 -6.55
C ARG A 216 9.09 -2.65 -5.41
N CYS A 217 10.04 -3.58 -5.44
CA CYS A 217 11.12 -3.62 -4.43
C CYS A 217 12.00 -2.36 -4.52
N ALA A 218 12.42 -2.00 -5.71
CA ALA A 218 13.31 -0.85 -5.86
C ALA A 218 12.61 0.42 -5.39
N SER A 219 11.32 0.55 -5.69
CA SER A 219 10.55 1.71 -5.26
C SER A 219 10.51 1.81 -3.74
N HIS A 220 10.33 0.67 -3.08
CA HIS A 220 10.26 0.63 -1.63
C HIS A 220 11.61 1.03 -1.01
N ALA A 221 12.69 0.48 -1.55
CA ALA A 221 14.06 0.82 -1.14
C ALA A 221 14.34 2.31 -1.36
N CYS A 222 13.90 2.83 -2.49
CA CYS A 222 14.08 4.24 -2.77
C CYS A 222 13.30 5.11 -1.78
N GLU A 223 12.05 4.74 -1.50
CA GLU A 223 11.23 5.55 -0.60
C GLU A 223 11.81 5.49 0.81
N THR A 224 12.37 4.35 1.19
CA THR A 224 13.07 4.24 2.47
C THR A 224 14.27 5.18 2.49
N ALA A 225 15.05 5.19 1.40
CA ALA A 225 16.23 6.05 1.32
C ALA A 225 15.84 7.52 1.40
N VAL A 226 14.80 7.91 0.67
CA VAL A 226 14.31 9.28 0.70
C VAL A 226 13.84 9.68 2.11
N ALA A 227 13.21 8.74 2.83
CA ALA A 227 12.70 9.01 4.17
C ALA A 227 13.87 9.31 5.13
N GLU A 228 14.96 8.55 5.01
CA GLU A 228 16.19 8.88 5.76
C GLU A 228 16.68 10.29 5.41
N MET A 229 16.62 10.64 4.13
CA MET A 229 17.07 11.96 3.70
C MET A 229 16.18 13.08 4.27
N GLU A 230 14.86 12.89 4.27
CA GLU A 230 13.94 13.88 4.85
C GLU A 230 14.16 14.03 6.35
N LYS A 231 14.43 12.92 7.03
CA LYS A 231 14.71 12.95 8.46
C LYS A 231 15.93 13.80 8.76
N PHE A 232 17.01 13.54 8.02
CA PHE A 232 18.24 14.33 8.10
C PHE A 232 17.99 15.79 7.78
N ALA A 233 17.26 16.07 6.71
CA ALA A 233 16.99 17.45 6.31
C ALA A 233 16.20 18.23 7.35
N ARG A 234 15.15 17.62 7.88
CA ARG A 234 14.30 18.33 8.84
C ARG A 234 15.06 18.49 10.14
N ALA A 235 15.95 17.56 10.40
CA ALA A 235 16.78 17.63 11.60
C ALA A 235 17.85 18.73 11.50
N HIS A 236 18.54 19.00 10.38
CA HIS A 236 19.53 20.04 10.55
C HIS A 236 19.67 21.03 9.40
N VAL A 237 18.62 21.23 8.61
CA VAL A 237 18.56 22.39 7.71
C VAL A 237 18.50 23.61 8.59
N GLY A 238 19.24 24.65 8.25
CA GLY A 238 19.16 25.90 8.98
C GLY A 238 20.12 26.01 10.15
N ASP A 239 21.05 25.07 10.27
CA ASP A 239 22.00 25.08 11.38
C ASP A 239 23.25 25.87 11.03
N GLY A 240 23.20 26.56 9.89
CA GLY A 240 24.31 27.40 9.46
C GLY A 240 25.43 26.70 8.70
N LYS A 241 25.43 25.37 8.66
CA LYS A 241 26.48 24.67 7.93
C LYS A 241 26.01 23.50 7.03
N THR A 242 24.82 22.98 7.24
CA THR A 242 24.31 21.90 6.43
C THR A 242 24.04 22.33 4.98
N SER A 243 24.81 21.81 4.04
CA SER A 243 24.70 22.13 2.62
C SER A 243 23.66 21.27 1.89
N GLU A 244 23.27 21.68 0.68
CA GLU A 244 22.50 20.84 -0.21
C GLU A 244 23.19 19.51 -0.41
N ASP A 245 24.50 19.51 -0.64
CA ASP A 245 25.28 18.28 -0.81
C ASP A 245 25.20 17.34 0.39
N ASP A 246 25.22 17.90 1.61
CA ASP A 246 25.14 17.10 2.84
C ASP A 246 23.83 16.29 2.88
N ILE A 247 22.73 16.96 2.59
CA ILE A 247 21.43 16.31 2.54
C ILE A 247 21.40 15.22 1.48
N TRP A 248 21.81 15.60 0.28
CA TRP A 248 21.76 14.71 -0.88
C TRP A 248 22.62 13.48 -0.69
N ALA A 249 23.73 13.64 0.04
CA ALA A 249 24.64 12.53 0.28
C ALA A 249 23.95 11.38 1.01
N VAL A 250 22.98 11.69 1.84
CA VAL A 250 22.22 10.65 2.53
C VAL A 250 21.52 9.74 1.53
N LEU A 251 20.89 10.33 0.52
CA LEU A 251 20.27 9.54 -0.53
C LEU A 251 21.30 8.61 -1.22
N HIS A 252 22.47 9.15 -1.56
CA HIS A 252 23.53 8.33 -2.15
C HIS A 252 23.86 7.09 -1.31
N ALA A 253 24.12 7.31 -0.01
CA ALA A 253 24.57 6.24 0.86
C ALA A 253 23.47 5.19 1.12
N GLU A 254 22.26 5.66 1.37
CA GLU A 254 21.17 4.74 1.68
C GLU A 254 20.77 3.94 0.45
N ASN A 255 20.93 4.51 -0.74
CA ASN A 255 20.77 3.75 -1.96
C ASN A 255 21.81 2.63 -2.06
N ILE A 256 23.08 3.00 -1.89
CA ILE A 256 24.17 2.01 -2.02
C ILE A 256 24.05 0.90 -0.97
N LYS A 257 23.64 1.28 0.24
CA LYS A 257 23.44 0.30 1.32
C LYS A 257 22.39 -0.77 1.01
N ARG A 258 21.47 -0.46 0.09
CA ARG A 258 20.42 -1.40 -0.27
C ARG A 258 20.67 -2.07 -1.61
N GLY A 259 21.88 -1.91 -2.13
CA GLY A 259 22.27 -2.56 -3.38
C GLY A 259 21.91 -1.76 -4.62
N GLY A 260 21.64 -0.47 -4.46
CA GLY A 260 21.42 0.42 -5.59
C GLY A 260 22.71 0.71 -6.34
N GLU A 261 22.62 1.43 -7.46
CA GLU A 261 23.76 1.53 -8.37
C GLU A 261 24.30 2.95 -8.56
N TRP A 262 23.44 3.91 -8.89
CA TRP A 262 23.87 5.31 -8.97
C TRP A 262 22.69 6.25 -9.04
N ILE A 263 23.00 7.54 -9.10
CA ILE A 263 22.01 8.58 -9.28
C ILE A 263 22.33 9.38 -10.55
N GLU A 264 21.31 9.55 -11.38
CA GLU A 264 21.48 10.05 -12.75
C GLU A 264 21.75 11.55 -12.87
N THR A 265 21.22 12.34 -11.93
CA THR A 265 21.31 13.79 -12.03
C THR A 265 21.84 14.42 -10.75
N ARG A 266 21.77 15.74 -10.67
CA ARG A 266 22.05 16.42 -9.42
C ARG A 266 20.83 17.24 -9.02
N LEU A 267 19.64 16.75 -9.31
CA LEU A 267 18.44 17.56 -9.15
C LEU A 267 17.92 17.57 -7.71
N LEU A 268 18.66 18.26 -6.85
CA LEU A 268 18.19 18.68 -5.53
C LEU A 268 18.62 20.13 -5.36
N ALA A 269 17.72 21.00 -4.92
CA ALA A 269 18.05 22.42 -4.80
C ALA A 269 17.24 23.07 -3.69
N SER A 270 17.80 24.11 -3.08
CA SER A 270 17.17 24.76 -1.92
C SER A 270 16.88 26.23 -2.18
N GLY A 271 15.77 26.71 -1.63
CA GLY A 271 15.43 28.10 -1.69
C GLY A 271 15.29 28.64 -3.10
N PRO A 272 15.87 29.82 -3.36
CA PRO A 272 15.80 30.52 -4.64
C PRO A 272 16.50 29.74 -5.76
N ARG A 273 17.31 28.75 -5.40
CA ARG A 273 17.96 27.90 -6.41
C ARG A 273 16.99 26.88 -7.00
N THR A 274 15.75 26.82 -6.51
CA THR A 274 14.73 25.94 -7.11
C THR A 274 14.05 26.61 -8.31
N ASN A 275 14.32 27.90 -8.53
CA ASN A 275 13.70 28.62 -9.64
C ASN A 275 14.73 29.54 -10.33
N PRO A 276 15.04 29.27 -11.61
CA PRO A 276 14.46 28.23 -12.47
C PRO A 276 14.90 26.83 -12.08
N TRP A 277 14.10 25.82 -12.43
CA TRP A 277 14.43 24.43 -12.13
C TRP A 277 15.62 24.00 -13.02
N PHE A 278 16.32 22.96 -12.56
CA PHE A 278 17.52 22.35 -13.19
C PHE A 278 18.85 22.95 -12.71
N GLN A 279 18.80 23.86 -11.74
CA GLN A 279 20.02 24.20 -11.02
C GLN A 279 20.41 22.97 -10.21
N GLU A 280 21.71 22.76 -10.04
CA GLU A 280 22.22 21.50 -9.53
C GLU A 280 22.55 21.53 -8.04
N CYS A 281 22.50 20.35 -7.43
CA CYS A 281 22.83 20.20 -6.02
C CYS A 281 24.28 20.60 -5.77
N GLY A 282 24.49 21.54 -4.85
CA GLY A 282 25.84 22.03 -4.59
C GLY A 282 26.19 22.41 -3.16
N PRO A 283 27.06 23.43 -2.99
CA PRO A 283 27.56 23.77 -1.67
C PRO A 283 26.62 24.68 -0.84
N ARG A 284 25.57 25.22 -1.44
CA ARG A 284 24.68 26.17 -0.76
C ARG A 284 24.29 25.73 0.65
N ILE A 285 24.46 26.64 1.60
CA ILE A 285 24.06 26.43 3.00
C ILE A 285 22.56 26.60 3.11
N THR A 286 21.88 25.57 3.57
CA THR A 286 20.41 25.62 3.59
C THR A 286 19.90 26.53 4.72
N GLN A 287 18.67 27.01 4.56
CA GLN A 287 18.09 27.99 5.49
C GLN A 287 16.74 27.54 6.05
N LYS A 288 16.46 27.89 7.31
CA LYS A 288 15.12 27.75 7.88
C LYS A 288 14.13 28.53 7.04
N ASN A 289 12.90 28.01 6.96
CA ASN A 289 11.82 28.66 6.23
C ASN A 289 12.12 28.82 4.75
N GLU A 290 12.55 27.73 4.14
CA GLU A 290 12.75 27.66 2.72
C GLU A 290 12.27 26.32 2.16
N ILE A 291 11.82 26.36 0.92
CA ILE A 291 11.56 25.17 0.11
C ILE A 291 12.84 24.37 -0.15
N ILE A 292 12.73 23.05 -0.14
CA ILE A 292 13.74 22.20 -0.77
C ILE A 292 13.05 21.23 -1.73
N ALA A 293 13.45 21.27 -3.00
CA ALA A 293 12.84 20.38 -4.00
C ALA A 293 13.87 19.44 -4.61
N PHE A 294 13.43 18.25 -4.99
CA PHE A 294 14.36 17.27 -5.52
C PHE A 294 13.68 16.22 -6.39
N ASP A 295 14.52 15.54 -7.14
CA ASP A 295 14.13 14.51 -8.06
C ASP A 295 15.07 13.36 -7.77
N THR A 296 14.56 12.17 -7.50
CA THR A 296 15.45 11.06 -7.12
C THR A 296 16.34 10.57 -8.27
N ASP A 297 15.76 10.44 -9.48
CA ASP A 297 16.53 10.02 -10.67
C ASP A 297 17.51 8.89 -10.32
N LEU A 298 16.97 7.87 -9.68
CA LEU A 298 17.81 6.93 -8.96
C LEU A 298 17.83 5.58 -9.63
N ILE A 299 19.03 5.06 -9.88
CA ILE A 299 19.13 3.69 -10.34
C ILE A 299 19.34 2.82 -9.12
N GLY A 300 18.30 2.09 -8.74
CA GLY A 300 18.26 1.46 -7.43
C GLY A 300 18.48 -0.03 -7.40
N SER A 301 17.87 -0.67 -6.42
CA SER A 301 18.03 -2.12 -6.23
C SER A 301 17.58 -2.90 -7.46
N TYR A 302 18.24 -4.01 -7.75
CA TYR A 302 18.03 -4.78 -8.98
C TYR A 302 18.24 -3.92 -10.23
N GLY A 303 18.86 -2.76 -10.07
CA GLY A 303 19.16 -1.90 -11.20
C GLY A 303 17.96 -1.18 -11.77
N ILE A 304 16.86 -1.17 -11.01
CA ILE A 304 15.63 -0.55 -11.47
C ILE A 304 15.58 0.94 -11.13
N CYS A 305 15.18 1.74 -12.11
CA CYS A 305 15.10 3.18 -11.92
C CYS A 305 13.84 3.57 -11.14
N VAL A 306 14.02 4.39 -10.13
CA VAL A 306 12.90 4.96 -9.40
C VAL A 306 13.04 6.45 -9.53
N ASP A 307 12.07 7.06 -10.21
CA ASP A 307 12.13 8.46 -10.56
C ASP A 307 10.94 9.21 -9.97
N ILE A 308 11.10 9.72 -8.76
CA ILE A 308 10.02 10.46 -8.12
C ILE A 308 10.52 11.81 -7.65
N SER A 309 9.61 12.75 -7.46
CA SER A 309 10.01 14.09 -7.04
C SER A 309 9.09 14.59 -5.93
N ARG A 310 9.69 15.23 -4.93
CA ARG A 310 8.94 15.82 -3.84
C ARG A 310 9.48 17.21 -3.54
N THR A 311 8.64 18.03 -2.93
CA THR A 311 9.03 19.36 -2.50
C THR A 311 8.71 19.51 -1.02
N TRP A 312 9.71 19.92 -0.24
CA TRP A 312 9.53 20.07 1.21
C TRP A 312 9.55 21.53 1.66
N TRP A 313 8.69 21.88 2.61
CA TRP A 313 8.86 23.12 3.35
C TRP A 313 9.46 22.81 4.72
N ILE A 314 10.60 23.40 5.02
CA ILE A 314 11.24 23.20 6.32
C ILE A 314 11.41 24.51 7.06
N GLY A 315 10.84 24.61 8.26
CA GLY A 315 10.90 25.83 9.04
C GLY A 315 9.84 25.94 10.13
N ASP A 316 9.94 27.02 10.91
CA ASP A 316 9.06 27.25 12.05
C ASP A 316 7.88 28.12 11.67
N GLN A 317 7.94 28.75 10.50
CA GLN A 317 6.85 29.55 10.01
C GLN A 317 6.02 28.73 9.03
N LYS A 318 4.86 29.26 8.65
CA LYS A 318 4.07 28.66 7.60
C LYS A 318 4.67 29.05 6.25
N PRO A 319 4.55 28.16 5.25
CA PRO A 319 4.94 28.52 3.89
C PRO A 319 4.05 29.66 3.40
N ARG A 320 4.50 30.45 2.42
CA ARG A 320 3.66 31.51 1.87
C ARG A 320 2.42 30.95 1.19
N PRO A 321 1.36 31.76 1.07
CA PRO A 321 0.16 31.25 0.38
C PRO A 321 0.40 30.92 -1.09
N ASP A 322 1.33 31.61 -1.75
CA ASP A 322 1.57 31.32 -3.16
C ASP A 322 2.28 29.98 -3.31
N MET A 323 3.05 29.59 -2.27
CA MET A 323 3.70 28.29 -2.25
C MET A 323 2.70 27.14 -2.10
N VAL A 324 1.69 27.37 -1.28
CA VAL A 324 0.65 26.38 -1.04
C VAL A 324 -0.18 26.22 -2.31
N TYR A 325 -0.53 27.32 -2.95
CA TYR A 325 -1.27 27.25 -4.20
C TYR A 325 -0.50 26.46 -5.28
N ALA A 326 0.78 26.81 -5.44
CA ALA A 326 1.64 26.16 -6.43
C ALA A 326 1.73 24.66 -6.18
N MET A 327 1.94 24.27 -4.92
CA MET A 327 1.98 22.87 -4.55
C MET A 327 0.67 22.14 -4.87
N GLN A 328 -0.44 22.79 -4.52
CA GLN A 328 -1.77 22.21 -4.77
C GLN A 328 -2.04 22.08 -6.26
N HIS A 329 -1.59 23.08 -7.00
CA HIS A 329 -1.73 23.09 -8.44
C HIS A 329 -0.91 21.97 -9.08
N ALA A 330 0.31 21.77 -8.61
CA ALA A 330 1.16 20.72 -9.15
C ALA A 330 0.58 19.34 -8.85
N HIS A 331 0.07 19.18 -7.62
CA HIS A 331 -0.50 17.92 -7.19
C HIS A 331 -1.73 17.60 -8.06
N GLU A 332 -2.54 18.62 -8.31
CA GLU A 332 -3.69 18.50 -9.21
C GLU A 332 -3.26 18.12 -10.63
N HIS A 333 -2.16 18.72 -11.10
CA HIS A 333 -1.59 18.42 -12.41
C HIS A 333 -1.27 16.93 -12.56
N ILE A 334 -0.47 16.37 -11.65
CA ILE A 334 -0.13 14.95 -11.83
C ILE A 334 -1.31 14.00 -11.56
N MET A 335 -2.23 14.34 -10.66
CA MET A 335 -3.34 13.43 -10.37
C MET A 335 -4.36 13.45 -11.53
N THR A 336 -4.53 14.59 -12.16
CA THR A 336 -5.40 14.68 -13.35
C THR A 336 -4.77 13.93 -14.52
N ASN A 337 -3.47 14.13 -14.75
CA ASN A 337 -2.84 13.54 -15.93
C ASN A 337 -2.71 12.03 -15.77
N MET A 338 -2.40 11.60 -14.56
CA MET A 338 -2.38 10.18 -14.20
C MET A 338 -3.72 9.46 -14.52
N GLU A 339 -4.82 10.14 -14.25
CA GLU A 339 -6.16 9.56 -14.42
C GLU A 339 -6.47 9.30 -15.91
N MET A 340 -5.72 9.92 -16.82
CA MET A 340 -5.88 9.62 -18.25
C MET A 340 -5.35 8.24 -18.64
N LEU A 341 -4.53 7.63 -17.77
CA LEU A 341 -3.78 6.43 -18.14
C LEU A 341 -4.59 5.13 -18.12
N LYS A 342 -4.61 4.43 -19.25
CA LYS A 342 -5.16 3.09 -19.33
C LYS A 342 -4.72 2.47 -20.67
N PRO A 343 -4.82 1.15 -20.81
CA PRO A 343 -4.40 0.58 -22.09
C PRO A 343 -5.23 1.11 -23.25
N GLY A 344 -4.62 1.26 -24.42
CA GLY A 344 -5.33 1.66 -25.62
C GLY A 344 -5.35 3.15 -25.88
N VAL A 345 -5.03 3.96 -24.88
CA VAL A 345 -4.99 5.40 -25.08
C VAL A 345 -3.78 5.75 -25.95
N MET A 346 -3.98 6.62 -26.93
CA MET A 346 -2.90 7.03 -27.82
C MET A 346 -2.08 8.12 -27.17
N ILE A 347 -0.76 7.98 -27.21
CA ILE A 347 0.14 8.91 -26.55
C ILE A 347 -0.14 10.37 -26.95
N PRO A 348 -0.36 10.66 -28.25
CA PRO A 348 -0.65 12.07 -28.55
C PRO A 348 -1.97 12.55 -27.96
N ASP A 349 -2.86 11.63 -27.59
CA ASP A 349 -4.10 12.05 -26.95
C ASP A 349 -3.85 12.45 -25.50
N LEU A 350 -2.84 11.86 -24.87
CA LEU A 350 -2.42 12.30 -23.56
C LEU A 350 -1.98 13.75 -23.65
N THR A 351 -1.16 14.04 -24.64
CA THR A 351 -0.69 15.39 -24.90
C THR A 351 -1.88 16.34 -25.08
N ALA A 352 -2.86 15.92 -25.89
CA ALA A 352 -3.95 16.82 -26.26
C ALA A 352 -4.96 17.07 -25.12
N ASN A 353 -5.04 16.17 -24.16
CA ASN A 353 -6.06 16.29 -23.12
C ASN A 353 -5.50 16.57 -21.74
N CYS A 354 -4.21 16.88 -21.67
CA CYS A 354 -3.56 17.01 -20.37
C CYS A 354 -4.10 18.21 -19.60
N HIS A 355 -4.01 18.12 -18.27
CA HIS A 355 -4.37 19.21 -17.39
C HIS A 355 -3.65 20.51 -17.79
N ARG A 356 -4.36 21.63 -17.71
CA ARG A 356 -3.86 22.96 -18.12
C ARG A 356 -3.26 23.76 -16.97
N LEU A 357 -1.95 23.91 -16.92
CA LEU A 357 -1.34 24.76 -15.89
C LEU A 357 -1.78 26.20 -16.11
N ASP A 358 -2.00 26.95 -15.03
CA ASP A 358 -2.23 28.40 -15.13
C ASP A 358 -1.17 29.08 -16.00
N ASP A 359 -1.58 30.15 -16.67
CA ASP A 359 -0.70 30.92 -17.55
C ASP A 359 0.65 31.25 -16.93
N LYS A 360 0.67 31.63 -15.66
CA LYS A 360 1.93 32.12 -15.08
C LYS A 360 2.92 30.99 -14.82
N PHE A 361 2.51 29.75 -15.08
CA PHE A 361 3.37 28.60 -14.86
C PHE A 361 3.77 27.96 -16.18
N GLN A 362 3.11 28.39 -17.25
CA GLN A 362 3.31 27.82 -18.58
C GLN A 362 4.75 27.97 -19.10
N ALA A 363 5.32 29.15 -18.92
CA ALA A 363 6.66 29.40 -19.47
C ALA A 363 7.72 28.42 -18.95
N GLN A 364 7.69 28.12 -17.66
CA GLN A 364 8.74 27.30 -17.07
C GLN A 364 8.33 25.85 -16.79
N LYS A 365 7.25 25.39 -17.43
CA LYS A 365 6.77 24.02 -17.22
C LYS A 365 7.79 22.99 -17.73
N TYR A 366 7.64 21.76 -17.29
CA TYR A 366 8.61 20.71 -17.50
C TYR A 366 8.74 20.36 -18.99
N GLY A 367 9.79 19.61 -19.34
CA GLY A 367 10.02 19.21 -20.72
C GLY A 367 9.07 18.13 -21.24
N CYS A 368 8.30 17.54 -20.33
CA CYS A 368 7.29 16.54 -20.66
C CYS A 368 6.30 16.49 -19.50
N LEU A 369 5.12 15.91 -19.73
CA LEU A 369 4.19 15.69 -18.64
C LEU A 369 4.28 14.24 -18.16
N MET A 370 4.84 13.37 -19.00
CA MET A 370 5.15 11.99 -18.63
C MET A 370 6.32 11.43 -19.42
N HIS A 371 6.98 10.41 -18.87
CA HIS A 371 7.97 9.65 -19.63
C HIS A 371 8.02 8.21 -19.12
N GLY A 372 8.48 7.29 -19.96
CA GLY A 372 8.67 5.91 -19.54
C GLY A 372 9.79 5.76 -18.53
N VAL A 373 9.80 4.64 -17.88
CA VAL A 373 10.81 4.29 -16.92
C VAL A 373 10.98 2.80 -16.76
N GLY A 374 12.22 2.39 -16.61
CA GLY A 374 12.60 1.03 -16.41
C GLY A 374 13.92 0.90 -15.71
N LEU A 375 14.96 0.70 -16.49
CA LEU A 375 16.31 0.63 -16.00
C LEU A 375 16.89 2.02 -15.94
N CYS A 376 16.15 2.97 -16.49
CA CYS A 376 16.43 4.40 -16.48
C CYS A 376 15.27 5.06 -17.20
N ASN A 377 15.36 6.35 -17.48
CA ASN A 377 14.31 7.01 -18.25
C ASN A 377 14.23 6.40 -19.65
N GLU A 378 13.01 6.15 -20.10
CA GLU A 378 12.76 5.36 -21.29
C GLU A 378 11.62 5.94 -22.10
N TRP A 379 11.60 5.62 -23.39
CA TRP A 379 10.44 5.83 -24.24
C TRP A 379 9.16 5.37 -23.54
N PRO A 380 8.05 6.10 -23.69
CA PRO A 380 7.85 7.28 -24.54
C PRO A 380 8.09 8.57 -23.80
N LEU A 381 8.20 9.65 -24.56
CA LEU A 381 8.23 10.98 -23.98
C LEU A 381 6.92 11.63 -24.39
N VAL A 382 6.17 12.11 -23.40
CA VAL A 382 4.86 12.68 -23.65
C VAL A 382 4.94 14.18 -23.48
N ALA A 383 5.02 14.91 -24.59
CA ALA A 383 5.27 16.35 -24.54
C ALA A 383 3.99 17.15 -24.27
N TYR A 384 4.15 18.34 -23.69
CA TYR A 384 3.04 19.30 -23.61
C TYR A 384 2.65 19.70 -25.04
N PRO A 385 1.40 20.14 -25.25
CA PRO A 385 0.96 20.41 -26.62
C PRO A 385 1.83 21.39 -27.41
N ASP A 386 2.41 22.39 -26.77
CA ASP A 386 3.20 23.40 -27.50
C ASP A 386 4.61 22.93 -27.86
N LYS A 387 4.96 21.70 -27.53
CA LYS A 387 6.28 21.16 -27.88
C LYS A 387 6.15 19.84 -28.60
N ALA A 388 4.95 19.27 -28.60
CA ALA A 388 4.75 17.96 -29.20
C ALA A 388 4.92 18.03 -30.72
N VAL A 389 5.55 17.00 -31.27
CA VAL A 389 5.82 16.90 -32.70
C VAL A 389 4.90 15.84 -33.31
N PRO A 390 4.10 16.21 -34.32
CA PRO A 390 3.21 15.22 -34.92
C PRO A 390 3.99 14.06 -35.53
N GLY A 391 3.46 12.84 -35.37
CA GLY A 391 4.11 11.66 -35.90
C GLY A 391 5.34 11.18 -35.15
N SER A 392 5.56 11.66 -33.94
CA SER A 392 6.75 11.23 -33.20
C SER A 392 6.47 10.01 -32.33
N TYR A 393 5.29 9.98 -31.68
CA TYR A 393 4.94 8.88 -30.77
C TYR A 393 3.51 8.38 -30.99
N ASP A 394 3.15 8.06 -32.24
CA ASP A 394 1.80 7.62 -32.53
C ASP A 394 1.59 6.16 -32.14
N TYR A 395 1.50 5.89 -30.84
CA TYR A 395 1.38 4.53 -30.34
C TYR A 395 0.45 4.51 -29.14
N PRO A 396 -0.17 3.35 -28.89
CA PRO A 396 -1.06 3.24 -27.73
C PRO A 396 -0.33 2.72 -26.51
N LEU A 397 -0.79 3.14 -25.32
CA LEU A 397 -0.34 2.52 -24.07
C LEU A 397 -0.78 1.08 -24.00
N GLU A 398 -0.02 0.28 -23.27
CA GLU A 398 -0.29 -1.14 -23.13
C GLU A 398 -0.02 -1.52 -21.67
N PRO A 399 -0.69 -2.57 -21.19
CA PRO A 399 -0.42 -3.04 -19.82
C PRO A 399 1.06 -3.39 -19.67
N GLY A 400 1.67 -3.01 -18.56
CA GLY A 400 3.06 -3.35 -18.32
C GLY A 400 4.00 -2.20 -18.58
N MET A 401 3.47 -1.15 -19.20
CA MET A 401 4.22 0.09 -19.31
C MET A 401 4.26 0.78 -17.96
N VAL A 402 5.34 1.49 -17.68
CA VAL A 402 5.45 2.28 -16.46
C VAL A 402 5.80 3.69 -16.86
N LEU A 403 5.00 4.65 -16.40
CA LEU A 403 5.19 6.05 -16.77
C LEU A 403 5.31 6.91 -15.53
N CYS A 404 6.30 7.79 -15.54
CA CYS A 404 6.41 8.81 -14.50
C CYS A 404 5.59 10.01 -14.90
N VAL A 405 4.83 10.55 -13.96
CA VAL A 405 3.94 11.66 -14.25
C VAL A 405 4.46 12.89 -13.52
N GLU A 406 4.73 13.95 -14.28
CA GLU A 406 5.55 15.09 -13.83
C GLU A 406 4.76 16.38 -13.60
N ALA A 407 5.21 17.19 -12.64
CA ALA A 407 4.78 18.59 -12.58
C ALA A 407 5.93 19.47 -12.10
N ALA A 408 6.21 20.52 -12.87
CA ALA A 408 7.13 21.58 -12.47
C ALA A 408 6.35 22.88 -12.51
N VAL A 409 6.26 23.55 -11.38
CA VAL A 409 5.37 24.70 -11.22
C VAL A 409 6.11 25.86 -10.56
N GLY A 410 6.27 26.95 -11.30
CA GLY A 410 7.01 28.11 -10.82
C GLY A 410 6.85 29.24 -11.81
N GLU A 411 6.98 30.47 -11.34
CA GLU A 411 6.78 31.64 -12.19
C GLU A 411 8.11 32.19 -12.71
N VAL A 412 8.06 32.87 -13.84
CA VAL A 412 9.25 33.51 -14.39
C VAL A 412 9.72 34.56 -13.39
N GLY A 413 10.96 34.41 -12.93
CA GLY A 413 11.53 35.37 -12.00
C GLY A 413 11.18 35.10 -10.55
N GLY A 414 10.39 34.05 -10.31
CA GLY A 414 9.95 33.73 -8.97
C GLY A 414 11.07 33.20 -8.11
N ASP A 415 10.83 33.11 -6.81
CA ASP A 415 11.89 32.71 -5.88
C ASP A 415 11.73 31.28 -5.39
N PHE A 416 10.84 30.50 -6.00
CA PHE A 416 10.71 29.08 -5.69
C PHE A 416 10.02 28.34 -6.84
N SER A 417 10.20 27.02 -6.89
CA SER A 417 9.41 26.18 -7.76
C SER A 417 8.96 24.98 -6.97
N ILE A 418 7.88 24.35 -7.43
CA ILE A 418 7.46 23.04 -6.96
C ILE A 418 7.83 22.00 -8.00
N LYS A 419 8.38 20.87 -7.57
CA LYS A 419 8.54 19.72 -8.43
C LYS A 419 7.87 18.51 -7.77
N LEU A 420 6.87 17.94 -8.44
CA LEU A 420 6.28 16.67 -7.98
C LEU A 420 6.32 15.65 -9.11
N GLU A 421 6.43 14.38 -8.75
CA GLU A 421 6.46 13.33 -9.73
C GLU A 421 6.18 11.97 -9.08
N ASP A 422 5.23 11.22 -9.65
CA ASP A 422 4.97 9.84 -9.23
C ASP A 422 5.25 8.84 -10.36
N GLN A 423 5.49 7.58 -9.97
CA GLN A 423 5.84 6.52 -10.90
C GLN A 423 4.65 5.55 -11.03
N VAL A 424 4.09 5.42 -12.23
CA VAL A 424 2.79 4.78 -12.42
C VAL A 424 2.80 3.59 -13.40
N LEU A 425 2.30 2.45 -12.92
CA LEU A 425 2.14 1.26 -13.73
C LEU A 425 0.81 1.22 -14.53
N ILE A 426 0.89 0.91 -15.83
CA ILE A 426 -0.31 0.62 -16.61
C ILE A 426 -0.73 -0.83 -16.39
N THR A 427 -1.98 -1.03 -15.98
CA THR A 427 -2.49 -2.37 -15.67
C THR A 427 -3.43 -2.82 -16.78
N GLU A 428 -4.07 -3.99 -16.63
CA GLU A 428 -4.96 -4.52 -17.66
C GLU A 428 -6.13 -3.60 -18.01
N ASP A 429 -6.59 -2.81 -17.05
CA ASP A 429 -7.78 -1.98 -17.29
C ASP A 429 -7.68 -0.58 -16.71
N GLY A 430 -6.46 -0.15 -16.41
CA GLY A 430 -6.26 1.21 -15.93
C GLY A 430 -4.83 1.42 -15.49
N TYR A 431 -4.67 1.96 -14.29
CA TYR A 431 -3.34 2.26 -13.77
C TYR A 431 -3.25 2.01 -12.28
N GLU A 432 -2.03 1.82 -11.82
CA GLU A 432 -1.74 1.76 -10.41
C GLU A 432 -0.56 2.70 -10.11
N ASN A 433 -0.79 3.69 -9.26
CA ASN A 433 0.30 4.52 -8.78
C ASN A 433 1.19 3.72 -7.85
N LEU A 434 2.44 3.50 -8.26
CA LEU A 434 3.38 2.74 -7.43
C LEU A 434 3.95 3.58 -6.28
N THR A 435 3.90 4.89 -6.43
CA THR A 435 4.55 5.79 -5.47
C THR A 435 3.64 6.07 -4.29
N THR A 436 4.14 5.80 -3.09
CA THR A 436 3.38 6.03 -1.87
C THR A 436 3.99 7.12 -0.99
N TYR A 437 5.11 7.72 -1.40
CA TYR A 437 5.78 8.71 -0.55
C TYR A 437 4.84 9.88 -0.29
N PRO A 438 4.77 10.35 0.97
CA PRO A 438 3.84 11.43 1.34
C PRO A 438 4.09 12.73 0.58
N PHE A 439 3.07 13.58 0.52
CA PHE A 439 3.25 14.97 0.09
C PHE A 439 3.28 15.89 1.32
N ASP A 440 4.24 16.82 1.36
CA ASP A 440 4.40 17.80 2.45
C ASP A 440 3.06 18.41 2.86
N ALA A 441 2.65 18.18 4.11
CA ALA A 441 1.30 18.54 4.55
C ALA A 441 1.13 20.04 4.65
N ALA A 442 2.20 20.76 4.96
CA ALA A 442 2.11 22.21 5.07
C ALA A 442 1.95 22.82 3.68
N LEU A 443 2.73 22.33 2.73
CA LEU A 443 2.64 22.84 1.37
C LEU A 443 1.32 22.45 0.72
N MET A 444 0.77 21.30 1.11
CA MET A 444 -0.52 20.84 0.57
C MET A 444 -1.69 21.64 1.17
N GLY A 445 -1.39 22.41 2.21
CA GLY A 445 -2.42 23.20 2.90
C GLY A 445 -3.30 22.36 3.82
N LEU A 446 -2.80 21.20 4.24
CA LEU A 446 -3.54 20.30 5.13
C LEU A 446 -3.13 20.49 6.58
N ALA A 447 -1.90 20.95 6.79
CA ALA A 447 -1.42 21.34 8.11
C ALA A 447 -1.05 22.82 8.10
N ARG B 9 -8.97 -34.05 6.93
CA ARG B 9 -8.27 -33.44 8.07
C ARG B 9 -7.87 -31.99 7.82
N LYS B 10 -6.73 -31.77 7.16
CA LYS B 10 -6.23 -30.41 6.93
C LYS B 10 -7.16 -29.62 6.04
N ILE B 11 -7.38 -28.35 6.36
CA ILE B 11 -8.18 -27.50 5.48
C ILE B 11 -7.27 -26.84 4.45
N ASP B 12 -6.01 -26.64 4.83
CA ASP B 12 -5.00 -26.11 3.90
C ASP B 12 -3.91 -27.15 3.75
N PRO B 13 -3.89 -27.85 2.60
CA PRO B 13 -3.00 -28.98 2.34
C PRO B 13 -1.53 -28.58 2.24
N SER B 14 -1.29 -27.30 2.02
CA SER B 14 0.07 -26.79 1.86
C SER B 14 0.74 -26.44 3.18
N ARG B 15 0.04 -26.58 4.30
CA ARG B 15 0.62 -26.20 5.58
C ARG B 15 0.69 -27.38 6.52
N GLY B 16 1.44 -27.21 7.61
CA GLY B 16 1.56 -28.23 8.63
C GLY B 16 0.37 -28.26 9.58
N ALA B 17 0.67 -28.40 10.87
CA ALA B 17 -0.35 -28.59 11.89
C ALA B 17 -1.19 -27.33 12.15
N THR B 18 -0.64 -26.16 11.83
CA THR B 18 -1.31 -24.90 12.12
C THR B 18 -1.46 -24.03 10.87
N LEU B 19 -2.50 -23.21 10.85
CA LEU B 19 -2.65 -22.17 9.83
C LEU B 19 -1.73 -21.00 10.17
N GLY B 20 -1.67 -20.02 9.28
CA GLY B 20 -0.74 -18.91 9.45
C GLY B 20 -0.99 -18.08 10.69
N ASP B 21 -2.20 -18.16 11.25
CA ASP B 21 -2.54 -17.38 12.43
C ASP B 21 -2.38 -18.22 13.68
N GLY B 22 -1.79 -19.41 13.53
CA GLY B 22 -1.52 -20.30 14.63
C GLY B 22 -2.68 -21.20 15.05
N THR B 23 -3.84 -21.05 14.41
CA THR B 23 -5.00 -21.89 14.71
C THR B 23 -4.86 -23.27 14.06
N PRO B 24 -5.59 -24.29 14.56
CA PRO B 24 -5.41 -25.64 14.03
C PRO B 24 -5.78 -25.80 12.55
N ASN B 25 -4.89 -26.48 11.82
CA ASN B 25 -5.14 -26.79 10.43
C ASN B 25 -6.03 -28.02 10.34
N ASP B 26 -7.30 -27.82 10.68
CA ASP B 26 -8.26 -28.91 10.83
C ASP B 26 -9.60 -28.49 10.21
N ASN B 27 -9.94 -29.09 9.08
CA ASN B 27 -11.18 -28.81 8.38
C ASN B 27 -12.43 -29.04 9.23
N ASP B 28 -12.31 -29.88 10.27
CA ASP B 28 -13.47 -30.27 11.04
C ASP B 28 -13.55 -29.59 12.41
N ARG B 29 -12.65 -28.63 12.67
CA ARG B 29 -12.57 -28.01 13.99
C ARG B 29 -13.82 -27.20 14.34
N ILE B 30 -14.04 -26.99 15.63
CA ILE B 30 -15.17 -26.18 16.08
C ILE B 30 -14.97 -24.72 15.67
N GLU B 31 -13.81 -24.15 16.00
CA GLU B 31 -13.51 -22.74 15.77
C GLU B 31 -13.69 -22.35 14.32
N ILE B 32 -14.30 -21.19 14.09
CA ILE B 32 -14.43 -20.66 12.74
C ILE B 32 -13.35 -19.58 12.53
N GLY B 33 -13.51 -18.74 11.51
CA GLY B 33 -12.50 -17.74 11.19
C GLY B 33 -12.49 -17.46 9.69
N PRO B 34 -11.44 -16.76 9.22
CA PRO B 34 -11.40 -16.44 7.78
C PRO B 34 -11.41 -17.69 6.93
N THR B 35 -12.00 -17.58 5.75
CA THR B 35 -12.07 -18.71 4.84
C THR B 35 -10.78 -18.84 4.04
N GLN B 36 -10.63 -19.97 3.35
CA GLN B 36 -9.49 -20.19 2.48
C GLN B 36 -9.42 -19.10 1.41
N LEU B 37 -10.58 -18.66 0.94
CA LEU B 37 -10.66 -17.54 0.01
C LEU B 37 -9.95 -16.28 0.55
N ALA B 38 -10.31 -15.87 1.77
CA ALA B 38 -9.68 -14.71 2.40
C ALA B 38 -8.17 -14.93 2.58
N PHE B 39 -7.78 -16.05 3.18
CA PHE B 39 -6.36 -16.35 3.42
C PHE B 39 -5.53 -16.27 2.13
N SER B 40 -6.15 -16.73 1.06
CA SER B 40 -5.51 -16.78 -0.25
C SER B 40 -5.25 -15.37 -0.77
N GLU B 41 -6.26 -14.52 -0.65
CA GLU B 41 -6.14 -13.13 -1.09
C GLU B 41 -5.13 -12.37 -0.23
N TRP B 42 -5.08 -12.68 1.06
CA TRP B 42 -4.17 -11.95 1.94
C TRP B 42 -2.72 -12.36 1.66
N ALA B 43 -2.50 -13.65 1.48
CA ALA B 43 -1.17 -14.16 1.12
C ALA B 43 -0.69 -13.51 -0.17
N ALA B 44 -1.55 -13.48 -1.18
CA ALA B 44 -1.23 -12.84 -2.45
C ALA B 44 -0.90 -11.37 -2.25
N ALA B 45 -1.49 -10.73 -1.26
CA ALA B 45 -1.24 -9.32 -1.04
C ALA B 45 -0.07 -9.06 -0.08
N GLY B 46 0.58 -10.11 0.40
CA GLY B 46 1.69 -9.96 1.32
C GLY B 46 1.34 -9.45 2.71
N LEU B 47 0.10 -9.70 3.15
CA LEU B 47 -0.29 -9.31 4.50
C LEU B 47 0.24 -10.31 5.52
N GLN B 48 0.78 -9.81 6.62
CA GLN B 48 1.16 -10.69 7.73
C GLN B 48 -0.11 -11.02 8.54
N LEU B 49 -0.28 -12.29 8.90
CA LEU B 49 -1.44 -12.72 9.68
C LEU B 49 -1.21 -12.51 11.17
N PRO B 50 -2.27 -12.16 11.91
CA PRO B 50 -2.15 -12.06 13.36
C PRO B 50 -1.92 -13.41 14.01
N ASN B 51 -1.21 -13.46 15.13
CA ASN B 51 -1.20 -14.67 15.94
C ASN B 51 -2.34 -14.60 16.95
N LEU B 52 -3.36 -15.43 16.77
CA LEU B 52 -4.57 -15.29 17.57
C LEU B 52 -4.32 -15.52 19.07
N ASP B 53 -3.47 -16.47 19.43
CA ASP B 53 -3.18 -16.70 20.85
C ASP B 53 -2.58 -15.44 21.51
N ARG B 54 -1.63 -14.79 20.83
CA ARG B 54 -1.00 -13.59 21.39
C ARG B 54 -1.98 -12.43 21.43
N MET B 55 -2.86 -12.39 20.43
CA MET B 55 -3.94 -11.41 20.42
C MET B 55 -4.86 -11.58 21.62
N ARG B 56 -5.35 -12.80 21.84
CA ARG B 56 -6.24 -13.07 22.96
C ARG B 56 -5.59 -12.79 24.30
N GLU B 57 -4.29 -13.07 24.40
CA GLU B 57 -3.56 -12.80 25.64
C GLU B 57 -3.43 -11.31 25.88
N TYR B 58 -3.13 -10.58 24.81
CA TYR B 58 -2.96 -9.13 24.89
C TYR B 58 -4.23 -8.45 25.43
N ARG B 59 -5.36 -8.80 24.84
CA ARG B 59 -6.63 -8.22 25.22
C ARG B 59 -6.95 -8.53 26.68
N TRP B 60 -6.80 -9.80 27.04
CA TRP B 60 -7.12 -10.26 28.38
C TRP B 60 -6.26 -9.55 29.41
N LYS B 61 -4.94 -9.51 29.15
CA LYS B 61 -4.01 -8.86 30.06
C LYS B 61 -4.36 -7.40 30.23
N ARG B 62 -4.67 -6.74 29.12
CA ARG B 62 -5.02 -5.33 29.15
C ARG B 62 -6.35 -5.08 29.87
N LEU B 63 -7.34 -5.94 29.65
CA LEU B 63 -8.63 -5.75 30.31
C LEU B 63 -8.50 -5.96 31.84
N THR B 64 -7.73 -6.96 32.23
CA THR B 64 -7.45 -7.18 33.66
C THR B 64 -6.78 -5.95 34.27
N GLN B 65 -5.77 -5.41 33.59
CA GLN B 65 -5.02 -4.26 34.11
C GLN B 65 -5.93 -3.05 34.33
N ALA B 66 -6.89 -2.89 33.43
CA ALA B 66 -7.87 -1.81 33.51
C ALA B 66 -8.73 -1.93 34.77
N ILE B 67 -9.14 -3.15 35.10
CA ILE B 67 -9.88 -3.41 36.34
C ILE B 67 -9.00 -3.07 37.57
N VAL B 68 -7.77 -3.57 37.56
CA VAL B 68 -6.81 -3.27 38.62
C VAL B 68 -6.58 -1.76 38.78
N ASP B 69 -6.35 -1.03 37.68
CA ASP B 69 -6.05 0.40 37.75
C ASP B 69 -7.17 1.24 38.38
N ARG B 70 -8.41 0.82 38.21
CA ARG B 70 -9.55 1.51 38.78
C ARG B 70 -9.84 1.10 40.23
N GLY B 71 -9.10 0.13 40.75
CA GLY B 71 -9.37 -0.38 42.09
C GLY B 71 -10.68 -1.15 42.20
N TYR B 72 -11.11 -1.74 41.09
CA TYR B 72 -12.31 -2.58 41.09
C TYR B 72 -11.92 -4.03 41.39
N GLY B 73 -12.90 -4.84 41.76
CA GLY B 73 -12.64 -6.26 41.95
C GLY B 73 -12.88 -7.09 40.71
N GLY B 74 -13.70 -6.58 39.81
CA GLY B 74 -14.04 -7.36 38.63
C GLY B 74 -14.88 -6.62 37.62
N LEU B 75 -15.02 -7.24 36.45
CA LEU B 75 -15.81 -6.67 35.36
C LEU B 75 -16.73 -7.76 34.85
N LEU B 76 -18.03 -7.45 34.83
CA LEU B 76 -19.04 -8.39 34.36
C LEU B 76 -19.67 -7.87 33.08
N MET B 77 -19.59 -8.66 32.02
CA MET B 77 -19.97 -8.20 30.69
C MET B 77 -21.14 -8.98 30.07
N PHE B 78 -22.18 -8.27 29.63
CA PHE B 78 -23.28 -8.88 28.90
C PHE B 78 -23.36 -8.47 27.41
N ASP B 79 -22.65 -7.41 27.04
CA ASP B 79 -22.64 -6.94 25.65
C ASP B 79 -21.79 -7.92 24.85
N PRO B 80 -22.37 -8.52 23.79
CA PRO B 80 -21.62 -9.55 23.03
C PRO B 80 -20.34 -9.03 22.41
N LEU B 81 -20.23 -7.71 22.24
CA LEU B 81 -19.00 -7.16 21.68
C LEU B 81 -17.89 -7.13 22.76
N ASN B 82 -18.26 -6.87 24.00
CA ASN B 82 -17.32 -6.95 25.11
C ASN B 82 -16.90 -8.38 25.42
N ILE B 83 -17.85 -9.30 25.35
CA ILE B 83 -17.56 -10.71 25.51
C ILE B 83 -16.60 -11.17 24.41
N ARG B 84 -16.81 -10.67 23.19
CA ARG B 84 -15.91 -10.96 22.07
C ARG B 84 -14.50 -10.44 22.34
N TYR B 85 -14.40 -9.22 22.87
CA TYR B 85 -13.08 -8.68 23.17
C TYR B 85 -12.39 -9.53 24.24
N ALA B 86 -13.15 -9.92 25.27
CA ALA B 86 -12.55 -10.61 26.40
C ALA B 86 -12.13 -12.05 26.08
N THR B 87 -12.91 -12.72 25.23
CA THR B 87 -12.73 -14.15 25.03
C THR B 87 -12.43 -14.54 23.60
N ASP B 88 -12.73 -13.62 22.67
CA ASP B 88 -12.69 -13.89 21.22
C ASP B 88 -13.64 -15.03 20.83
N SER B 89 -14.62 -15.29 21.69
CA SER B 89 -15.60 -16.34 21.41
C SER B 89 -16.94 -15.76 20.98
N THR B 90 -17.42 -16.21 19.83
CA THR B 90 -18.74 -15.82 19.35
C THR B 90 -19.77 -16.91 19.66
N ASN B 91 -21.03 -16.51 19.77
CA ASN B 91 -22.13 -17.43 19.89
C ASN B 91 -23.41 -16.70 19.57
N MET B 92 -23.89 -16.83 18.34
CA MET B 92 -25.11 -16.16 17.91
C MET B 92 -25.06 -14.67 18.23
N GLN B 93 -23.96 -14.02 17.86
CA GLN B 93 -23.72 -12.61 18.18
C GLN B 93 -24.93 -11.70 18.02
N LEU B 94 -25.60 -11.78 16.86
CA LEU B 94 -26.67 -10.85 16.60
C LEU B 94 -27.89 -11.16 17.49
N TRP B 95 -28.20 -12.44 17.69
CA TRP B 95 -29.24 -12.79 18.65
C TRP B 95 -28.82 -12.30 20.05
N ASN B 96 -27.53 -12.46 20.36
CA ASN B 96 -27.02 -12.07 21.69
C ASN B 96 -27.20 -10.58 21.96
N THR B 97 -27.15 -9.76 20.92
CA THR B 97 -27.20 -8.30 21.12
C THR B 97 -28.51 -7.83 21.76
N HIS B 98 -29.62 -8.50 21.47
CA HIS B 98 -30.88 -8.10 22.08
C HIS B 98 -31.49 -9.24 22.89
N ASN B 99 -30.71 -10.29 23.14
CA ASN B 99 -31.13 -11.34 24.06
C ASN B 99 -29.99 -11.65 25.02
N PRO B 100 -30.01 -11.05 26.22
CA PRO B 100 -28.82 -11.17 27.08
C PRO B 100 -28.68 -12.55 27.72
N PHE B 101 -28.30 -13.56 26.93
CA PHE B 101 -28.24 -14.91 27.45
C PHE B 101 -26.86 -15.26 27.98
N ARG B 102 -25.89 -14.38 27.71
CA ARG B 102 -24.47 -14.68 27.88
C ARG B 102 -23.79 -13.73 28.86
N ALA B 103 -22.81 -14.21 29.62
CA ALA B 103 -22.07 -13.30 30.50
C ALA B 103 -20.63 -13.74 30.69
N VAL B 104 -19.73 -12.76 30.80
CA VAL B 104 -18.36 -13.03 31.18
C VAL B 104 -17.94 -12.23 32.42
N LEU B 105 -17.46 -12.94 33.43
CA LEU B 105 -16.83 -12.31 34.57
C LEU B 105 -15.32 -12.40 34.46
N LEU B 106 -14.66 -11.25 34.60
CA LEU B 106 -13.21 -11.18 34.65
C LEU B 106 -12.82 -10.55 35.99
N CYS B 107 -12.11 -11.30 36.83
CA CYS B 107 -11.75 -10.81 38.15
C CYS B 107 -10.41 -10.10 38.12
N ALA B 108 -10.13 -9.33 39.17
CA ALA B 108 -8.90 -8.54 39.26
C ALA B 108 -7.62 -9.37 39.19
N ASP B 109 -7.71 -10.66 39.55
CA ASP B 109 -6.54 -11.55 39.47
C ASP B 109 -6.45 -12.22 38.09
N GLY B 110 -7.31 -11.76 37.17
CA GLY B 110 -7.33 -12.30 35.81
C GLY B 110 -8.20 -13.53 35.59
N TYR B 111 -8.78 -14.05 36.67
CA TYR B 111 -9.62 -15.24 36.55
C TYR B 111 -10.89 -14.89 35.73
N MET B 112 -11.19 -15.72 34.75
CA MET B 112 -12.27 -15.41 33.81
C MET B 112 -13.23 -16.57 33.66
N VAL B 113 -14.53 -16.28 33.82
CA VAL B 113 -15.57 -17.29 33.73
C VAL B 113 -16.62 -16.85 32.71
N ILE B 114 -17.07 -17.77 31.85
CA ILE B 114 -18.19 -17.47 30.96
C ILE B 114 -19.43 -18.28 31.37
N TRP B 115 -20.59 -17.62 31.37
CA TRP B 115 -21.89 -18.28 31.40
C TRP B 115 -22.44 -18.25 29.99
N ASP B 116 -22.46 -19.42 29.36
CA ASP B 116 -22.84 -19.48 27.96
C ASP B 116 -24.23 -20.07 27.85
N TYR B 117 -24.73 -20.13 26.63
CA TYR B 117 -25.95 -20.88 26.32
C TYR B 117 -25.83 -22.29 26.89
N LYS B 118 -26.92 -22.77 27.49
CA LYS B 118 -26.91 -24.09 28.16
C LYS B 118 -26.38 -25.22 27.26
N ASN B 119 -26.89 -25.27 26.04
CA ASN B 119 -26.52 -26.31 25.08
C ASN B 119 -25.16 -26.15 24.39
N SER B 120 -24.47 -25.02 24.58
CA SER B 120 -23.23 -24.81 23.82
C SER B 120 -22.03 -24.36 24.65
N PRO B 121 -21.65 -25.14 25.68
CA PRO B 121 -20.52 -24.71 26.51
C PRO B 121 -19.16 -24.86 25.80
N PHE B 122 -19.12 -25.60 24.69
CA PHE B 122 -17.85 -25.89 24.01
C PHE B 122 -17.35 -24.73 23.16
N LEU B 123 -18.15 -23.70 22.99
CA LEU B 123 -17.85 -22.67 21.99
C LEU B 123 -16.69 -21.75 22.40
N SER B 124 -16.34 -21.71 23.68
CA SER B 124 -15.20 -20.87 24.09
C SER B 124 -14.03 -21.71 24.59
N LYS B 125 -14.14 -23.02 24.46
CA LYS B 125 -13.10 -23.91 24.98
C LYS B 125 -11.74 -23.76 24.30
N PHE B 126 -11.70 -23.24 23.08
CA PHE B 126 -10.44 -23.00 22.38
C PHE B 126 -9.57 -21.94 23.08
N ASN B 127 -10.17 -21.13 23.95
CA ASN B 127 -9.42 -20.11 24.69
C ASN B 127 -9.22 -20.55 26.15
N PRO B 128 -8.00 -21.00 26.48
CA PRO B 128 -7.72 -21.48 27.83
C PRO B 128 -7.81 -20.37 28.89
N LEU B 129 -7.75 -19.11 28.48
CA LEU B 129 -7.94 -18.01 29.42
C LEU B 129 -9.37 -18.01 30.00
N VAL B 130 -10.32 -18.58 29.28
CA VAL B 130 -11.63 -18.78 29.86
C VAL B 130 -11.54 -20.00 30.76
N ARG B 131 -11.58 -19.79 32.07
CA ARG B 131 -11.25 -20.87 33.01
C ARG B 131 -12.43 -21.82 33.27
N GLU B 132 -13.66 -21.31 33.15
CA GLU B 132 -14.85 -22.13 33.35
C GLU B 132 -15.95 -21.80 32.35
N GLN B 133 -16.69 -22.82 31.93
CA GLN B 133 -17.88 -22.66 31.11
C GLN B 133 -19.11 -23.05 31.93
N ARG B 134 -19.91 -22.06 32.34
CA ARG B 134 -21.13 -22.29 33.09
C ARG B 134 -22.37 -21.97 32.24
N SER B 135 -23.52 -21.89 32.91
CA SER B 135 -24.77 -21.50 32.25
C SER B 135 -25.67 -20.85 33.28
N GLY B 136 -26.77 -20.23 32.83
CA GLY B 136 -27.71 -19.60 33.74
C GLY B 136 -27.57 -18.11 33.98
N ALA B 137 -26.99 -17.38 33.03
CA ALA B 137 -26.93 -15.92 33.14
C ALA B 137 -27.99 -15.25 32.28
N ASP B 138 -28.88 -16.05 31.71
CA ASP B 138 -29.94 -15.55 30.83
C ASP B 138 -31.17 -15.04 31.59
N LEU B 139 -31.19 -13.73 31.87
CA LEU B 139 -32.17 -13.13 32.77
C LEU B 139 -33.15 -12.20 32.05
N PHE B 140 -33.95 -12.78 31.17
CA PHE B 140 -34.93 -12.01 30.43
C PHE B 140 -36.16 -12.86 30.19
N TYR B 141 -37.26 -12.19 29.86
CA TYR B 141 -38.59 -12.78 29.98
C TYR B 141 -38.82 -13.92 28.98
N PHE B 142 -38.29 -13.78 27.77
CA PHE B 142 -38.45 -14.85 26.79
C PHE B 142 -37.87 -16.17 27.31
N ASP B 143 -36.69 -16.12 27.91
CA ASP B 143 -36.00 -17.32 28.35
C ASP B 143 -36.49 -17.90 29.68
N ARG B 144 -37.09 -17.09 30.54
CA ARG B 144 -37.45 -17.60 31.87
C ARG B 144 -38.82 -17.21 32.38
N GLY B 145 -39.54 -16.40 31.61
CA GLY B 145 -40.89 -16.05 31.96
C GLY B 145 -41.00 -15.38 33.31
N ASP B 146 -41.91 -15.88 34.15
CA ASP B 146 -42.17 -15.31 35.47
C ASP B 146 -41.18 -15.80 36.53
N LYS B 147 -40.16 -16.51 36.12
CA LYS B 147 -39.17 -17.00 37.05
C LYS B 147 -37.76 -16.51 36.69
N VAL B 148 -37.65 -15.30 36.15
CA VAL B 148 -36.33 -14.65 36.01
C VAL B 148 -35.68 -14.45 37.38
N ASP B 149 -36.47 -13.94 38.32
CA ASP B 149 -35.94 -13.51 39.63
C ASP B 149 -35.22 -14.64 40.36
N VAL B 150 -35.79 -15.84 40.35
CA VAL B 150 -35.16 -16.96 41.02
C VAL B 150 -33.76 -17.24 40.50
N GLN B 151 -33.60 -17.26 39.18
CA GLN B 151 -32.30 -17.53 38.59
C GLN B 151 -31.36 -16.33 38.77
N ALA B 152 -31.90 -15.11 38.80
CA ALA B 152 -31.08 -13.94 39.01
C ALA B 152 -30.33 -14.05 40.34
N ASP B 153 -31.00 -14.57 41.36
CA ASP B 153 -30.33 -14.77 42.65
C ASP B 153 -29.30 -15.90 42.59
N VAL B 154 -29.61 -16.97 41.85
CA VAL B 154 -28.62 -18.03 41.68
C VAL B 154 -27.35 -17.47 41.05
N PHE B 155 -27.54 -16.74 39.95
CA PHE B 155 -26.43 -16.15 39.22
C PHE B 155 -25.61 -15.18 40.09
N ALA B 156 -26.29 -14.30 40.83
CA ALA B 156 -25.60 -13.30 41.64
C ALA B 156 -24.84 -13.94 42.79
N ASN B 157 -25.42 -14.99 43.38
CA ASN B 157 -24.68 -15.73 44.39
C ASN B 157 -23.43 -16.34 43.81
N GLU B 158 -23.53 -16.87 42.59
CA GLU B 158 -22.33 -17.40 41.93
C GLU B 158 -21.27 -16.33 41.75
N VAL B 159 -21.71 -15.12 41.39
CA VAL B 159 -20.76 -14.03 41.15
C VAL B 159 -20.12 -13.62 42.48
N ARG B 160 -20.92 -13.55 43.53
CA ARG B 160 -20.40 -13.28 44.87
C ARG B 160 -19.29 -14.25 45.25
N VAL B 161 -19.56 -15.55 45.14
CA VAL B 161 -18.58 -16.55 45.53
C VAL B 161 -17.28 -16.43 44.72
N LEU B 162 -17.40 -16.29 43.39
CA LEU B 162 -16.23 -16.11 42.53
C LEU B 162 -15.42 -14.88 42.95
N MET B 163 -16.11 -13.79 43.28
CA MET B 163 -15.47 -12.55 43.70
C MET B 163 -14.83 -12.67 45.09
N GLN B 164 -15.45 -13.45 45.98
CA GLN B 164 -14.86 -13.73 47.29
C GLN B 164 -13.55 -14.47 47.14
N ASP B 165 -13.54 -15.45 46.23
CA ASP B 165 -12.35 -16.26 46.00
C ASP B 165 -11.26 -15.56 45.18
N HIS B 166 -11.66 -14.71 44.23
CA HIS B 166 -10.68 -14.17 43.28
C HIS B 166 -10.43 -12.66 43.36
N ALA B 167 -11.27 -11.94 44.08
CA ALA B 167 -11.04 -10.53 44.37
C ALA B 167 -11.47 -10.20 45.81
N PRO B 168 -10.92 -10.92 46.80
CA PRO B 168 -11.37 -10.72 48.18
C PRO B 168 -11.14 -9.28 48.67
N GLY B 169 -12.09 -8.77 49.44
CA GLY B 169 -12.01 -7.40 49.92
C GLY B 169 -12.65 -6.38 48.98
N HIS B 170 -12.87 -6.77 47.73
CA HIS B 170 -13.44 -5.84 46.74
C HIS B 170 -14.96 -5.89 46.74
N THR B 171 -15.59 -4.72 46.85
CA THR B 171 -17.03 -4.65 46.67
C THR B 171 -17.43 -4.01 45.35
N ARG B 172 -16.52 -3.34 44.66
CA ARG B 172 -16.87 -2.69 43.39
C ARG B 172 -16.76 -3.64 42.21
N LEU B 173 -17.91 -3.81 41.54
CA LEU B 173 -18.04 -4.66 40.38
C LEU B 173 -18.50 -3.79 39.21
N ALA B 174 -17.68 -3.72 38.16
CA ALA B 174 -18.08 -2.98 36.96
C ALA B 174 -18.99 -3.86 36.11
N VAL B 175 -20.06 -3.28 35.57
CA VAL B 175 -21.00 -4.01 34.71
C VAL B 175 -21.30 -3.17 33.48
N ASP B 176 -21.19 -3.75 32.28
CA ASP B 176 -21.42 -2.92 31.09
C ASP B 176 -22.91 -2.60 30.95
N LYS B 177 -23.75 -3.63 30.96
CA LYS B 177 -25.21 -3.45 30.83
C LYS B 177 -25.90 -4.73 31.30
N ILE B 178 -26.89 -4.60 32.17
CA ILE B 178 -27.51 -5.78 32.74
C ILE B 178 -29.00 -5.54 32.97
N MET B 179 -29.81 -6.57 32.73
CA MET B 179 -31.25 -6.49 33.00
C MET B 179 -31.50 -6.13 34.46
N LEU B 180 -32.57 -5.37 34.70
CA LEU B 180 -32.87 -4.87 36.05
C LEU B 180 -32.94 -5.98 37.12
N HIS B 181 -33.47 -7.14 36.77
CA HIS B 181 -33.50 -8.29 37.70
C HIS B 181 -32.10 -8.70 38.15
N GLY B 182 -31.16 -8.73 37.21
CA GLY B 182 -29.77 -9.01 37.54
C GLY B 182 -29.12 -7.92 38.38
N LEU B 183 -29.39 -6.67 38.04
CA LEU B 183 -28.88 -5.56 38.82
C LEU B 183 -29.25 -5.66 40.30
N ARG B 184 -30.53 -5.90 40.57
CA ARG B 184 -31.04 -5.96 41.93
C ARG B 184 -30.46 -7.16 42.68
N ALA B 185 -30.35 -8.29 41.99
CA ALA B 185 -29.78 -9.49 42.59
C ALA B 185 -28.31 -9.26 42.99
N LEU B 186 -27.53 -8.63 42.11
CA LEU B 186 -26.14 -8.31 42.43
C LEU B 186 -26.02 -7.32 43.58
N GLU B 187 -26.82 -6.25 43.55
CA GLU B 187 -26.79 -5.27 44.63
C GLU B 187 -27.20 -5.92 45.95
N ALA B 188 -28.06 -6.94 45.88
CA ALA B 188 -28.49 -7.65 47.08
C ALA B 188 -27.34 -8.49 47.65
N GLN B 189 -26.35 -8.78 46.82
CA GLN B 189 -25.19 -9.53 47.29
C GLN B 189 -24.12 -8.61 47.86
N GLY B 190 -24.40 -7.30 47.88
CA GLY B 190 -23.48 -6.34 48.47
C GLY B 190 -22.49 -5.68 47.52
N PHE B 191 -22.71 -5.84 46.22
CA PHE B 191 -21.82 -5.19 45.24
C PHE B 191 -22.19 -3.74 45.01
N GLU B 192 -21.18 -2.90 44.78
CA GLU B 192 -21.39 -1.55 44.29
C GLU B 192 -21.17 -1.63 42.78
N ILE B 193 -22.23 -1.39 42.02
CA ILE B 193 -22.15 -1.56 40.56
C ILE B 193 -21.56 -0.32 39.89
N MET B 194 -20.40 -0.50 39.25
CA MET B 194 -19.72 0.57 38.56
C MET B 194 -19.97 0.53 37.03
N GLU B 195 -19.64 1.63 36.35
CA GLU B 195 -19.81 1.74 34.90
C GLU B 195 -18.81 0.91 34.12
N GLY B 196 -19.29 -0.24 33.63
CA GLY B 196 -18.47 -1.15 32.87
C GLY B 196 -17.97 -0.62 31.53
N GLU B 197 -18.79 0.17 30.85
CA GLU B 197 -18.40 0.72 29.55
C GLU B 197 -17.17 1.63 29.64
N GLU B 198 -17.06 2.38 30.74
CA GLU B 198 -15.90 3.24 30.92
C GLU B 198 -14.62 2.42 30.94
N VAL B 199 -14.73 1.19 31.46
CA VAL B 199 -13.63 0.24 31.47
C VAL B 199 -13.37 -0.34 30.08
N THR B 200 -14.40 -0.91 29.47
CA THR B 200 -14.23 -1.63 28.22
C THR B 200 -13.85 -0.70 27.05
N GLU B 201 -14.49 0.45 26.95
CA GLU B 201 -14.22 1.36 25.84
C GLU B 201 -12.77 1.85 25.86
N LYS B 202 -12.28 2.24 27.04
CA LYS B 202 -10.93 2.77 27.13
C LYS B 202 -9.88 1.66 26.96
N THR B 203 -10.21 0.44 27.37
CA THR B 203 -9.31 -0.69 27.17
C THR B 203 -9.20 -1.01 25.67
N ARG B 204 -10.35 -1.15 25.03
CA ARG B 204 -10.42 -1.51 23.61
C ARG B 204 -9.84 -0.47 22.67
N ALA B 205 -9.84 0.79 23.10
CA ALA B 205 -9.35 1.90 22.27
C ALA B 205 -7.90 1.72 21.82
N ILE B 206 -7.09 1.01 22.60
CA ILE B 206 -5.71 0.79 22.16
C ILE B 206 -5.47 -0.65 21.67
N LYS B 207 -5.18 -0.78 20.39
CA LYS B 207 -4.97 -2.10 19.79
C LYS B 207 -3.53 -2.53 19.90
N GLY B 208 -3.30 -3.79 20.26
CA GLY B 208 -1.97 -4.37 20.25
C GLY B 208 -1.55 -4.76 18.84
N PRO B 209 -0.30 -5.24 18.69
CA PRO B 209 0.21 -5.52 17.34
C PRO B 209 -0.60 -6.55 16.55
N ASP B 210 -1.09 -7.60 17.19
CA ASP B 210 -1.84 -8.62 16.46
C ASP B 210 -3.21 -8.11 16.00
N GLU B 211 -3.85 -7.31 16.85
CA GLU B 211 -5.12 -6.70 16.48
C GLU B 211 -4.95 -5.80 15.26
N ILE B 212 -3.82 -5.10 15.19
CA ILE B 212 -3.62 -4.21 14.06
C ILE B 212 -3.42 -5.06 12.81
N LEU B 213 -2.73 -6.18 12.95
CA LEU B 213 -2.54 -7.12 11.83
C LEU B 213 -3.89 -7.67 11.39
N ALA B 214 -4.73 -8.03 12.37
CA ALA B 214 -6.05 -8.54 12.07
C ALA B 214 -6.85 -7.48 11.33
N MET B 215 -6.72 -6.23 11.77
CA MET B 215 -7.48 -5.14 11.17
C MET B 215 -7.02 -4.90 9.73
N ARG B 216 -5.73 -5.05 9.48
CA ARG B 216 -5.22 -4.88 8.13
C ARG B 216 -5.86 -5.91 7.20
N CYS B 217 -5.99 -7.14 7.69
CA CYS B 217 -6.59 -8.21 6.93
C CYS B 217 -8.06 -7.93 6.66
N ALA B 218 -8.79 -7.53 7.70
CA ALA B 218 -10.22 -7.23 7.55
C ALA B 218 -10.42 -6.09 6.55
N SER B 219 -9.59 -5.07 6.66
CA SER B 219 -9.70 -3.91 5.76
C SER B 219 -9.51 -4.34 4.30
N HIS B 220 -8.54 -5.21 4.06
CA HIS B 220 -8.30 -5.70 2.71
C HIS B 220 -9.50 -6.51 2.20
N ALA B 221 -9.97 -7.46 3.01
CA ALA B 221 -11.19 -8.22 2.70
C ALA B 221 -12.39 -7.31 2.43
N CYS B 222 -12.59 -6.33 3.29
CA CYS B 222 -13.66 -5.37 3.08
C CYS B 222 -13.53 -4.62 1.73
N GLU B 223 -12.32 -4.16 1.41
CA GLU B 223 -12.13 -3.39 0.19
C GLU B 223 -12.36 -4.26 -1.04
N THR B 224 -11.98 -5.53 -0.93
CA THR B 224 -12.25 -6.48 -1.99
C THR B 224 -13.77 -6.64 -2.19
N ALA B 225 -14.51 -6.80 -1.09
CA ALA B 225 -15.96 -6.91 -1.16
C ALA B 225 -16.60 -5.66 -1.79
N VAL B 226 -16.18 -4.47 -1.36
CA VAL B 226 -16.67 -3.22 -1.95
C VAL B 226 -16.38 -3.13 -3.46
N ALA B 227 -15.19 -3.58 -3.87
CA ALA B 227 -14.80 -3.61 -5.27
C ALA B 227 -15.77 -4.47 -6.08
N GLU B 228 -16.13 -5.64 -5.56
CA GLU B 228 -17.17 -6.46 -6.20
C GLU B 228 -18.50 -5.71 -6.30
N MET B 229 -18.87 -4.99 -5.24
CA MET B 229 -20.11 -4.22 -5.26
C MET B 229 -20.07 -3.11 -6.32
N GLU B 230 -18.94 -2.40 -6.43
CA GLU B 230 -18.82 -1.32 -7.41
C GLU B 230 -18.93 -1.85 -8.85
N LYS B 231 -18.29 -2.99 -9.08
CA LYS B 231 -18.36 -3.64 -10.37
C LYS B 231 -19.81 -3.96 -10.73
N PHE B 232 -20.53 -4.55 -9.80
CA PHE B 232 -21.96 -4.86 -9.98
C PHE B 232 -22.78 -3.59 -10.23
N ALA B 233 -22.57 -2.56 -9.41
CA ALA B 233 -23.31 -1.30 -9.58
C ALA B 233 -23.09 -0.65 -10.95
N ARG B 234 -21.84 -0.55 -11.36
CA ARG B 234 -21.53 0.13 -12.61
C ARG B 234 -22.04 -0.69 -13.80
N ALA B 235 -22.11 -2.00 -13.64
CA ALA B 235 -22.64 -2.88 -14.68
C ALA B 235 -24.18 -2.85 -14.78
N HIS B 236 -24.87 -2.67 -13.67
CA HIS B 236 -26.32 -2.90 -13.67
C HIS B 236 -27.22 -1.73 -13.28
N VAL B 237 -26.66 -0.66 -12.72
CA VAL B 237 -27.45 0.52 -12.39
C VAL B 237 -28.10 1.08 -13.64
N GLY B 238 -29.38 1.42 -13.56
CA GLY B 238 -30.06 2.07 -14.66
C GLY B 238 -30.68 1.11 -15.66
N ASP B 239 -30.70 -0.18 -15.34
CA ASP B 239 -31.27 -1.17 -16.24
C ASP B 239 -32.77 -1.33 -16.02
N GLY B 240 -33.34 -0.47 -15.17
CA GLY B 240 -34.78 -0.47 -14.92
C GLY B 240 -35.26 -1.45 -13.86
N LYS B 241 -34.37 -2.29 -13.33
CA LYS B 241 -34.80 -3.23 -12.30
C LYS B 241 -33.80 -3.41 -11.11
N THR B 242 -32.54 -3.04 -11.28
CA THR B 242 -31.57 -3.17 -10.19
C THR B 242 -31.86 -2.14 -9.09
N SER B 243 -32.10 -2.62 -7.88
CA SER B 243 -32.44 -1.83 -6.70
C SER B 243 -31.23 -1.60 -5.80
N GLU B 244 -31.34 -0.67 -4.85
CA GLU B 244 -30.37 -0.45 -3.78
C GLU B 244 -30.06 -1.76 -3.11
N ASP B 245 -31.11 -2.49 -2.78
CA ASP B 245 -30.95 -3.77 -2.10
C ASP B 245 -30.10 -4.76 -2.93
N ASP B 246 -30.31 -4.77 -4.25
CA ASP B 246 -29.57 -5.68 -5.14
C ASP B 246 -28.05 -5.44 -5.08
N ILE B 247 -27.67 -4.18 -5.17
CA ILE B 247 -26.28 -3.77 -5.06
C ILE B 247 -25.71 -4.11 -3.69
N TRP B 248 -26.44 -3.71 -2.65
CA TRP B 248 -25.97 -3.88 -1.29
C TRP B 248 -25.81 -5.36 -0.92
N ALA B 249 -26.65 -6.22 -1.51
CA ALA B 249 -26.58 -7.65 -1.24
C ALA B 249 -25.23 -8.25 -1.67
N VAL B 250 -24.58 -7.62 -2.63
CA VAL B 250 -23.24 -8.06 -3.02
C VAL B 250 -22.26 -7.89 -1.84
N LEU B 251 -22.36 -6.77 -1.14
CA LEU B 251 -21.48 -6.55 0.01
C LEU B 251 -21.73 -7.58 1.11
N HIS B 252 -23.00 -7.87 1.39
CA HIS B 252 -23.33 -8.92 2.36
C HIS B 252 -22.66 -10.25 2.01
N ALA B 253 -22.81 -10.66 0.77
CA ALA B 253 -22.36 -11.99 0.37
C ALA B 253 -20.82 -12.09 0.35
N GLU B 254 -20.19 -11.09 -0.25
CA GLU B 254 -18.73 -11.11 -0.40
C GLU B 254 -18.04 -11.02 0.96
N ASN B 255 -18.68 -10.34 1.91
CA ASN B 255 -18.19 -10.31 3.29
C ASN B 255 -18.30 -11.70 3.94
N ILE B 256 -19.47 -12.34 3.83
CA ILE B 256 -19.66 -13.65 4.44
C ILE B 256 -18.72 -14.70 3.81
N LYS B 257 -18.47 -14.57 2.51
CA LYS B 257 -17.57 -15.51 1.82
C LYS B 257 -16.14 -15.42 2.34
N ARG B 258 -15.81 -14.29 2.98
CA ARG B 258 -14.46 -14.12 3.50
C ARG B 258 -14.38 -14.33 5.00
N GLY B 259 -15.45 -14.81 5.61
CA GLY B 259 -15.46 -15.05 7.04
C GLY B 259 -15.88 -13.86 7.88
N GLY B 260 -16.45 -12.85 7.24
CA GLY B 260 -17.07 -11.72 7.94
C GLY B 260 -18.32 -12.11 8.71
N GLU B 261 -18.90 -11.18 9.46
CA GLU B 261 -19.93 -11.55 10.43
C GLU B 261 -21.28 -10.87 10.23
N TRP B 262 -21.30 -9.55 10.06
CA TRP B 262 -22.55 -8.85 9.72
C TRP B 262 -22.30 -7.40 9.33
N ILE B 263 -23.39 -6.71 9.02
CA ILE B 263 -23.33 -5.28 8.70
C ILE B 263 -24.25 -4.52 9.65
N GLU B 264 -23.73 -3.46 10.26
CA GLU B 264 -24.39 -2.79 11.36
C GLU B 264 -25.58 -1.91 10.97
N THR B 265 -25.53 -1.33 9.78
CA THR B 265 -26.55 -0.37 9.38
C THR B 265 -27.17 -0.78 8.04
N ARG B 266 -27.94 0.14 7.45
CA ARG B 266 -28.43 -0.01 6.09
C ARG B 266 -28.04 1.23 5.30
N LEU B 267 -26.83 1.73 5.56
CA LEU B 267 -26.45 3.03 5.01
C LEU B 267 -25.86 2.92 3.60
N LEU B 268 -26.74 2.67 2.63
CA LEU B 268 -26.46 2.81 1.20
C LEU B 268 -27.71 3.40 0.57
N ALA B 269 -27.59 4.49 -0.17
CA ALA B 269 -28.77 5.13 -0.76
C ALA B 269 -28.44 5.66 -2.13
N SER B 270 -29.46 5.83 -2.98
CA SER B 270 -29.26 6.30 -4.36
C SER B 270 -30.01 7.59 -4.66
N GLY B 271 -29.43 8.43 -5.51
CA GLY B 271 -30.05 9.66 -5.95
C GLY B 271 -30.52 10.56 -4.83
N PRO B 272 -31.78 11.02 -4.91
CA PRO B 272 -32.31 11.98 -3.94
C PRO B 272 -32.49 11.37 -2.55
N ARG B 273 -32.41 10.04 -2.45
CA ARG B 273 -32.48 9.39 -1.16
C ARG B 273 -31.16 9.57 -0.37
N THR B 274 -30.13 10.14 -1.00
CA THR B 274 -28.89 10.44 -0.27
C THR B 274 -28.99 11.74 0.52
N ASN B 275 -30.07 12.51 0.31
CA ASN B 275 -30.22 13.78 1.02
C ASN B 275 -31.68 13.99 1.46
N PRO B 276 -31.93 14.05 2.79
CA PRO B 276 -30.95 14.03 3.88
C PRO B 276 -30.30 12.68 4.08
N TRP B 277 -29.09 12.61 4.60
CA TRP B 277 -28.41 11.35 4.87
C TRP B 277 -29.06 10.57 5.98
N PHE B 278 -28.86 9.27 6.00
CA PHE B 278 -29.46 8.33 6.94
C PHE B 278 -30.72 7.61 6.46
N GLN B 279 -31.23 7.96 5.31
CA GLN B 279 -32.25 7.16 4.68
C GLN B 279 -31.65 5.78 4.39
N GLU B 280 -32.45 4.75 4.49
CA GLU B 280 -31.92 3.39 4.50
C GLU B 280 -31.97 2.70 3.13
N CYS B 281 -31.05 1.76 2.93
CA CYS B 281 -31.03 0.94 1.73
C CYS B 281 -32.36 0.21 1.59
N GLY B 282 -33.00 0.37 0.43
CA GLY B 282 -34.32 -0.21 0.20
C GLY B 282 -34.61 -0.67 -1.22
N PRO B 283 -35.89 -0.63 -1.61
CA PRO B 283 -36.33 -1.19 -2.89
C PRO B 283 -36.11 -0.25 -4.09
N ARG B 284 -35.70 0.99 -3.87
CA ARG B 284 -35.60 1.98 -4.95
C ARG B 284 -34.86 1.46 -6.17
N ILE B 285 -35.45 1.65 -7.35
CA ILE B 285 -34.82 1.28 -8.62
C ILE B 285 -33.80 2.35 -8.99
N THR B 286 -32.54 1.95 -9.11
CA THR B 286 -31.47 2.91 -9.33
C THR B 286 -31.53 3.46 -10.75
N GLN B 287 -31.03 4.69 -10.93
CA GLN B 287 -31.13 5.40 -12.20
C GLN B 287 -29.74 5.73 -12.76
N LYS B 288 -29.65 5.78 -14.09
CA LYS B 288 -28.47 6.29 -14.76
C LYS B 288 -28.28 7.76 -14.38
N ASN B 289 -27.03 8.21 -14.36
CA ASN B 289 -26.72 9.60 -14.05
C ASN B 289 -27.23 10.04 -12.69
N GLU B 290 -26.90 9.24 -11.69
CA GLU B 290 -27.19 9.56 -10.31
C GLU B 290 -26.04 9.17 -9.40
N ILE B 291 -25.94 9.87 -8.28
CA ILE B 291 -25.09 9.52 -7.14
C ILE B 291 -25.57 8.23 -6.45
N ILE B 292 -24.62 7.42 -5.99
CA ILE B 292 -24.90 6.42 -4.97
C ILE B 292 -23.87 6.57 -3.84
N ALA B 293 -24.35 6.74 -2.61
CA ALA B 293 -23.43 6.86 -1.47
C ALA B 293 -23.63 5.73 -0.46
N PHE B 294 -22.58 5.35 0.25
CA PHE B 294 -22.71 4.28 1.21
C PHE B 294 -21.64 4.31 2.28
N ASP B 295 -21.92 3.55 3.32
CA ASP B 295 -21.08 3.41 4.48
C ASP B 295 -20.99 1.91 4.71
N THR B 296 -19.79 1.34 4.77
CA THR B 296 -19.72 -0.12 4.90
C THR B 296 -20.23 -0.65 6.25
N ASP B 297 -19.89 0.04 7.35
CA ASP B 297 -20.30 -0.37 8.72
C ASP B 297 -20.22 -1.87 8.89
N LEU B 298 -19.08 -2.43 8.53
CA LEU B 298 -18.99 -3.85 8.32
C LEU B 298 -18.22 -4.54 9.42
N ILE B 299 -18.82 -5.58 10.01
CA ILE B 299 -18.09 -6.43 10.94
C ILE B 299 -17.51 -7.58 10.14
N GLY B 300 -16.20 -7.52 9.89
CA GLY B 300 -15.62 -8.36 8.87
C GLY B 300 -14.79 -9.50 9.38
N SER B 301 -13.76 -9.84 8.62
CA SER B 301 -12.94 -11.00 8.95
C SER B 301 -12.27 -10.81 10.30
N TYR B 302 -12.10 -11.91 11.03
CA TYR B 302 -11.55 -11.87 12.39
C TYR B 302 -12.40 -11.03 13.34
N GLY B 303 -13.62 -10.68 12.92
CA GLY B 303 -14.53 -9.92 13.76
C GLY B 303 -14.23 -8.44 13.84
N ILE B 304 -13.26 -8.00 13.03
CA ILE B 304 -12.86 -6.60 13.04
C ILE B 304 -13.78 -5.73 12.19
N CYS B 305 -14.14 -4.58 12.73
CA CYS B 305 -14.98 -3.63 12.02
C CYS B 305 -14.20 -2.82 11.02
N VAL B 306 -14.72 -2.71 9.81
CA VAL B 306 -14.16 -1.81 8.83
C VAL B 306 -15.25 -0.84 8.46
N ASP B 307 -14.97 0.43 8.67
CA ASP B 307 -15.97 1.44 8.54
C ASP B 307 -15.49 2.54 7.61
N ILE B 308 -15.79 2.39 6.32
CA ILE B 308 -15.39 3.38 5.34
C ILE B 308 -16.60 3.78 4.54
N SER B 309 -16.52 4.95 3.92
CA SER B 309 -17.64 5.42 3.12
C SER B 309 -17.11 5.89 1.78
N ARG B 310 -17.89 5.69 0.72
CA ARG B 310 -17.53 6.23 -0.57
C ARG B 310 -18.78 6.72 -1.26
N THR B 311 -18.60 7.67 -2.19
CA THR B 311 -19.68 8.14 -3.03
C THR B 311 -19.33 7.93 -4.51
N TRP B 312 -20.23 7.28 -5.24
CA TRP B 312 -20.02 6.98 -6.66
C TRP B 312 -20.93 7.79 -7.57
N TRP B 313 -20.40 8.22 -8.71
CA TRP B 313 -21.24 8.74 -9.79
C TRP B 313 -21.32 7.66 -10.87
N ILE B 314 -22.54 7.28 -11.24
CA ILE B 314 -22.71 6.27 -12.26
C ILE B 314 -23.60 6.79 -13.38
N GLY B 315 -23.06 6.82 -14.60
CA GLY B 315 -23.82 7.31 -15.74
C GLY B 315 -22.95 7.72 -16.92
N ASP B 316 -23.62 8.08 -18.01
CA ASP B 316 -22.93 8.44 -19.26
C ASP B 316 -22.67 9.93 -19.35
N GLN B 317 -23.32 10.72 -18.50
CA GLN B 317 -23.06 12.14 -18.47
C GLN B 317 -22.07 12.49 -17.38
N LYS B 318 -21.62 13.73 -17.41
CA LYS B 318 -20.73 14.26 -16.38
C LYS B 318 -21.58 14.62 -15.16
N PRO B 319 -21.03 14.42 -13.95
CA PRO B 319 -21.71 14.88 -12.74
C PRO B 319 -21.82 16.40 -12.70
N ARG B 320 -22.84 16.93 -12.03
CA ARG B 320 -22.99 18.38 -11.95
C ARG B 320 -21.80 19.03 -11.24
N PRO B 321 -21.51 20.30 -11.57
CA PRO B 321 -20.40 21.01 -10.93
C PRO B 321 -20.57 21.13 -9.40
N ASP B 322 -21.81 21.19 -8.91
CA ASP B 322 -21.98 21.31 -7.46
C ASP B 322 -21.65 19.97 -6.77
N MET B 323 -21.86 18.86 -7.49
CA MET B 323 -21.50 17.54 -6.98
C MET B 323 -19.99 17.39 -6.89
N VAL B 324 -19.30 17.89 -7.91
CA VAL B 324 -17.85 17.82 -7.94
C VAL B 324 -17.29 18.69 -6.82
N TYR B 325 -17.83 19.89 -6.63
CA TYR B 325 -17.38 20.73 -5.53
C TYR B 325 -17.61 20.08 -4.15
N ALA B 326 -18.81 19.52 -3.94
CA ALA B 326 -19.15 18.87 -2.68
C ALA B 326 -18.20 17.71 -2.38
N MET B 327 -17.90 16.93 -3.41
CA MET B 327 -16.98 15.80 -3.28
C MET B 327 -15.57 16.25 -2.94
N GLN B 328 -15.12 17.32 -3.60
CA GLN B 328 -13.78 17.82 -3.34
C GLN B 328 -13.69 18.41 -1.92
N HIS B 329 -14.74 19.12 -1.52
CA HIS B 329 -14.87 19.68 -0.18
C HIS B 329 -14.86 18.57 0.87
N ALA B 330 -15.59 17.49 0.62
CA ALA B 330 -15.62 16.36 1.56
C ALA B 330 -14.24 15.75 1.72
N HIS B 331 -13.55 15.55 0.59
CA HIS B 331 -12.22 14.97 0.58
C HIS B 331 -11.23 15.86 1.33
N GLU B 332 -11.28 17.16 1.02
CA GLU B 332 -10.49 18.15 1.75
C GLU B 332 -10.74 18.07 3.27
N HIS B 333 -12.01 17.94 3.64
CA HIS B 333 -12.42 17.82 5.05
C HIS B 333 -11.73 16.66 5.75
N ILE B 334 -11.85 15.44 5.23
CA ILE B 334 -11.22 14.33 5.95
C ILE B 334 -9.67 14.30 5.88
N MET B 335 -9.07 14.76 4.79
CA MET B 335 -7.60 14.78 4.71
C MET B 335 -7.04 15.84 5.64
N THR B 336 -7.76 16.94 5.80
CA THR B 336 -7.32 17.98 6.74
C THR B 336 -7.48 17.51 8.18
N ASN B 337 -8.61 16.88 8.51
CA ASN B 337 -8.84 16.46 9.88
C ASN B 337 -7.91 15.30 10.24
N MET B 338 -7.68 14.43 9.27
CA MET B 338 -6.74 13.31 9.42
C MET B 338 -5.33 13.78 9.78
N GLU B 339 -4.91 14.88 9.16
CA GLU B 339 -3.56 15.42 9.36
C GLU B 339 -3.36 15.93 10.81
N MET B 340 -4.45 16.18 11.53
CA MET B 340 -4.34 16.52 12.96
C MET B 340 -3.88 15.35 13.84
N LEU B 341 -4.01 14.12 13.36
CA LEU B 341 -3.81 12.95 14.23
C LEU B 341 -2.35 12.60 14.54
N LYS B 342 -2.02 12.57 15.83
CA LYS B 342 -0.74 12.04 16.31
C LYS B 342 -0.82 11.82 17.82
N PRO B 343 0.09 10.99 18.38
CA PRO B 343 0.00 10.77 19.83
C PRO B 343 0.14 12.06 20.62
N GLY B 344 -0.64 12.22 21.69
CA GLY B 344 -0.52 13.39 22.55
C GLY B 344 -1.52 14.50 22.30
N VAL B 345 -2.15 14.49 21.13
CA VAL B 345 -3.17 15.49 20.85
C VAL B 345 -4.39 15.19 21.70
N MET B 346 -4.91 16.23 22.36
CA MET B 346 -6.12 16.12 23.16
C MET B 346 -7.36 16.07 22.27
N ILE B 347 -8.23 15.10 22.50
CA ILE B 347 -9.45 14.98 21.72
C ILE B 347 -10.24 16.30 21.57
N PRO B 348 -10.42 17.06 22.66
CA PRO B 348 -11.15 18.32 22.44
C PRO B 348 -10.42 19.34 21.53
N ASP B 349 -9.12 19.15 21.34
CA ASP B 349 -8.38 20.00 20.42
C ASP B 349 -8.59 19.60 18.96
N LEU B 350 -8.89 18.33 18.73
CA LEU B 350 -9.33 17.88 17.42
C LEU B 350 -10.61 18.61 17.03
N THR B 351 -11.53 18.69 17.99
CA THR B 351 -12.80 19.39 17.82
C THR B 351 -12.55 20.87 17.52
N ALA B 352 -11.67 21.50 18.30
CA ALA B 352 -11.46 22.94 18.20
C ALA B 352 -10.75 23.38 16.91
N ASN B 353 -9.96 22.51 16.32
CA ASN B 353 -9.13 22.89 15.19
C ASN B 353 -9.56 22.23 13.87
N CYS B 354 -10.71 21.59 13.86
CA CYS B 354 -11.10 20.82 12.70
C CYS B 354 -11.37 21.71 11.48
N HIS B 355 -11.26 21.12 10.30
CA HIS B 355 -11.57 21.79 9.06
C HIS B 355 -12.99 22.35 9.11
N ARG B 356 -13.19 23.57 8.61
CA ARG B 356 -14.50 24.18 8.67
C ARG B 356 -15.27 24.02 7.35
N LEU B 357 -16.36 23.25 7.39
CA LEU B 357 -17.22 23.08 6.23
C LEU B 357 -17.87 24.41 5.87
N ASP B 358 -18.10 24.63 4.59
CA ASP B 358 -18.83 25.80 4.11
C ASP B 358 -20.18 25.94 4.82
N ASP B 359 -20.62 27.17 5.00
CA ASP B 359 -21.87 27.45 5.71
C ASP B 359 -23.02 26.58 5.25
N LYS B 360 -23.14 26.38 3.94
CA LYS B 360 -24.32 25.72 3.39
C LYS B 360 -24.30 24.22 3.65
N PHE B 361 -23.23 23.75 4.26
CA PHE B 361 -23.08 22.33 4.56
C PHE B 361 -23.15 22.07 6.06
N GLN B 362 -23.10 23.15 6.84
CA GLN B 362 -23.06 23.06 8.29
C GLN B 362 -24.30 22.42 8.93
N ALA B 363 -25.47 22.67 8.38
CA ALA B 363 -26.69 22.18 9.02
C ALA B 363 -26.77 20.66 9.00
N GLN B 364 -26.38 20.03 7.89
CA GLN B 364 -26.59 18.60 7.78
C GLN B 364 -25.31 17.81 7.99
N LYS B 365 -24.28 18.46 8.55
CA LYS B 365 -23.01 17.77 8.76
C LYS B 365 -23.16 16.58 9.71
N TYR B 366 -22.17 15.69 9.68
CA TYR B 366 -22.26 14.42 10.36
C TYR B 366 -22.28 14.62 11.88
N GLY B 367 -22.67 13.58 12.62
CA GLY B 367 -22.76 13.65 14.07
C GLY B 367 -21.42 13.66 14.79
N CYS B 368 -20.34 13.46 14.03
CA CYS B 368 -18.97 13.54 14.54
C CYS B 368 -18.02 13.73 13.37
N LEU B 369 -16.82 14.24 13.63
CA LEU B 369 -15.82 14.29 12.57
C LEU B 369 -14.90 13.08 12.67
N MET B 370 -14.88 12.42 13.83
CA MET B 370 -14.14 11.16 14.01
C MET B 370 -14.79 10.28 15.08
N HIS B 371 -14.56 8.97 14.99
CA HIS B 371 -14.88 8.06 16.08
C HIS B 371 -13.90 6.89 16.08
N GLY B 372 -13.73 6.25 17.24
CA GLY B 372 -12.88 5.06 17.33
C GLY B 372 -13.51 3.86 16.65
N VAL B 373 -12.71 2.84 16.39
CA VAL B 373 -13.22 1.66 15.72
C VAL B 373 -12.37 0.46 16.11
N GLY B 374 -13.01 -0.69 16.26
CA GLY B 374 -12.29 -1.90 16.62
C GLY B 374 -13.11 -3.12 16.26
N LEU B 375 -13.87 -3.64 17.21
CA LEU B 375 -14.79 -4.73 16.94
C LEU B 375 -16.13 -4.19 16.42
N CYS B 376 -16.24 -2.86 16.47
CA CYS B 376 -17.40 -2.06 16.02
C CYS B 376 -17.08 -0.62 16.40
N ASN B 377 -17.94 0.33 16.06
CA ASN B 377 -17.73 1.69 16.55
C ASN B 377 -17.45 1.75 18.04
N GLU B 378 -16.44 2.54 18.40
CA GLU B 378 -15.88 2.57 19.74
C GLU B 378 -15.52 3.98 20.14
N TRP B 379 -15.44 4.20 21.45
CA TRP B 379 -14.84 5.38 22.03
C TRP B 379 -13.50 5.67 21.34
N PRO B 380 -13.16 6.95 21.12
CA PRO B 380 -13.89 8.17 21.45
C PRO B 380 -14.82 8.63 20.36
N LEU B 381 -15.69 9.59 20.69
CA LEU B 381 -16.47 10.30 19.70
C LEU B 381 -15.99 11.73 19.67
N VAL B 382 -15.55 12.19 18.51
CA VAL B 382 -15.01 13.54 18.34
C VAL B 382 -16.04 14.41 17.69
N ALA B 383 -16.80 15.16 18.49
CA ALA B 383 -17.92 15.94 17.98
C ALA B 383 -17.45 17.24 17.31
N TYR B 384 -18.25 17.80 16.41
CA TYR B 384 -17.98 19.15 15.89
C TYR B 384 -18.15 20.15 17.02
N PRO B 385 -17.56 21.35 16.89
CA PRO B 385 -17.58 22.31 18.00
C PRO B 385 -18.97 22.69 18.51
N ASP B 386 -19.96 22.79 17.62
CA ASP B 386 -21.28 23.24 18.06
C ASP B 386 -22.09 22.13 18.74
N LYS B 387 -21.56 20.92 18.80
CA LYS B 387 -22.22 19.83 19.52
C LYS B 387 -21.34 19.26 20.65
N ALA B 388 -20.07 19.64 20.70
CA ALA B 388 -19.16 19.08 21.68
C ALA B 388 -19.51 19.52 23.11
N VAL B 389 -19.38 18.60 24.05
CA VAL B 389 -19.70 18.86 25.46
C VAL B 389 -18.42 18.93 26.28
N PRO B 390 -18.19 20.06 26.98
CA PRO B 390 -16.97 20.16 27.78
C PRO B 390 -16.89 19.08 28.85
N GLY B 391 -15.70 18.53 29.06
CA GLY B 391 -15.49 17.52 30.07
C GLY B 391 -15.95 16.12 29.68
N SER B 392 -16.27 15.90 28.41
CA SER B 392 -16.76 14.57 28.02
C SER B 392 -15.66 13.61 27.54
N TYR B 393 -14.68 14.12 26.80
CA TYR B 393 -13.58 13.28 26.31
C TYR B 393 -12.20 13.93 26.50
N ASP B 394 -11.87 14.33 27.73
CA ASP B 394 -10.60 15.02 27.97
C ASP B 394 -9.44 14.04 28.05
N TYR B 395 -9.04 13.49 26.91
CA TYR B 395 -8.01 12.46 26.87
C TYR B 395 -7.14 12.64 25.66
N PRO B 396 -5.87 12.23 25.77
CA PRO B 396 -4.98 12.33 24.61
C PRO B 396 -5.06 11.10 23.73
N LEU B 397 -4.86 11.29 22.42
CA LEU B 397 -4.63 10.17 21.52
C LEU B 397 -3.35 9.44 21.90
N GLU B 398 -3.33 8.13 21.66
CA GLU B 398 -2.16 7.30 21.91
C GLU B 398 -1.92 6.36 20.74
N PRO B 399 -0.67 5.92 20.53
CA PRO B 399 -0.39 4.92 19.48
C PRO B 399 -1.26 3.69 19.65
N GLY B 400 -1.79 3.14 18.57
CA GLY B 400 -2.58 1.92 18.65
C GLY B 400 -4.08 2.19 18.59
N MET B 401 -4.45 3.46 18.75
CA MET B 401 -5.84 3.85 18.54
C MET B 401 -6.15 3.86 17.05
N VAL B 402 -7.39 3.54 16.68
CA VAL B 402 -7.78 3.62 15.30
C VAL B 402 -9.02 4.49 15.24
N LEU B 403 -9.01 5.45 14.32
CA LEU B 403 -10.06 6.43 14.24
C LEU B 403 -10.54 6.52 12.80
N CYS B 404 -11.85 6.50 12.62
CA CYS B 404 -12.47 6.76 11.34
C CYS B 404 -12.70 8.23 11.21
N VAL B 405 -12.35 8.79 10.06
CA VAL B 405 -12.43 10.22 9.83
C VAL B 405 -13.55 10.46 8.82
N GLU B 406 -14.52 11.29 9.20
CA GLU B 406 -15.81 11.36 8.51
C GLU B 406 -16.07 12.65 7.77
N ALA B 407 -16.83 12.56 6.69
CA ALA B 407 -17.38 13.74 6.06
C ALA B 407 -18.76 13.46 5.46
N ALA B 408 -19.74 14.25 5.85
CA ALA B 408 -21.05 14.25 5.20
C ALA B 408 -21.29 15.65 4.68
N VAL B 409 -21.50 15.76 3.37
CA VAL B 409 -21.57 17.08 2.74
C VAL B 409 -22.81 17.18 1.86
N GLY B 410 -23.71 18.08 2.25
CA GLY B 410 -25.00 18.20 1.57
C GLY B 410 -25.71 19.46 2.02
N GLU B 411 -26.55 20.01 1.15
CA GLU B 411 -27.30 21.22 1.47
C GLU B 411 -28.71 20.90 1.95
N VAL B 412 -29.24 21.77 2.80
CA VAL B 412 -30.61 21.66 3.24
C VAL B 412 -31.51 21.72 2.02
N GLY B 413 -32.30 20.67 1.80
CA GLY B 413 -33.20 20.63 0.67
C GLY B 413 -32.57 20.19 -0.63
N GLY B 414 -31.29 19.80 -0.59
CA GLY B 414 -30.58 19.41 -1.80
C GLY B 414 -30.94 18.03 -2.30
N ASP B 415 -30.56 17.70 -3.52
CA ASP B 415 -30.96 16.42 -4.10
C ASP B 415 -29.87 15.37 -4.07
N PHE B 416 -28.78 15.65 -3.34
CA PHE B 416 -27.69 14.69 -3.18
C PHE B 416 -26.88 15.06 -1.96
N SER B 417 -26.11 14.10 -1.46
CA SER B 417 -25.09 14.35 -0.46
C SER B 417 -23.87 13.55 -0.82
N ILE B 418 -22.72 13.98 -0.33
CA ILE B 418 -21.50 13.18 -0.35
C ILE B 418 -21.24 12.58 1.04
N LYS B 419 -20.85 11.32 1.09
CA LYS B 419 -20.34 10.72 2.31
C LYS B 419 -18.99 10.10 2.03
N LEU B 420 -17.95 10.55 2.73
CA LEU B 420 -16.61 9.94 2.61
C LEU B 420 -16.11 9.60 4.00
N GLU B 421 -15.31 8.55 4.09
CA GLU B 421 -14.78 8.14 5.36
C GLU B 421 -13.61 7.20 5.17
N ASP B 422 -12.51 7.47 5.87
CA ASP B 422 -11.36 6.58 5.91
C ASP B 422 -11.06 6.14 7.35
N GLN B 423 -10.39 5.00 7.48
CA GLN B 423 -10.08 4.40 8.76
C GLN B 423 -8.56 4.54 9.02
N VAL B 424 -8.19 5.14 10.15
CA VAL B 424 -6.82 5.66 10.33
C VAL B 424 -6.19 5.18 11.63
N LEU B 425 -4.99 4.58 11.51
CA LEU B 425 -4.24 4.12 12.68
C LEU B 425 -3.33 5.20 13.26
N ILE B 426 -3.39 5.41 14.58
CA ILE B 426 -2.41 6.26 15.24
C ILE B 426 -1.12 5.48 15.43
N THR B 427 0.00 6.05 14.99
CA THR B 427 1.29 5.36 15.11
C THR B 427 2.15 6.03 16.18
N GLU B 428 3.40 5.61 16.31
CA GLU B 428 4.29 6.18 17.33
C GLU B 428 4.52 7.68 17.17
N ASP B 429 4.53 8.17 15.93
CA ASP B 429 4.88 9.56 15.69
C ASP B 429 3.92 10.29 14.73
N GLY B 430 2.79 9.67 14.41
CA GLY B 430 1.81 10.31 13.56
C GLY B 430 0.62 9.40 13.30
N TYR B 431 0.26 9.26 12.04
CA TYR B 431 -0.83 8.36 11.67
C TYR B 431 -0.52 7.62 10.39
N GLU B 432 -1.27 6.56 10.16
CA GLU B 432 -1.26 5.87 8.89
C GLU B 432 -2.72 5.60 8.46
N ASN B 433 -3.10 6.18 7.33
CA ASN B 433 -4.39 5.89 6.71
C ASN B 433 -4.43 4.43 6.26
N LEU B 434 -5.31 3.63 6.86
CA LEU B 434 -5.37 2.22 6.49
C LEU B 434 -6.17 2.02 5.21
N THR B 435 -7.00 2.98 4.87
CA THR B 435 -7.94 2.82 3.76
C THR B 435 -7.26 3.15 2.43
N THR B 436 -7.32 2.23 1.48
CA THR B 436 -6.73 2.48 0.17
C THR B 436 -7.77 2.57 -0.94
N TYR B 437 -9.05 2.40 -0.59
CA TYR B 437 -10.10 2.38 -1.61
C TYR B 437 -10.12 3.70 -2.38
N PRO B 438 -10.18 3.62 -3.72
CA PRO B 438 -10.10 4.88 -4.48
C PRO B 438 -11.30 5.80 -4.25
N PHE B 439 -11.11 7.08 -4.61
CA PHE B 439 -12.20 8.04 -4.68
C PHE B 439 -12.66 8.23 -6.14
N ASP B 440 -13.98 8.30 -6.34
CA ASP B 440 -14.59 8.44 -7.67
C ASP B 440 -13.96 9.57 -8.48
N ALA B 441 -13.27 9.21 -9.57
CA ALA B 441 -12.46 10.15 -10.35
C ALA B 441 -13.28 11.25 -10.99
N ALA B 442 -14.51 10.92 -11.40
CA ALA B 442 -15.38 11.92 -11.99
C ALA B 442 -15.81 12.92 -10.93
N LEU B 443 -16.14 12.44 -9.74
CA LEU B 443 -16.64 13.33 -8.70
C LEU B 443 -15.50 14.16 -8.11
N MET B 444 -14.29 13.60 -8.14
CA MET B 444 -13.11 14.31 -7.67
C MET B 444 -12.68 15.38 -8.67
N GLY B 445 -13.30 15.38 -9.85
CA GLY B 445 -12.99 16.34 -10.89
C GLY B 445 -11.67 16.06 -11.61
N LEU B 446 -11.24 14.81 -11.58
CA LEU B 446 -9.95 14.38 -12.16
C LEU B 446 -10.12 13.72 -13.52
N ALA B 447 -11.32 13.21 -13.79
CA ALA B 447 -11.61 12.54 -15.05
C ALA B 447 -12.58 13.38 -15.88
N ARG C 9 24.13 37.42 -0.18
CA ARG C 9 24.49 36.67 1.02
C ARG C 9 25.69 35.77 0.77
N LYS C 10 26.73 35.95 1.57
CA LYS C 10 27.97 35.22 1.37
C LYS C 10 27.88 33.79 1.90
N ILE C 11 28.52 32.86 1.20
CA ILE C 11 28.60 31.50 1.69
C ILE C 11 29.77 31.37 2.66
N ASP C 12 30.78 32.22 2.47
CA ASP C 12 31.95 32.25 3.34
C ASP C 12 32.13 33.66 3.87
N PRO C 13 31.70 33.89 5.13
CA PRO C 13 31.65 35.26 5.68
C PRO C 13 33.04 35.87 5.88
N SER C 14 34.06 35.03 5.88
CA SER C 14 35.42 35.48 6.14
C SER C 14 36.10 36.02 4.88
N ARG C 15 35.37 36.04 3.77
CA ARG C 15 35.95 36.51 2.51
C ARG C 15 35.18 37.66 1.92
N GLY C 16 35.78 38.30 0.92
CA GLY C 16 35.17 39.41 0.22
C GLY C 16 34.25 38.93 -0.89
N ALA C 17 34.28 39.62 -2.03
CA ALA C 17 33.36 39.33 -3.13
C ALA C 17 33.58 37.96 -3.79
N THR C 18 34.74 37.34 -3.56
CA THR C 18 35.06 36.09 -4.23
C THR C 18 35.63 35.04 -3.28
N LEU C 19 35.47 33.78 -3.66
CA LEU C 19 36.09 32.67 -2.95
C LEU C 19 37.54 32.52 -3.42
N GLY C 20 38.28 31.65 -2.76
CA GLY C 20 39.70 31.48 -3.05
C GLY C 20 40.01 31.05 -4.47
N ASP C 21 39.01 30.54 -5.17
CA ASP C 21 39.22 30.12 -6.56
C ASP C 21 38.67 31.15 -7.54
N GLY C 22 38.31 32.33 -7.03
CA GLY C 22 37.87 33.41 -7.90
C GLY C 22 36.37 33.45 -8.22
N THR C 23 35.65 32.39 -7.85
CA THR C 23 34.21 32.35 -8.11
C THR C 23 33.46 33.25 -7.12
N PRO C 24 32.21 33.63 -7.44
CA PRO C 24 31.48 34.54 -6.55
C PRO C 24 31.22 33.98 -5.13
N ASN C 25 31.52 34.79 -4.11
CA ASN C 25 31.15 34.45 -2.74
C ASN C 25 29.66 34.72 -2.55
N ASP C 26 28.82 33.79 -3.00
CA ASP C 26 27.39 33.98 -3.08
C ASP C 26 26.68 32.65 -2.79
N ASN C 27 26.02 32.57 -1.65
CA ASN C 27 25.33 31.35 -1.23
C ASN C 27 24.22 30.94 -2.19
N ASP C 28 23.71 31.90 -2.95
CA ASP C 28 22.57 31.68 -3.82
C ASP C 28 22.91 31.52 -5.30
N ARG C 29 24.19 31.49 -5.64
CA ARG C 29 24.62 31.40 -7.04
C ARG C 29 24.17 30.10 -7.72
N ILE C 30 24.08 30.15 -9.04
CA ILE C 30 23.76 28.96 -9.84
C ILE C 30 24.91 27.96 -9.82
N GLU C 31 26.13 28.45 -10.04
CA GLU C 31 27.32 27.62 -10.12
C GLU C 31 27.54 26.80 -8.85
N ILE C 32 27.87 25.52 -9.01
CA ILE C 32 28.21 24.70 -7.87
C ILE C 32 29.73 24.60 -7.73
N GLY C 33 30.24 23.58 -7.06
CA GLY C 33 31.67 23.52 -6.82
C GLY C 33 31.90 22.95 -5.43
N PRO C 34 33.15 23.02 -4.95
CA PRO C 34 33.48 22.43 -3.64
C PRO C 34 32.71 23.10 -2.50
N THR C 35 32.39 22.29 -1.49
CA THR C 35 31.69 22.76 -0.31
C THR C 35 32.64 23.46 0.66
N GLN C 36 32.07 24.20 1.61
CA GLN C 36 32.85 24.83 2.66
C GLN C 36 33.65 23.79 3.46
N LEU C 37 33.10 22.59 3.63
CA LEU C 37 33.87 21.52 4.26
C LEU C 37 35.18 21.25 3.51
N ALA C 38 35.09 21.18 2.18
CA ALA C 38 36.25 20.90 1.34
C ALA C 38 37.25 22.07 1.40
N PHE C 39 36.74 23.29 1.26
CA PHE C 39 37.58 24.48 1.28
C PHE C 39 38.29 24.61 2.61
N SER C 40 37.62 24.18 3.67
CA SER C 40 38.14 24.27 5.03
C SER C 40 39.28 23.30 5.21
N GLU C 41 39.07 22.07 4.76
CA GLU C 41 40.13 21.07 4.81
C GLU C 41 41.33 21.44 3.93
N TRP C 42 41.08 22.08 2.79
CA TRP C 42 42.18 22.40 1.88
C TRP C 42 43.02 23.52 2.48
N ALA C 43 42.36 24.46 3.16
CA ALA C 43 43.06 25.56 3.80
C ALA C 43 43.91 25.05 4.97
N ALA C 44 43.38 24.06 5.69
CA ALA C 44 44.12 23.43 6.78
C ALA C 44 45.35 22.70 6.26
N ALA C 45 45.23 22.09 5.08
CA ALA C 45 46.26 21.23 4.53
C ALA C 45 47.36 22.02 3.80
N GLY C 46 47.12 23.31 3.60
CA GLY C 46 48.10 24.19 3.00
C GLY C 46 48.03 24.32 1.49
N LEU C 47 46.91 23.88 0.91
CA LEU C 47 46.79 23.76 -0.54
C LEU C 47 46.41 25.07 -1.22
N GLN C 48 47.22 25.44 -2.21
CA GLN C 48 46.87 26.54 -3.09
C GLN C 48 45.70 26.15 -4.01
N LEU C 49 44.67 26.99 -4.03
CA LEU C 49 43.48 26.75 -4.85
C LEU C 49 43.68 27.16 -6.30
N PRO C 50 43.05 26.42 -7.25
CA PRO C 50 43.07 26.84 -8.65
C PRO C 50 42.32 28.14 -8.84
N ASN C 51 42.67 28.92 -9.86
CA ASN C 51 41.81 30.00 -10.32
C ASN C 51 41.00 29.51 -11.50
N LEU C 52 39.70 29.37 -11.32
CA LEU C 52 38.85 28.69 -12.30
C LEU C 52 38.79 29.42 -13.64
N ASP C 53 38.70 30.74 -13.60
CA ASP C 53 38.70 31.53 -14.83
C ASP C 53 39.95 31.26 -15.68
N ARG C 54 41.12 31.23 -15.05
CA ARG C 54 42.36 31.00 -15.79
C ARG C 54 42.41 29.56 -16.31
N MET C 55 41.90 28.64 -15.50
CA MET C 55 41.84 27.23 -15.88
C MET C 55 40.96 27.02 -17.12
N ARG C 56 39.80 27.65 -17.13
CA ARG C 56 38.85 27.52 -18.22
C ARG C 56 39.41 28.11 -19.51
N GLU C 57 40.16 29.20 -19.36
CA GLU C 57 40.77 29.89 -20.48
C GLU C 57 41.91 29.04 -21.07
N TYR C 58 42.67 28.38 -20.20
CA TYR C 58 43.78 27.54 -20.63
C TYR C 58 43.31 26.36 -21.46
N ARG C 59 42.22 25.74 -21.01
CA ARG C 59 41.66 24.58 -21.70
C ARG C 59 41.14 24.99 -23.08
N TRP C 60 40.37 26.05 -23.10
CA TRP C 60 39.77 26.53 -24.33
C TRP C 60 40.83 26.90 -25.37
N LYS C 61 41.84 27.67 -24.94
CA LYS C 61 42.94 28.06 -25.83
C LYS C 61 43.64 26.84 -26.39
N ARG C 62 43.92 25.88 -25.51
CA ARG C 62 44.63 24.66 -25.90
C ARG C 62 43.82 23.80 -26.86
N LEU C 63 42.51 23.72 -26.61
CA LEU C 63 41.62 22.93 -27.46
C LEU C 63 41.50 23.60 -28.83
N THR C 64 41.34 24.92 -28.83
CA THR C 64 41.28 25.66 -30.09
C THR C 64 42.57 25.45 -30.90
N GLN C 65 43.71 25.55 -30.24
CA GLN C 65 45.01 25.37 -30.90
C GLN C 65 45.14 23.98 -31.51
N ALA C 66 44.58 22.99 -30.82
CA ALA C 66 44.61 21.60 -31.27
C ALA C 66 43.88 21.44 -32.60
N ILE C 67 42.78 22.15 -32.74
CA ILE C 67 41.99 22.15 -33.97
C ILE C 67 42.79 22.82 -35.09
N VAL C 68 43.36 23.99 -34.79
CA VAL C 68 44.16 24.73 -35.74
C VAL C 68 45.34 23.92 -36.25
N ASP C 69 46.10 23.31 -35.34
CA ASP C 69 47.25 22.48 -35.69
C ASP C 69 46.93 21.34 -36.66
N ARG C 70 45.70 20.84 -36.60
CA ARG C 70 45.34 19.70 -37.41
C ARG C 70 44.76 20.14 -38.74
N GLY C 71 44.55 21.43 -38.90
CA GLY C 71 43.90 21.94 -40.10
C GLY C 71 42.41 21.61 -40.17
N TYR C 72 41.77 21.40 -39.02
CA TYR C 72 40.33 21.18 -38.99
C TYR C 72 39.61 22.50 -38.85
N GLY C 73 38.31 22.51 -39.12
CA GLY C 73 37.55 23.73 -38.97
C GLY C 73 36.86 23.84 -37.62
N GLY C 74 36.63 22.70 -37.00
CA GLY C 74 35.92 22.68 -35.73
C GLY C 74 35.96 21.32 -35.07
N LEU C 75 35.46 21.28 -33.85
CA LEU C 75 35.39 20.06 -33.08
C LEU C 75 34.03 20.05 -32.41
N LEU C 76 33.31 18.94 -32.59
CA LEU C 76 31.96 18.81 -32.08
C LEU C 76 31.91 17.69 -31.05
N MET C 77 31.41 18.03 -29.86
CA MET C 77 31.53 17.14 -28.71
C MET C 77 30.17 16.79 -28.10
N PHE C 78 29.89 15.49 -28.01
CA PHE C 78 28.72 14.98 -27.33
C PHE C 78 29.10 14.19 -26.06
N ASP C 79 30.38 13.89 -25.87
CA ASP C 79 30.77 13.21 -24.63
C ASP C 79 30.76 14.26 -23.51
N PRO C 80 29.92 14.07 -22.48
CA PRO C 80 29.87 15.00 -21.34
C PRO C 80 31.24 15.30 -20.72
N LEU C 81 32.19 14.38 -20.82
CA LEU C 81 33.51 14.60 -20.26
C LEU C 81 34.28 15.60 -21.12
N ASN C 82 34.07 15.56 -22.43
CA ASN C 82 34.73 16.53 -23.31
C ASN C 82 34.03 17.88 -23.20
N ILE C 83 32.72 17.85 -23.06
CA ILE C 83 31.94 19.05 -22.79
C ILE C 83 32.40 19.74 -21.50
N ARG C 84 32.64 18.93 -20.47
CA ARG C 84 33.19 19.42 -19.22
C ARG C 84 34.55 20.07 -19.48
N TYR C 85 35.40 19.40 -20.25
CA TYR C 85 36.73 19.97 -20.52
C TYR C 85 36.66 21.31 -21.23
N ALA C 86 35.76 21.43 -22.22
CA ALA C 86 35.71 22.62 -23.06
C ALA C 86 35.05 23.83 -22.38
N THR C 87 34.07 23.56 -21.54
CA THR C 87 33.22 24.61 -20.98
C THR C 87 33.25 24.65 -19.44
N ASP C 88 33.70 23.56 -18.82
CA ASP C 88 33.62 23.38 -17.35
C ASP C 88 32.18 23.45 -16.84
N SER C 89 31.21 23.24 -17.73
CA SER C 89 29.80 23.27 -17.34
C SER C 89 29.22 21.87 -17.24
N THR C 90 28.64 21.54 -16.08
CA THR C 90 27.96 20.26 -15.91
C THR C 90 26.46 20.40 -16.11
N ASN C 91 25.82 19.31 -16.52
CA ASN C 91 24.37 19.23 -16.56
C ASN C 91 23.95 17.77 -16.62
N MET C 92 23.53 17.24 -15.48
CA MET C 92 23.08 15.85 -15.40
C MET C 92 24.11 14.93 -16.05
N GLN C 93 25.36 15.07 -15.61
CA GLN C 93 26.47 14.38 -16.26
C GLN C 93 26.20 12.90 -16.53
N LEU C 94 25.76 12.17 -15.51
CA LEU C 94 25.60 10.72 -15.66
C LEU C 94 24.46 10.41 -16.63
N TRP C 95 23.36 11.15 -16.54
CA TRP C 95 22.29 11.00 -17.52
C TRP C 95 22.86 11.31 -18.91
N ASN C 96 23.70 12.34 -18.98
CA ASN C 96 24.24 12.77 -20.27
C ASN C 96 25.12 11.69 -20.90
N THR C 97 25.83 10.92 -20.07
CA THR C 97 26.76 9.93 -20.60
C THR C 97 26.08 8.90 -21.50
N HIS C 98 24.82 8.57 -21.24
CA HIS C 98 24.14 7.62 -22.11
C HIS C 98 22.86 8.20 -22.73
N ASN C 99 22.67 9.51 -22.60
CA ASN C 99 21.60 10.24 -23.28
C ASN C 99 22.18 11.49 -23.95
N PRO C 100 22.50 11.41 -25.25
CA PRO C 100 23.29 12.52 -25.81
C PRO C 100 22.41 13.72 -26.16
N PHE C 101 22.01 14.49 -25.15
CA PHE C 101 21.11 15.62 -25.35
C PHE C 101 21.85 16.93 -25.58
N ARG C 102 23.15 16.89 -25.39
CA ARG C 102 24.00 18.07 -25.25
C ARG C 102 25.09 18.08 -26.30
N ALA C 103 25.51 19.25 -26.78
CA ALA C 103 26.64 19.33 -27.69
C ALA C 103 27.39 20.63 -27.60
N VAL C 104 28.70 20.57 -27.79
CA VAL C 104 29.52 21.78 -27.89
C VAL C 104 30.27 21.81 -29.21
N LEU C 105 30.17 22.95 -29.89
CA LEU C 105 30.95 23.20 -31.08
C LEU C 105 31.99 24.25 -30.78
N LEU C 106 33.24 23.92 -31.05
CA LEU C 106 34.36 24.84 -30.94
C LEU C 106 34.97 24.97 -32.33
N CYS C 107 35.02 26.20 -32.85
CA CYS C 107 35.51 26.46 -34.20
C CYS C 107 36.97 26.88 -34.19
N ALA C 108 37.60 26.88 -35.36
CA ALA C 108 39.01 27.22 -35.48
C ALA C 108 39.35 28.63 -35.01
N ASP C 109 38.38 29.54 -35.04
CA ASP C 109 38.62 30.88 -34.50
C ASP C 109 38.34 31.01 -32.99
N GLY C 110 38.08 29.89 -32.32
CA GLY C 110 37.82 29.89 -30.90
C GLY C 110 36.36 30.12 -30.50
N TYR C 111 35.51 30.46 -31.48
CA TYR C 111 34.09 30.64 -31.23
C TYR C 111 33.46 29.33 -30.73
N MET C 112 32.73 29.41 -29.62
CA MET C 112 32.24 28.21 -28.95
C MET C 112 30.75 28.34 -28.64
N VAL C 113 30.00 27.30 -29.01
CA VAL C 113 28.55 27.27 -28.84
C VAL C 113 28.13 26.01 -28.11
N ILE C 114 27.16 26.12 -27.20
CA ILE C 114 26.60 24.90 -26.61
C ILE C 114 25.13 24.75 -26.96
N TRP C 115 24.76 23.54 -27.33
CA TRP C 115 23.36 23.13 -27.40
C TRP C 115 23.06 22.39 -26.11
N ASP C 116 22.27 23.01 -25.24
CA ASP C 116 21.98 22.44 -23.92
C ASP C 116 20.55 21.91 -23.87
N TYR C 117 20.23 21.22 -22.78
CA TYR C 117 18.86 20.83 -22.47
C TYR C 117 17.96 22.03 -22.64
N LYS C 118 16.81 21.83 -23.27
CA LYS C 118 15.90 22.91 -23.60
C LYS C 118 15.56 23.78 -22.37
N ASN C 119 15.28 23.13 -21.25
CA ASN C 119 14.87 23.81 -20.01
C ASN C 119 16.00 24.46 -19.20
N SER C 120 17.25 24.29 -19.63
CA SER C 120 18.36 24.77 -18.80
C SER C 120 19.45 25.52 -19.56
N PRO C 121 19.10 26.61 -20.25
CA PRO C 121 20.16 27.30 -20.99
C PRO C 121 21.13 28.07 -20.08
N PHE C 122 20.72 28.37 -18.86
CA PHE C 122 21.51 29.18 -17.94
C PHE C 122 22.74 28.49 -17.34
N LEU C 123 22.85 27.16 -17.50
CA LEU C 123 23.87 26.42 -16.75
C LEU C 123 25.32 26.68 -17.21
N SER C 124 25.50 27.24 -18.41
CA SER C 124 26.87 27.45 -18.87
C SER C 124 27.15 28.95 -18.96
N LYS C 125 26.21 29.76 -18.47
CA LYS C 125 26.32 31.20 -18.61
C LYS C 125 27.47 31.80 -17.80
N PHE C 126 27.93 31.08 -16.78
CA PHE C 126 29.05 31.55 -15.96
C PHE C 126 30.37 31.59 -16.74
N ASN C 127 30.43 30.87 -17.85
CA ASN C 127 31.65 30.82 -18.67
C ASN C 127 31.45 31.64 -19.93
N PRO C 128 31.95 32.89 -19.94
CA PRO C 128 31.70 33.79 -21.06
C PRO C 128 32.35 33.32 -22.36
N LEU C 129 33.27 32.36 -22.27
CA LEU C 129 33.86 31.72 -23.45
C LEU C 129 32.83 30.94 -24.27
N VAL C 130 31.77 30.47 -23.60
CA VAL C 130 30.64 29.88 -24.29
C VAL C 130 29.82 31.03 -24.82
N ARG C 131 29.82 31.21 -26.14
CA ARG C 131 29.29 32.43 -26.73
C ARG C 131 27.79 32.38 -26.95
N GLU C 132 27.24 31.18 -27.13
CA GLU C 132 25.81 31.01 -27.31
C GLU C 132 25.29 29.77 -26.59
N GLN C 133 24.06 29.86 -26.12
CA GLN C 133 23.38 28.74 -25.51
C GLN C 133 22.16 28.42 -26.34
N ARG C 134 22.17 27.27 -27.01
CA ARG C 134 21.05 26.88 -27.86
C ARG C 134 20.42 25.60 -27.35
N SER C 135 19.55 25.01 -28.16
CA SER C 135 18.94 23.72 -27.87
C SER C 135 18.70 22.99 -29.18
N GLY C 136 18.39 21.69 -29.09
CA GLY C 136 17.99 20.91 -30.25
C GLY C 136 19.07 19.97 -30.77
N ALA C 137 20.06 19.62 -29.95
CA ALA C 137 21.07 18.66 -30.41
C ALA C 137 20.78 17.26 -29.90
N ASP C 138 19.58 17.06 -29.34
CA ASP C 138 19.25 15.79 -28.72
C ASP C 138 18.66 14.81 -29.73
N LEU C 139 19.53 14.01 -30.33
CA LEU C 139 19.14 13.19 -31.46
C LEU C 139 19.04 11.71 -31.11
N PHE C 140 18.12 11.36 -30.20
CA PHE C 140 17.97 9.95 -29.83
C PHE C 140 16.50 9.60 -29.58
N TYR C 141 16.19 8.31 -29.63
CA TYR C 141 14.80 7.88 -29.76
C TYR C 141 13.92 8.24 -28.57
N PHE C 142 14.46 8.14 -27.36
CA PHE C 142 13.70 8.54 -26.18
C PHE C 142 13.19 9.99 -26.32
N ASP C 143 14.10 10.91 -26.61
CA ASP C 143 13.75 12.33 -26.69
C ASP C 143 12.91 12.72 -27.91
N ARG C 144 13.03 12.00 -29.02
CA ARG C 144 12.35 12.48 -30.24
C ARG C 144 11.55 11.44 -31.02
N GLY C 145 11.59 10.19 -30.57
CA GLY C 145 10.81 9.13 -31.17
C GLY C 145 11.06 9.02 -32.67
N ASP C 146 10.00 8.90 -33.45
CA ASP C 146 10.13 8.69 -34.88
C ASP C 146 10.50 9.98 -35.67
N LYS C 147 10.83 11.06 -34.96
CA LYS C 147 11.16 12.32 -35.62
C LYS C 147 12.54 12.83 -35.21
N VAL C 148 13.48 11.91 -35.03
CA VAL C 148 14.87 12.30 -34.84
C VAL C 148 15.40 12.94 -36.12
N ASP C 149 15.11 12.32 -37.27
CA ASP C 149 15.72 12.74 -38.54
C ASP C 149 15.46 14.21 -38.89
N VAL C 150 14.25 14.69 -38.60
CA VAL C 150 13.90 16.08 -38.88
C VAL C 150 14.78 17.06 -38.09
N GLN C 151 14.95 16.81 -36.80
CA GLN C 151 15.76 17.69 -35.97
C GLN C 151 17.25 17.50 -36.29
N ALA C 152 17.64 16.30 -36.69
CA ALA C 152 19.03 16.07 -37.04
C ALA C 152 19.44 17.02 -38.17
N ASP C 153 18.55 17.18 -39.16
CA ASP C 153 18.78 18.11 -40.26
C ASP C 153 18.78 19.57 -39.83
N VAL C 154 17.87 19.93 -38.92
CA VAL C 154 17.89 21.28 -38.35
C VAL C 154 19.23 21.54 -37.65
N PHE C 155 19.65 20.59 -36.80
CA PHE C 155 20.91 20.73 -36.06
C PHE C 155 22.10 20.82 -37.04
N ALA C 156 22.17 19.89 -37.99
CA ALA C 156 23.29 19.84 -38.93
C ALA C 156 23.44 21.13 -39.74
N ASN C 157 22.30 21.73 -40.11
CA ASN C 157 22.32 23.00 -40.81
C ASN C 157 22.83 24.13 -39.92
N GLU C 158 22.50 24.09 -38.63
CA GLU C 158 23.01 25.11 -37.72
C GLU C 158 24.52 25.01 -37.64
N VAL C 159 25.01 23.77 -37.58
CA VAL C 159 26.46 23.53 -37.52
C VAL C 159 27.12 24.06 -38.80
N ARG C 160 26.51 23.77 -39.95
CA ARG C 160 27.00 24.30 -41.23
C ARG C 160 27.11 25.82 -41.21
N VAL C 161 26.04 26.53 -40.78
CA VAL C 161 26.08 27.98 -40.79
C VAL C 161 27.18 28.53 -39.87
N LEU C 162 27.26 27.99 -38.65
CA LEU C 162 28.32 28.36 -37.71
C LEU C 162 29.72 28.15 -38.30
N MET C 163 29.95 26.98 -38.91
CA MET C 163 31.23 26.68 -39.53
C MET C 163 31.54 27.61 -40.71
N GLN C 164 30.51 27.97 -41.49
CA GLN C 164 30.69 28.91 -42.59
C GLN C 164 31.14 30.27 -42.06
N ASP C 165 30.59 30.67 -40.92
CA ASP C 165 30.89 31.97 -40.35
C ASP C 165 32.19 31.99 -39.55
N HIS C 166 32.59 30.87 -38.97
CA HIS C 166 33.70 30.91 -38.02
C HIS C 166 34.86 30.01 -38.39
N ALA C 167 34.66 29.18 -39.40
CA ALA C 167 35.76 28.43 -40.01
C ALA C 167 35.59 28.34 -41.53
N PRO C 168 35.42 29.49 -42.21
CA PRO C 168 35.13 29.45 -43.65
C PRO C 168 36.20 28.68 -44.43
N GLY C 169 35.77 27.82 -45.37
CA GLY C 169 36.71 27.06 -46.18
C GLY C 169 37.06 25.70 -45.63
N HIS C 170 36.73 25.47 -44.37
CA HIS C 170 36.99 24.19 -43.72
C HIS C 170 35.80 23.22 -43.87
N THR C 171 36.08 22.01 -44.34
CA THR C 171 35.05 20.97 -44.39
C THR C 171 35.35 19.84 -43.41
N ARG C 172 36.51 19.89 -42.77
CA ARG C 172 36.87 18.86 -41.81
C ARG C 172 36.34 19.25 -40.42
N LEU C 173 35.44 18.42 -39.91
CA LEU C 173 34.81 18.62 -38.61
C LEU C 173 35.09 17.39 -37.76
N ALA C 174 35.87 17.57 -36.70
CA ALA C 174 36.16 16.48 -35.78
C ALA C 174 34.96 16.27 -34.87
N VAL C 175 34.58 15.01 -34.67
CA VAL C 175 33.44 14.66 -33.80
C VAL C 175 33.87 13.53 -32.85
N ASP C 176 33.60 13.66 -31.56
CA ASP C 176 34.07 12.61 -30.65
C ASP C 176 33.18 11.38 -30.77
N LYS C 177 31.87 11.56 -30.67
CA LYS C 177 30.91 10.45 -30.80
C LYS C 177 29.54 11.03 -31.07
N ILE C 178 28.83 10.52 -32.06
CA ILE C 178 27.51 11.05 -32.42
C ILE C 178 26.60 9.91 -32.88
N MET C 179 25.31 10.03 -32.58
CA MET C 179 24.30 9.09 -33.05
C MET C 179 24.27 9.06 -34.59
N LEU C 180 23.92 7.91 -35.16
CA LEU C 180 23.95 7.73 -36.61
C LEU C 180 23.13 8.78 -37.38
N HIS C 181 21.96 9.17 -36.87
CA HIS C 181 21.14 10.20 -37.52
C HIS C 181 21.91 11.51 -37.62
N GLY C 182 22.63 11.86 -36.56
CA GLY C 182 23.41 13.08 -36.57
C GLY C 182 24.58 12.98 -37.52
N LEU C 183 25.21 11.81 -37.55
CA LEU C 183 26.33 11.60 -38.46
C LEU C 183 25.88 11.79 -39.91
N ARG C 184 24.73 11.21 -40.25
CA ARG C 184 24.27 11.26 -41.62
C ARG C 184 23.90 12.69 -41.97
N ALA C 185 23.27 13.39 -41.04
CA ALA C 185 22.86 14.74 -41.31
C ALA C 185 24.06 15.65 -41.56
N LEU C 186 25.15 15.46 -40.81
CA LEU C 186 26.33 16.32 -40.98
C LEU C 186 27.03 16.05 -42.31
N GLU C 187 27.14 14.78 -42.67
CA GLU C 187 27.74 14.40 -43.93
C GLU C 187 26.90 14.92 -45.10
N ALA C 188 25.59 14.98 -44.90
CA ALA C 188 24.71 15.54 -45.92
C ALA C 188 24.97 17.04 -46.10
N GLN C 189 25.53 17.68 -45.08
CA GLN C 189 25.86 19.09 -45.19
C GLN C 189 27.25 19.30 -45.77
N GLY C 190 27.94 18.23 -46.14
CA GLY C 190 29.24 18.39 -46.75
C GLY C 190 30.46 18.25 -45.86
N PHE C 191 30.27 17.91 -44.58
CA PHE C 191 31.42 17.77 -43.68
C PHE C 191 32.12 16.44 -43.87
N GLU C 192 33.44 16.47 -43.81
CA GLU C 192 34.20 15.24 -43.65
C GLU C 192 34.42 15.05 -42.15
N ILE C 193 33.89 13.96 -41.61
CA ILE C 193 33.94 13.73 -40.17
C ILE C 193 35.27 13.11 -39.72
N MET C 194 36.00 13.84 -38.89
CA MET C 194 37.31 13.41 -38.39
C MET C 194 37.21 12.81 -36.97
N GLU C 195 38.23 12.07 -36.55
CA GLU C 195 38.21 11.44 -35.23
C GLU C 195 38.37 12.47 -34.12
N GLY C 196 37.26 12.81 -33.44
CA GLY C 196 37.29 13.79 -32.39
C GLY C 196 38.14 13.41 -31.18
N GLU C 197 38.10 12.13 -30.80
CA GLU C 197 38.84 11.69 -29.61
C GLU C 197 40.35 11.87 -29.73
N GLU C 198 40.86 11.73 -30.96
CA GLU C 198 42.28 11.94 -31.19
C GLU C 198 42.65 13.36 -30.79
N VAL C 199 41.73 14.30 -31.01
CA VAL C 199 41.96 15.68 -30.64
C VAL C 199 41.80 15.91 -29.12
N THR C 200 40.73 15.38 -28.55
CA THR C 200 40.40 15.68 -27.15
C THR C 200 41.35 14.98 -26.19
N GLU C 201 41.69 13.72 -26.47
CA GLU C 201 42.57 12.97 -25.60
C GLU C 201 43.96 13.59 -25.52
N LYS C 202 44.48 14.05 -26.66
CA LYS C 202 45.82 14.60 -26.69
C LYS C 202 45.86 15.98 -26.10
N THR C 203 44.75 16.72 -26.24
CA THR C 203 44.69 18.04 -25.63
C THR C 203 44.63 17.93 -24.10
N ARG C 204 43.79 17.02 -23.62
CA ARG C 204 43.49 16.91 -22.20
C ARG C 204 44.69 16.33 -21.43
N ALA C 205 45.56 15.63 -22.14
CA ALA C 205 46.68 14.93 -21.54
C ALA C 205 47.70 15.87 -20.89
N ILE C 206 47.75 17.14 -21.32
CA ILE C 206 48.65 18.11 -20.71
C ILE C 206 47.86 19.09 -19.86
N LYS C 207 48.05 19.02 -18.55
CA LYS C 207 47.32 19.88 -17.63
C LYS C 207 48.03 21.21 -17.42
N GLY C 208 47.28 22.30 -17.43
CA GLY C 208 47.82 23.59 -17.10
C GLY C 208 48.07 23.72 -15.61
N PRO C 209 48.66 24.86 -15.18
CA PRO C 209 48.94 25.06 -13.76
C PRO C 209 47.67 25.00 -12.90
N ASP C 210 46.58 25.63 -13.33
CA ASP C 210 45.38 25.62 -12.51
C ASP C 210 44.73 24.22 -12.43
N GLU C 211 44.80 23.44 -13.51
CA GLU C 211 44.29 22.07 -13.47
C GLU C 211 45.08 21.21 -12.50
N ILE C 212 46.38 21.48 -12.39
CA ILE C 212 47.17 20.73 -11.43
C ILE C 212 46.78 21.10 -9.99
N LEU C 213 46.53 22.38 -9.74
CA LEU C 213 46.04 22.83 -8.44
C LEU C 213 44.69 22.17 -8.09
N ALA C 214 43.76 22.20 -9.03
CA ALA C 214 42.47 21.55 -8.82
C ALA C 214 42.65 20.08 -8.50
N MET C 215 43.60 19.44 -9.17
CA MET C 215 43.81 18.00 -8.97
C MET C 215 44.43 17.70 -7.59
N ARG C 216 45.34 18.57 -7.15
CA ARG C 216 45.89 18.43 -5.79
C ARG C 216 44.75 18.50 -4.77
N CYS C 217 43.85 19.45 -4.95
CA CYS C 217 42.71 19.57 -4.04
C CYS C 217 41.84 18.31 -4.10
N ALA C 218 41.50 17.86 -5.31
CA ALA C 218 40.66 16.68 -5.47
C ALA C 218 41.32 15.46 -4.83
N SER C 219 42.64 15.38 -4.98
CA SER C 219 43.39 14.28 -4.39
C SER C 219 43.26 14.25 -2.85
N HIS C 220 43.35 15.42 -2.23
CA HIS C 220 43.27 15.50 -0.78
C HIS C 220 41.86 15.11 -0.30
N ALA C 221 40.84 15.73 -0.88
CA ALA C 221 39.44 15.37 -0.59
C ALA C 221 39.21 13.88 -0.73
N CYS C 222 39.69 13.30 -1.83
CA CYS C 222 39.52 11.87 -2.03
C CYS C 222 40.20 11.06 -0.92
N GLU C 223 41.43 11.42 -0.59
CA GLU C 223 42.18 10.70 0.44
C GLU C 223 41.52 10.85 1.81
N THR C 224 40.99 12.04 2.08
CA THR C 224 40.21 12.27 3.28
C THR C 224 39.00 11.32 3.32
N ALA C 225 38.25 11.26 2.22
CA ALA C 225 37.07 10.41 2.14
C ALA C 225 37.43 8.94 2.33
N VAL C 226 38.56 8.53 1.73
CA VAL C 226 38.99 7.14 1.86
C VAL C 226 39.39 6.84 3.31
N ALA C 227 39.93 7.84 3.99
CA ALA C 227 40.29 7.70 5.41
C ALA C 227 39.05 7.37 6.25
N GLU C 228 37.94 8.09 5.99
CA GLU C 228 36.67 7.79 6.64
C GLU C 228 36.23 6.35 6.38
N MET C 229 36.35 5.91 5.13
CA MET C 229 35.97 4.55 4.77
C MET C 229 36.86 3.51 5.48
N GLU C 230 38.14 3.82 5.66
CA GLU C 230 39.03 2.89 6.34
C GLU C 230 38.68 2.78 7.82
N LYS C 231 38.36 3.92 8.41
CA LYS C 231 37.92 3.99 9.79
C LYS C 231 36.70 3.09 9.98
N PHE C 232 35.69 3.32 9.14
CA PHE C 232 34.47 2.53 9.15
C PHE C 232 34.77 1.04 9.01
N ALA C 233 35.61 0.68 8.04
CA ALA C 233 35.88 -0.73 7.80
C ALA C 233 36.54 -1.42 9.00
N ARG C 234 37.60 -0.81 9.54
CA ARG C 234 38.35 -1.41 10.64
C ARG C 234 37.49 -1.48 11.92
N ALA C 235 36.55 -0.56 12.07
CA ALA C 235 35.64 -0.59 13.20
C ALA C 235 34.50 -1.62 13.06
N HIS C 236 34.12 -2.01 11.85
CA HIS C 236 32.90 -2.80 11.67
C HIS C 236 33.04 -4.12 10.92
N VAL C 237 34.10 -4.28 10.13
CA VAL C 237 34.28 -5.54 9.41
C VAL C 237 34.28 -6.70 10.39
N GLY C 238 33.47 -7.71 10.09
CA GLY C 238 33.42 -8.90 10.91
C GLY C 238 32.41 -8.85 12.05
N ASP C 239 31.57 -7.82 12.06
CA ASP C 239 30.50 -7.70 13.06
C ASP C 239 29.27 -8.53 12.67
N GLY C 240 29.42 -9.37 11.64
CA GLY C 240 28.36 -10.25 11.23
C GLY C 240 27.29 -9.67 10.32
N LYS C 241 27.31 -8.35 10.13
CA LYS C 241 26.33 -7.73 9.24
C LYS C 241 26.90 -6.68 8.26
N THR C 242 28.09 -6.18 8.50
CA THR C 242 28.64 -5.17 7.62
C THR C 242 29.06 -5.74 6.28
N SER C 243 28.47 -5.22 5.22
CA SER C 243 28.76 -5.68 3.89
C SER C 243 29.73 -4.77 3.13
N GLU C 244 30.21 -5.28 2.01
CA GLU C 244 30.98 -4.52 1.09
C GLU C 244 30.27 -3.23 0.77
N ASP C 245 29.02 -3.29 0.41
CA ASP C 245 28.22 -2.11 0.07
C ASP C 245 28.18 -1.09 1.22
N ASP C 246 28.11 -1.58 2.46
CA ASP C 246 28.08 -0.69 3.63
C ASP C 246 29.35 0.15 3.70
N ILE C 247 30.48 -0.52 3.49
CA ILE C 247 31.78 0.13 3.55
C ILE C 247 31.87 1.13 2.41
N TRP C 248 31.60 0.66 1.21
CA TRP C 248 31.71 1.47 0.00
C TRP C 248 30.82 2.71 0.04
N ALA C 249 29.65 2.58 0.65
CA ALA C 249 28.72 3.70 0.80
C ALA C 249 29.34 4.91 1.49
N VAL C 250 30.31 4.67 2.38
CA VAL C 250 31.00 5.77 3.05
C VAL C 250 31.77 6.68 2.06
N LEU C 251 32.51 6.06 1.15
CA LEU C 251 33.20 6.78 0.08
C LEU C 251 32.22 7.66 -0.74
N HIS C 252 31.07 7.09 -1.14
CA HIS C 252 30.07 7.86 -1.88
C HIS C 252 29.67 9.14 -1.16
N ALA C 253 29.30 8.98 0.12
CA ALA C 253 28.76 10.10 0.89
C ALA C 253 29.83 11.17 1.13
N GLU C 254 31.01 10.72 1.51
CA GLU C 254 32.09 11.63 1.87
C GLU C 254 32.59 12.39 0.65
N ASN C 255 32.57 11.73 -0.51
CA ASN C 255 32.87 12.40 -1.78
C ASN C 255 31.85 13.49 -2.09
N ILE C 256 30.56 13.15 -2.01
CA ILE C 256 29.49 14.12 -2.28
C ILE C 256 29.52 15.30 -1.30
N LYS C 257 29.77 15.00 -0.03
CA LYS C 257 29.89 16.04 1.01
C LYS C 257 31.00 17.05 0.70
N ARG C 258 32.00 16.66 -0.08
CA ARG C 258 33.09 17.57 -0.43
C ARG C 258 32.98 18.17 -1.84
N GLY C 259 31.81 17.99 -2.48
CA GLY C 259 31.56 18.55 -3.80
C GLY C 259 32.03 17.66 -4.96
N GLY C 260 32.25 16.39 -4.67
CA GLY C 260 32.61 15.40 -5.68
C GLY C 260 31.39 15.08 -6.54
N GLU C 261 31.54 14.19 -7.53
CA GLU C 261 30.45 14.02 -8.50
C GLU C 261 29.92 12.61 -8.68
N TRP C 262 30.78 11.60 -8.88
CA TRP C 262 30.33 10.21 -8.93
C TRP C 262 31.50 9.25 -8.85
N ILE C 263 31.20 7.96 -8.86
CA ILE C 263 32.23 6.94 -8.88
C ILE C 263 32.01 6.05 -10.10
N GLU C 264 33.08 5.79 -10.84
CA GLU C 264 32.97 5.17 -12.18
C GLU C 264 32.77 3.67 -12.18
N THR C 265 33.20 3.00 -11.10
CA THR C 265 33.17 1.54 -11.09
C THR C 265 32.52 1.04 -9.79
N ARG C 266 32.53 -0.27 -9.59
CA ARG C 266 32.17 -0.85 -8.30
C ARG C 266 33.34 -1.67 -7.77
N LEU C 267 34.56 -1.16 -7.97
CA LEU C 267 35.75 -1.98 -7.68
C LEU C 267 36.18 -1.88 -6.21
N LEU C 268 35.38 -2.52 -5.35
CA LEU C 268 35.76 -2.79 -3.97
C LEU C 268 35.30 -4.20 -3.67
N ALA C 269 36.16 -5.03 -3.11
CA ALA C 269 35.78 -6.41 -2.84
C ALA C 269 36.49 -6.95 -1.61
N SER C 270 35.89 -7.99 -1.02
CA SER C 270 36.40 -8.56 0.23
C SER C 270 36.70 -10.05 0.07
N GLY C 271 37.75 -10.50 0.75
CA GLY C 271 38.07 -11.92 0.80
C GLY C 271 38.26 -12.53 -0.56
N PRO C 272 37.73 -13.75 -0.75
CA PRO C 272 37.99 -14.49 -1.99
C PRO C 272 37.40 -13.79 -3.21
N ARG C 273 36.59 -12.75 -3.00
CA ARG C 273 35.99 -12.04 -4.11
C ARG C 273 36.98 -11.06 -4.74
N THR C 274 38.20 -10.99 -4.20
CA THR C 274 39.24 -10.16 -4.82
C THR C 274 40.04 -10.92 -5.87
N ASN C 275 39.81 -12.23 -5.98
CA ASN C 275 40.52 -13.05 -6.98
C ASN C 275 39.57 -14.04 -7.65
N PRO C 276 39.28 -13.82 -8.95
CA PRO C 276 39.88 -12.82 -9.83
C PRO C 276 39.40 -11.40 -9.57
N TRP C 277 40.24 -10.42 -9.88
CA TRP C 277 39.89 -9.00 -9.76
C TRP C 277 38.80 -8.62 -10.77
N PHE C 278 38.11 -7.51 -10.47
CA PHE C 278 36.95 -6.95 -11.20
C PHE C 278 35.61 -7.55 -10.79
N GLN C 279 35.58 -8.39 -9.76
CA GLN C 279 34.32 -8.71 -9.10
C GLN C 279 33.84 -7.41 -8.45
N GLU C 280 32.52 -7.20 -8.46
CA GLU C 280 31.99 -5.90 -8.08
C GLU C 280 31.57 -5.83 -6.63
N CYS C 281 31.62 -4.62 -6.07
CA CYS C 281 31.14 -4.37 -4.72
C CYS C 281 29.69 -4.80 -4.61
N GLY C 282 29.37 -5.55 -3.55
CA GLY C 282 28.03 -6.10 -3.39
C GLY C 282 27.60 -6.38 -1.96
N PRO C 283 26.68 -7.35 -1.78
CA PRO C 283 26.08 -7.61 -0.47
C PRO C 283 26.94 -8.49 0.45
N ARG C 284 28.03 -9.04 -0.05
CA ARG C 284 28.86 -9.96 0.73
C ARG C 284 29.12 -9.45 2.13
N ILE C 285 28.88 -10.31 3.12
CA ILE C 285 29.12 -9.94 4.50
C ILE C 285 30.60 -10.16 4.79
N THR C 286 31.25 -9.09 5.21
CA THR C 286 32.71 -9.10 5.38
C THR C 286 33.11 -9.90 6.61
N GLN C 287 34.33 -10.44 6.57
CA GLN C 287 34.82 -11.31 7.64
C GLN C 287 36.08 -10.77 8.29
N LYS C 288 36.27 -11.08 9.57
CA LYS C 288 37.54 -10.77 10.21
C LYS C 288 38.62 -11.66 9.63
N ASN C 289 39.87 -11.20 9.69
CA ASN C 289 41.01 -11.92 9.11
C ASN C 289 40.87 -12.11 7.62
N GLU C 290 40.64 -11.01 6.92
CA GLU C 290 40.45 -11.06 5.47
C GLU C 290 40.97 -9.82 4.78
N ILE C 291 41.31 -9.99 3.51
CA ILE C 291 41.71 -8.91 2.63
C ILE C 291 40.50 -8.12 2.13
N ILE C 292 40.61 -6.79 2.14
CA ILE C 292 39.72 -5.94 1.37
C ILE C 292 40.54 -5.05 0.43
N ALA C 293 40.26 -5.15 -0.86
CA ALA C 293 40.95 -4.32 -1.85
C ALA C 293 39.95 -3.44 -2.59
N PHE C 294 40.40 -2.27 -3.01
CA PHE C 294 39.52 -1.36 -3.72
C PHE C 294 40.27 -0.36 -4.59
N ASP C 295 39.50 0.23 -5.49
CA ASP C 295 39.95 1.16 -6.51
C ASP C 295 38.97 2.32 -6.44
N THR C 296 39.45 3.52 -6.10
CA THR C 296 38.54 4.64 -5.87
C THR C 296 37.74 5.06 -7.11
N ASP C 297 38.41 5.08 -8.27
CA ASP C 297 37.80 5.45 -9.56
C ASP C 297 36.85 6.60 -9.43
N LEU C 298 37.31 7.64 -8.76
CA LEU C 298 36.44 8.66 -8.23
C LEU C 298 36.48 9.93 -9.06
N ILE C 299 35.31 10.49 -9.33
CA ILE C 299 35.21 11.78 -9.97
C ILE C 299 34.88 12.77 -8.86
N GLY C 300 35.88 13.54 -8.44
CA GLY C 300 35.76 14.27 -7.20
C GLY C 300 35.60 15.75 -7.32
N SER C 301 36.15 16.47 -6.34
CA SER C 301 36.02 17.92 -6.28
C SER C 301 36.60 18.58 -7.53
N TYR C 302 35.97 19.67 -7.95
CA TYR C 302 36.31 20.35 -9.20
C TYR C 302 36.18 19.44 -10.43
N GLY C 303 35.52 18.29 -10.26
CA GLY C 303 35.30 17.36 -11.34
C GLY C 303 36.54 16.59 -11.73
N ILE C 304 37.56 16.59 -10.88
CA ILE C 304 38.82 15.94 -11.22
C ILE C 304 38.80 14.49 -10.75
N CYS C 305 39.32 13.61 -11.59
CA CYS C 305 39.39 12.19 -11.25
C CYS C 305 40.57 11.88 -10.35
N VAL C 306 40.31 11.11 -9.30
CA VAL C 306 41.36 10.57 -8.44
C VAL C 306 41.25 9.07 -8.46
N ASP C 307 42.27 8.44 -9.02
CA ASP C 307 42.21 7.03 -9.30
C ASP C 307 43.34 6.30 -8.60
N ILE C 308 43.10 5.88 -7.35
CA ILE C 308 44.10 5.18 -6.57
C ILE C 308 43.55 3.88 -6.02
N SER C 309 44.42 2.94 -5.72
CA SER C 309 43.98 1.66 -5.22
C SER C 309 44.80 1.26 -4.00
N ARG C 310 44.11 0.72 -3.00
CA ARG C 310 44.76 0.19 -1.80
C ARG C 310 44.18 -1.17 -1.43
N THR C 311 44.96 -1.93 -0.69
CA THR C 311 44.53 -3.22 -0.17
C THR C 311 44.74 -3.21 1.35
N TRP C 312 43.75 -3.71 2.08
CA TRP C 312 43.75 -3.64 3.55
C TRP C 312 43.67 -5.02 4.17
N TRP C 313 44.38 -5.21 5.28
CA TRP C 313 44.17 -6.39 6.11
C TRP C 313 43.42 -5.99 7.37
N ILE C 314 42.32 -6.68 7.62
CA ILE C 314 41.54 -6.44 8.82
C ILE C 314 41.29 -7.76 9.52
N GLY C 315 41.75 -7.86 10.76
CA GLY C 315 41.65 -9.08 11.52
C GLY C 315 42.48 -9.05 12.78
N ASP C 316 42.47 -10.18 13.49
CA ASP C 316 43.25 -10.34 14.71
C ASP C 316 44.58 -10.96 14.36
N GLN C 317 44.50 -12.02 13.56
CA GLN C 317 45.67 -12.74 13.11
C GLN C 317 46.53 -11.91 12.14
N LYS C 318 47.73 -12.42 11.90
CA LYS C 318 48.63 -11.85 10.93
C LYS C 318 48.16 -12.23 9.53
N PRO C 319 48.46 -11.38 8.55
CA PRO C 319 48.24 -11.78 7.16
C PRO C 319 49.09 -13.01 6.88
N ARG C 320 48.68 -13.87 5.94
CA ARG C 320 49.52 -14.99 5.55
C ARG C 320 50.83 -14.49 4.90
N PRO C 321 51.85 -15.36 4.81
CA PRO C 321 53.12 -14.90 4.25
C PRO C 321 53.01 -14.62 2.75
N ASP C 322 52.20 -15.39 2.04
CA ASP C 322 52.05 -15.21 0.60
C ASP C 322 51.31 -13.90 0.30
N MET C 323 50.46 -13.49 1.25
CA MET C 323 49.79 -12.19 1.17
C MET C 323 50.81 -11.08 1.27
N VAL C 324 51.58 -11.11 2.35
CA VAL C 324 52.65 -10.14 2.59
C VAL C 324 53.62 -10.03 1.41
N TYR C 325 54.02 -11.18 0.86
CA TYR C 325 54.90 -11.16 -0.31
C TYR C 325 54.23 -10.48 -1.50
N ALA C 326 52.99 -10.88 -1.78
CA ALA C 326 52.22 -10.30 -2.88
C ALA C 326 52.10 -8.78 -2.74
N MET C 327 51.85 -8.29 -1.51
CA MET C 327 51.77 -6.86 -1.26
C MET C 327 53.09 -6.17 -1.57
N GLN C 328 54.18 -6.76 -1.12
CA GLN C 328 55.51 -6.20 -1.32
C GLN C 328 55.88 -6.18 -2.79
N HIS C 329 55.57 -7.28 -3.48
CA HIS C 329 55.79 -7.40 -4.91
C HIS C 329 55.01 -6.32 -5.66
N ALA C 330 53.77 -6.11 -5.25
CA ALA C 330 52.89 -5.12 -5.86
C ALA C 330 53.41 -3.71 -5.68
N HIS C 331 53.85 -3.41 -4.46
CA HIS C 331 54.38 -2.10 -4.10
C HIS C 331 55.70 -1.85 -4.86
N GLU C 332 56.48 -2.92 -5.03
CA GLU C 332 57.73 -2.84 -5.76
C GLU C 332 57.45 -2.57 -7.23
N HIS C 333 56.44 -3.25 -7.75
CA HIS C 333 56.02 -3.08 -9.13
C HIS C 333 55.77 -1.61 -9.47
N ILE C 334 54.91 -0.95 -8.69
CA ILE C 334 54.54 0.43 -9.04
C ILE C 334 55.68 1.41 -8.78
N MET C 335 56.45 1.20 -7.72
CA MET C 335 57.53 2.15 -7.39
C MET C 335 58.67 2.06 -8.40
N THR C 336 58.98 0.85 -8.86
CA THR C 336 59.93 0.64 -9.93
C THR C 336 59.46 1.28 -11.23
N ASN C 337 58.22 0.96 -11.63
CA ASN C 337 57.66 1.48 -12.86
C ASN C 337 57.58 3.01 -12.84
N MET C 338 57.21 3.57 -11.70
CA MET C 338 57.13 5.01 -11.50
C MET C 338 58.47 5.72 -11.74
N GLU C 339 59.56 4.99 -11.53
CA GLU C 339 60.88 5.57 -11.67
C GLU C 339 61.21 5.80 -13.13
N MET C 340 60.49 5.15 -14.04
CA MET C 340 60.71 5.33 -15.46
C MET C 340 60.24 6.71 -15.94
N LEU C 341 59.39 7.36 -15.16
CA LEU C 341 58.67 8.55 -15.61
C LEU C 341 59.47 9.84 -15.58
N LYS C 342 59.54 10.50 -16.73
CA LYS C 342 60.17 11.81 -16.90
C LYS C 342 59.89 12.25 -18.33
N PRO C 343 59.95 13.56 -18.61
CA PRO C 343 59.66 14.00 -19.98
C PRO C 343 60.60 13.37 -21.00
N GLY C 344 60.11 13.16 -22.22
CA GLY C 344 60.95 12.62 -23.28
C GLY C 344 60.92 11.12 -23.42
N VAL C 345 60.52 10.41 -22.36
CA VAL C 345 60.41 8.96 -22.45
C VAL C 345 59.28 8.58 -23.39
N MET C 346 59.56 7.69 -24.33
CA MET C 346 58.56 7.21 -25.27
C MET C 346 57.69 6.18 -24.58
N ILE C 347 56.38 6.29 -24.76
CA ILE C 347 55.45 5.38 -24.10
C ILE C 347 55.77 3.90 -24.35
N PRO C 348 56.10 3.51 -25.61
CA PRO C 348 56.37 2.08 -25.79
C PRO C 348 57.63 1.59 -25.07
N ASP C 349 58.46 2.52 -24.60
CA ASP C 349 59.65 2.17 -23.81
C ASP C 349 59.30 1.98 -22.34
N LEU C 350 58.23 2.62 -21.88
CA LEU C 350 57.67 2.32 -20.56
C LEU C 350 57.26 0.85 -20.54
N THR C 351 56.48 0.47 -21.54
CA THR C 351 56.12 -0.92 -21.76
C THR C 351 57.33 -1.86 -21.77
N ALA C 352 58.32 -1.55 -22.61
CA ALA C 352 59.45 -2.46 -22.82
C ALA C 352 60.33 -2.63 -21.58
N ASN C 353 60.36 -1.62 -20.72
CA ASN C 353 61.29 -1.63 -19.59
C ASN C 353 60.63 -1.82 -18.23
N CYS C 354 59.34 -2.15 -18.22
CA CYS C 354 58.62 -2.22 -16.97
C CYS C 354 59.12 -3.35 -16.09
N HIS C 355 58.96 -3.14 -14.79
CA HIS C 355 59.23 -4.15 -13.77
C HIS C 355 58.52 -5.46 -14.11
N ARG C 356 59.22 -6.59 -13.97
CA ARG C 356 58.60 -7.87 -14.30
C ARG C 356 58.05 -8.57 -13.06
N LEU C 357 56.78 -8.97 -13.15
CA LEU C 357 56.13 -9.71 -12.08
C LEU C 357 56.46 -11.20 -12.16
N ASP C 358 56.49 -11.87 -11.00
CA ASP C 358 56.78 -13.30 -10.96
C ASP C 358 55.82 -14.08 -11.85
N ASP C 359 56.30 -15.19 -12.40
CA ASP C 359 55.51 -15.99 -13.32
C ASP C 359 54.11 -16.29 -12.80
N LYS C 360 53.99 -16.48 -11.48
CA LYS C 360 52.73 -16.86 -10.86
C LYS C 360 51.69 -15.74 -10.87
N PHE C 361 52.15 -14.50 -11.11
CA PHE C 361 51.28 -13.34 -11.12
C PHE C 361 51.02 -12.79 -12.52
N GLN C 362 51.63 -13.42 -13.53
CA GLN C 362 51.60 -12.86 -14.88
C GLN C 362 50.25 -13.05 -15.59
N ALA C 363 49.62 -14.20 -15.37
CA ALA C 363 48.38 -14.51 -16.08
C ALA C 363 47.27 -13.52 -15.76
N GLN C 364 47.25 -13.01 -14.53
CA GLN C 364 46.14 -12.19 -14.07
C GLN C 364 46.51 -10.74 -13.83
N LYS C 365 47.67 -10.31 -14.34
CA LYS C 365 48.10 -8.93 -14.13
C LYS C 365 47.12 -7.95 -14.78
N TYR C 366 47.18 -6.69 -14.36
CA TYR C 366 46.24 -5.66 -14.81
C TYR C 366 46.29 -5.49 -16.34
N GLY C 367 45.28 -4.81 -16.88
CA GLY C 367 45.16 -4.58 -18.31
C GLY C 367 46.09 -3.48 -18.80
N CYS C 368 46.71 -2.78 -17.86
CA CYS C 368 47.76 -1.81 -18.17
C CYS C 368 48.65 -1.64 -16.95
N LEU C 369 49.84 -1.08 -17.16
CA LEU C 369 50.72 -0.83 -16.04
C LEU C 369 50.61 0.65 -15.68
N MET C 370 50.11 1.46 -16.62
CA MET C 370 49.86 2.89 -16.41
C MET C 370 48.76 3.40 -17.35
N HIS C 371 48.08 4.47 -16.94
CA HIS C 371 47.16 5.17 -17.83
C HIS C 371 47.06 6.62 -17.41
N GLY C 372 46.72 7.50 -18.34
CA GLY C 372 46.47 8.90 -18.04
C GLY C 372 45.23 9.12 -17.20
N VAL C 373 45.10 10.33 -16.69
CA VAL C 373 43.96 10.65 -15.82
C VAL C 373 43.81 12.15 -15.77
N GLY C 374 42.58 12.62 -15.68
CA GLY C 374 42.29 14.04 -15.61
C GLY C 374 40.88 14.25 -15.11
N LEU C 375 39.93 14.34 -16.04
CA LEU C 375 38.51 14.41 -15.71
C LEU C 375 37.92 13.02 -15.52
N CYS C 376 38.68 12.02 -15.96
CA CYS C 376 38.38 10.60 -15.82
C CYS C 376 39.61 9.88 -16.36
N ASN C 377 39.53 8.56 -16.55
CA ASN C 377 40.65 7.87 -17.20
C ASN C 377 40.82 8.43 -18.61
N GLU C 378 42.07 8.72 -18.98
CA GLU C 378 42.39 9.35 -20.25
C GLU C 378 43.63 8.70 -20.89
N TRP C 379 43.80 8.98 -22.18
CA TRP C 379 45.03 8.66 -22.91
C TRP C 379 46.25 9.16 -22.12
N PRO C 380 47.37 8.43 -22.16
CA PRO C 380 47.63 7.19 -22.89
C PRO C 380 47.32 5.94 -22.09
N LEU C 381 47.30 4.79 -22.76
CA LEU C 381 47.23 3.52 -22.06
C LEU C 381 48.57 2.84 -22.28
N VAL C 382 49.24 2.51 -21.18
CA VAL C 382 50.55 1.85 -21.25
C VAL C 382 50.39 0.37 -20.95
N ALA C 383 50.33 -0.44 -22.00
CA ALA C 383 50.12 -1.88 -21.85
C ALA C 383 51.40 -2.62 -21.45
N TYR C 384 51.22 -3.79 -20.84
CA TYR C 384 52.32 -4.72 -20.60
C TYR C 384 52.81 -5.25 -21.95
N PRO C 385 54.08 -5.67 -22.01
CA PRO C 385 54.67 -6.15 -23.28
C PRO C 385 53.80 -7.18 -24.02
N ASP C 386 53.14 -8.09 -23.34
CA ASP C 386 52.41 -9.15 -24.05
C ASP C 386 51.05 -8.69 -24.62
N LYS C 387 50.65 -7.45 -24.35
CA LYS C 387 49.40 -6.91 -24.91
C LYS C 387 49.60 -5.65 -25.74
N ALA C 388 50.78 -5.05 -25.68
CA ALA C 388 51.04 -3.79 -26.37
C ALA C 388 50.97 -3.94 -27.89
N VAL C 389 50.44 -2.91 -28.54
CA VAL C 389 50.23 -2.92 -29.98
C VAL C 389 51.19 -1.92 -30.62
N PRO C 390 52.08 -2.39 -31.50
CA PRO C 390 53.04 -1.48 -32.12
C PRO C 390 52.32 -0.38 -32.92
N GLY C 391 52.85 0.83 -32.86
CA GLY C 391 52.24 1.98 -33.52
C GLY C 391 50.95 2.50 -32.90
N SER C 392 50.65 2.14 -31.65
CA SER C 392 49.41 2.61 -31.04
C SER C 392 49.61 3.88 -30.22
N TYR C 393 50.72 3.98 -29.49
CA TYR C 393 50.99 5.16 -28.65
C TYR C 393 52.43 5.67 -28.81
N ASP C 394 52.87 5.89 -30.05
CA ASP C 394 54.24 6.34 -30.29
C ASP C 394 54.42 7.82 -30.00
N TYR C 395 54.47 8.16 -28.72
CA TYR C 395 54.55 9.56 -28.29
C TYR C 395 55.37 9.63 -27.01
N PRO C 396 56.05 10.77 -26.78
CA PRO C 396 56.81 10.92 -25.53
C PRO C 396 55.98 11.53 -24.40
N LEU C 397 56.27 11.16 -23.16
CA LEU C 397 55.73 11.89 -22.01
C LEU C 397 56.17 13.34 -22.07
N GLU C 398 55.32 14.23 -21.58
CA GLU C 398 55.64 15.64 -21.48
C GLU C 398 55.24 16.15 -20.09
N PRO C 399 55.90 17.23 -19.61
CA PRO C 399 55.53 17.87 -18.36
C PRO C 399 54.04 18.23 -18.33
N GLY C 400 53.35 17.92 -17.22
CA GLY C 400 51.95 18.28 -17.11
C GLY C 400 51.03 17.09 -17.35
N MET C 401 51.56 16.01 -17.91
CA MET C 401 50.81 14.77 -17.99
C MET C 401 50.66 14.19 -16.60
N VAL C 402 49.57 13.47 -16.38
CA VAL C 402 49.36 12.78 -15.12
C VAL C 402 49.04 11.34 -15.43
N LEU C 403 49.77 10.42 -14.82
CA LEU C 403 49.57 9.00 -15.05
C LEU C 403 49.37 8.26 -13.75
N CYS C 404 48.41 7.34 -13.75
CA CYS C 404 48.26 6.43 -12.63
C CYS C 404 49.11 5.21 -12.87
N VAL C 405 49.71 4.70 -11.81
CA VAL C 405 50.62 3.56 -11.89
C VAL C 405 50.03 2.38 -11.15
N GLU C 406 49.87 1.26 -11.86
CA GLU C 406 49.00 0.18 -11.43
C GLU C 406 49.72 -1.10 -11.01
N ALA C 407 49.16 -1.81 -10.04
CA ALA C 407 49.56 -3.19 -9.80
C ALA C 407 48.39 -4.07 -9.36
N ALA C 408 48.17 -5.14 -10.13
CA ALA C 408 47.27 -6.22 -9.75
C ALA C 408 48.10 -7.49 -9.60
N VAL C 409 48.13 -8.03 -8.37
CA VAL C 409 48.98 -9.18 -8.07
C VAL C 409 48.18 -10.32 -7.44
N GLY C 410 48.04 -11.42 -8.17
CA GLY C 410 47.31 -12.57 -7.67
C GLY C 410 47.52 -13.80 -8.52
N GLU C 411 47.31 -14.97 -7.92
CA GLU C 411 47.56 -16.22 -8.62
C GLU C 411 46.28 -16.80 -9.19
N VAL C 412 46.43 -17.57 -10.25
CA VAL C 412 45.33 -18.28 -10.86
C VAL C 412 44.77 -19.30 -9.87
N GLY C 413 43.51 -19.12 -9.51
CA GLY C 413 42.85 -19.99 -8.55
C GLY C 413 43.11 -19.57 -7.12
N GLY C 414 43.77 -18.43 -6.95
CA GLY C 414 44.10 -17.94 -5.63
C GLY C 414 42.88 -17.42 -4.89
N ASP C 415 43.04 -17.11 -3.61
CA ASP C 415 41.91 -16.71 -2.79
C ASP C 415 42.03 -15.26 -2.33
N PHE C 416 42.96 -14.54 -2.94
CA PHE C 416 43.09 -13.10 -2.74
C PHE C 416 43.89 -12.50 -3.87
N SER C 417 43.79 -11.18 -4.01
CA SER C 417 44.64 -10.40 -4.92
C SER C 417 45.06 -9.16 -4.18
N ILE C 418 46.18 -8.59 -4.59
CA ILE C 418 46.55 -7.26 -4.12
C ILE C 418 46.29 -6.28 -5.27
N LYS C 419 45.70 -5.13 -4.96
CA LYS C 419 45.59 -4.06 -5.94
C LYS C 419 46.12 -2.80 -5.33
N LEU C 420 47.13 -2.22 -5.98
CA LEU C 420 47.71 -0.96 -5.54
C LEU C 420 47.82 0.00 -6.72
N GLU C 421 47.71 1.29 -6.45
CA GLU C 421 47.81 2.27 -7.50
C GLU C 421 48.01 3.69 -6.96
N ASP C 422 48.96 4.42 -7.54
CA ASP C 422 49.20 5.82 -7.19
C ASP C 422 49.03 6.70 -8.43
N GLN C 423 48.80 7.99 -8.20
CA GLN C 423 48.52 8.96 -9.25
C GLN C 423 49.69 9.95 -9.37
N VAL C 424 50.41 9.92 -10.50
CA VAL C 424 51.69 10.60 -10.61
C VAL C 424 51.76 11.69 -11.69
N LEU C 425 52.16 12.88 -11.27
CA LEU C 425 52.35 14.00 -12.19
C LEU C 425 53.74 13.95 -12.85
N ILE C 426 53.81 14.24 -14.15
CA ILE C 426 55.11 14.38 -14.82
C ILE C 426 55.57 15.84 -14.69
N THR C 427 56.79 16.01 -14.18
CA THR C 427 57.36 17.34 -13.91
C THR C 427 58.38 17.69 -15.00
N GLU C 428 58.98 18.87 -14.91
CA GLU C 428 60.02 19.28 -15.86
C GLU C 428 61.20 18.31 -15.89
N ASP C 429 61.53 17.76 -14.72
CA ASP C 429 62.77 17.00 -14.55
C ASP C 429 62.53 15.52 -14.27
N GLY C 430 61.29 15.15 -13.97
CA GLY C 430 60.99 13.78 -13.61
C GLY C 430 59.53 13.58 -13.27
N TYR C 431 59.27 13.18 -12.03
CA TYR C 431 57.90 12.95 -11.60
C TYR C 431 57.64 13.41 -10.18
N GLU C 432 56.36 13.53 -9.85
CA GLU C 432 55.90 13.76 -8.49
C GLU C 432 54.70 12.87 -8.17
N ASN C 433 54.89 11.91 -7.28
CA ASN C 433 53.78 11.10 -6.81
C ASN C 433 52.82 11.96 -6.00
N LEU C 434 51.60 12.14 -6.51
CA LEU C 434 50.63 13.00 -5.84
C LEU C 434 49.94 12.27 -4.68
N THR C 435 50.06 10.95 -4.67
CA THR C 435 49.31 10.14 -3.74
C THR C 435 50.10 9.93 -2.44
N THR C 436 49.51 10.33 -1.31
CA THR C 436 50.17 10.19 -0.02
C THR C 436 49.55 9.15 0.90
N TYR C 437 48.48 8.51 0.43
CA TYR C 437 47.75 7.56 1.28
C TYR C 437 48.65 6.40 1.70
N PRO C 438 48.62 6.04 2.99
CA PRO C 438 49.50 4.98 3.48
C PRO C 438 49.23 3.60 2.89
N PHE C 439 50.25 2.74 2.95
CA PHE C 439 50.09 1.34 2.61
C PHE C 439 49.94 0.53 3.90
N ASP C 440 49.04 -0.43 3.88
CA ASP C 440 48.78 -1.32 5.02
C ASP C 440 50.08 -1.89 5.63
N ALA C 441 50.38 -1.45 6.85
CA ALA C 441 51.61 -1.90 7.54
C ALA C 441 51.73 -3.42 7.65
N ALA C 442 50.66 -4.10 8.01
CA ALA C 442 50.72 -5.54 8.20
C ALA C 442 51.00 -6.27 6.88
N LEU C 443 50.38 -5.80 5.81
CA LEU C 443 50.56 -6.44 4.52
C LEU C 443 51.97 -6.20 3.98
N MET C 444 52.52 -5.05 4.33
CA MET C 444 53.89 -4.69 3.91
C MET C 444 54.96 -5.48 4.69
N GLY C 445 54.54 -6.11 5.79
CA GLY C 445 55.43 -6.93 6.59
C GLY C 445 55.99 -6.22 7.82
N LEU C 446 55.32 -5.17 8.26
CA LEU C 446 55.77 -4.38 9.40
C LEU C 446 54.86 -4.57 10.62
N ALA C 447 54.98 -3.66 11.61
CA ALA C 447 54.19 -3.70 12.84
C ALA C 447 54.55 -2.50 13.73
N ARG D 9 -42.95 9.82 -9.62
CA ARG D 9 -42.17 8.73 -10.19
C ARG D 9 -42.44 7.39 -9.50
N LYS D 10 -43.38 6.63 -10.05
CA LYS D 10 -43.77 5.36 -9.45
C LYS D 10 -42.65 4.33 -9.48
N ILE D 11 -42.63 3.44 -8.49
CA ILE D 11 -41.74 2.30 -8.51
C ILE D 11 -42.42 1.12 -9.19
N ASP D 12 -43.75 1.10 -9.15
CA ASP D 12 -44.52 0.07 -9.84
C ASP D 12 -45.48 0.74 -10.83
N PRO D 13 -45.13 0.73 -12.12
CA PRO D 13 -45.90 1.43 -13.15
C PRO D 13 -47.32 0.87 -13.31
N SER D 14 -47.50 -0.39 -12.93
CA SER D 14 -48.79 -1.07 -13.11
C SER D 14 -49.82 -0.68 -12.07
N ARG D 15 -49.46 0.18 -11.11
CA ARG D 15 -50.38 0.52 -10.05
C ARG D 15 -50.58 2.02 -9.96
N GLY D 16 -51.56 2.40 -9.14
CA GLY D 16 -51.93 3.80 -8.97
C GLY D 16 -51.07 4.48 -7.93
N ALA D 17 -51.70 5.30 -7.08
CA ALA D 17 -50.99 6.07 -6.06
C ALA D 17 -50.35 5.21 -4.96
N THR D 18 -50.83 3.98 -4.78
CA THR D 18 -50.33 3.13 -3.71
C THR D 18 -49.95 1.75 -4.17
N LEU D 19 -49.05 1.13 -3.41
CA LEU D 19 -48.70 -0.26 -3.63
C LEU D 19 -49.76 -1.14 -2.97
N GLY D 20 -49.66 -2.45 -3.18
CA GLY D 20 -50.66 -3.38 -2.69
C GLY D 20 -50.79 -3.41 -1.17
N ASP D 21 -49.79 -2.88 -0.48
CA ASP D 21 -49.86 -2.82 0.97
C ASP D 21 -50.24 -1.44 1.49
N GLY D 22 -50.71 -0.58 0.59
CA GLY D 22 -51.16 0.75 0.96
C GLY D 22 -50.07 1.83 1.05
N THR D 23 -48.80 1.44 1.00
CA THR D 23 -47.72 2.43 1.07
C THR D 23 -47.63 3.21 -0.26
N PRO D 24 -46.96 4.39 -0.26
CA PRO D 24 -46.94 5.17 -1.50
C PRO D 24 -46.16 4.51 -2.65
N ASN D 25 -46.75 4.53 -3.84
CA ASN D 25 -46.07 4.07 -5.06
C ASN D 25 -45.09 5.13 -5.53
N ASP D 26 -43.96 5.22 -4.84
CA ASP D 26 -43.01 6.29 -5.04
C ASP D 26 -41.58 5.74 -4.94
N ASN D 27 -40.88 5.77 -6.06
CA ASN D 27 -39.52 5.22 -6.14
C ASN D 27 -38.53 6.02 -5.27
N ASP D 28 -38.85 7.29 -5.00
CA ASP D 28 -37.97 8.17 -4.25
C ASP D 28 -38.33 8.35 -2.77
N ARG D 29 -39.28 7.57 -2.27
CA ARG D 29 -39.79 7.72 -0.90
C ARG D 29 -38.72 7.37 0.14
N ILE D 30 -38.87 7.91 1.35
CA ILE D 30 -37.97 7.58 2.45
C ILE D 30 -38.17 6.14 2.90
N GLU D 31 -39.43 5.76 3.12
CA GLU D 31 -39.76 4.45 3.65
C GLU D 31 -39.24 3.33 2.76
N ILE D 32 -38.64 2.30 3.37
CA ILE D 32 -38.22 1.13 2.63
C ILE D 32 -39.30 0.06 2.76
N GLY D 33 -38.97 -1.19 2.49
CA GLY D 33 -39.97 -2.25 2.49
C GLY D 33 -39.57 -3.33 1.50
N PRO D 34 -40.48 -4.28 1.22
CA PRO D 34 -40.17 -5.33 0.25
C PRO D 34 -39.87 -4.76 -1.15
N THR D 35 -39.05 -5.49 -1.89
CA THR D 35 -38.63 -5.09 -3.22
C THR D 35 -39.62 -5.55 -4.28
N GLN D 36 -39.53 -4.97 -5.47
CA GLN D 36 -40.36 -5.36 -6.59
C GLN D 36 -40.19 -6.86 -6.88
N LEU D 37 -38.99 -7.39 -6.68
CA LEU D 37 -38.78 -8.84 -6.76
C LEU D 37 -39.74 -9.59 -5.83
N ALA D 38 -39.77 -9.19 -4.56
CA ALA D 38 -40.61 -9.84 -3.56
C ALA D 38 -42.10 -9.70 -3.91
N PHE D 39 -42.53 -8.49 -4.25
CA PHE D 39 -43.94 -8.25 -4.58
C PHE D 39 -44.36 -9.11 -5.76
N SER D 40 -43.45 -9.26 -6.71
CA SER D 40 -43.69 -10.03 -7.92
C SER D 40 -43.86 -11.49 -7.55
N GLU D 41 -42.99 -11.99 -6.68
CA GLU D 41 -43.07 -13.39 -6.28
C GLU D 41 -44.33 -13.68 -5.46
N TRP D 42 -44.75 -12.69 -4.67
CA TRP D 42 -45.90 -12.87 -3.79
C TRP D 42 -47.19 -12.87 -4.61
N ALA D 43 -47.28 -11.98 -5.60
CA ALA D 43 -48.45 -11.94 -6.48
C ALA D 43 -48.60 -13.27 -7.22
N ALA D 44 -47.50 -13.78 -7.77
CA ALA D 44 -47.52 -15.06 -8.46
C ALA D 44 -47.94 -16.20 -7.54
N ALA D 45 -47.58 -16.09 -6.26
CA ALA D 45 -47.84 -17.16 -5.30
C ALA D 45 -49.27 -17.10 -4.79
N GLY D 46 -49.96 -16.00 -5.08
CA GLY D 46 -51.37 -15.86 -4.70
C GLY D 46 -51.60 -15.22 -3.35
N LEU D 47 -50.55 -14.63 -2.77
CA LEU D 47 -50.59 -14.12 -1.40
C LEU D 47 -51.26 -12.76 -1.26
N GLN D 48 -52.21 -12.66 -0.35
CA GLN D 48 -52.78 -11.37 0.02
C GLN D 48 -51.79 -10.54 0.86
N LEU D 49 -51.61 -9.27 0.50
CA LEU D 49 -50.68 -8.39 1.17
C LEU D 49 -51.28 -7.72 2.42
N PRO D 50 -50.44 -7.51 3.46
CA PRO D 50 -50.89 -6.76 4.64
C PRO D 50 -51.20 -5.32 4.29
N ASN D 51 -52.13 -4.69 5.00
CA ASN D 51 -52.25 -3.24 4.93
C ASN D 51 -51.42 -2.65 6.07
N LEU D 52 -50.37 -1.91 5.75
CA LEU D 52 -49.40 -1.56 6.79
C LEU D 52 -50.02 -0.57 7.79
N ASP D 53 -50.85 0.34 7.31
CA ASP D 53 -51.50 1.30 8.20
C ASP D 53 -52.35 0.60 9.25
N ARG D 54 -53.15 -0.38 8.84
CA ARG D 54 -53.99 -1.09 9.79
C ARG D 54 -53.14 -1.95 10.72
N MET D 55 -52.02 -2.44 10.21
CA MET D 55 -51.12 -3.26 11.02
C MET D 55 -50.52 -2.44 12.15
N ARG D 56 -50.13 -1.22 11.83
CA ARG D 56 -49.43 -0.34 12.78
C ARG D 56 -50.40 0.14 13.87
N GLU D 57 -51.64 0.39 13.47
CA GLU D 57 -52.68 0.80 14.40
C GLU D 57 -53.03 -0.33 15.36
N TYR D 58 -53.14 -1.56 14.83
CA TYR D 58 -53.45 -2.72 15.65
C TYR D 58 -52.42 -2.91 16.76
N ARG D 59 -51.15 -2.87 16.38
CA ARG D 59 -50.06 -3.01 17.34
C ARG D 59 -50.12 -1.93 18.42
N TRP D 60 -50.30 -0.70 17.97
CA TRP D 60 -50.30 0.44 18.88
C TRP D 60 -51.46 0.36 19.86
N LYS D 61 -52.66 0.08 19.35
CA LYS D 61 -53.85 -0.05 20.18
C LYS D 61 -53.68 -1.15 21.22
N ARG D 62 -53.16 -2.29 20.77
CA ARG D 62 -52.94 -3.44 21.63
C ARG D 62 -51.90 -3.15 22.73
N LEU D 63 -50.81 -2.47 22.36
CA LEU D 63 -49.76 -2.17 23.31
C LEU D 63 -50.28 -1.13 24.33
N THR D 64 -51.03 -0.14 23.86
CA THR D 64 -51.60 0.86 24.76
C THR D 64 -52.51 0.16 25.78
N GLN D 65 -53.30 -0.77 25.30
CA GLN D 65 -54.26 -1.50 26.14
C GLN D 65 -53.55 -2.33 27.21
N ALA D 66 -52.42 -2.91 26.83
CA ALA D 66 -51.61 -3.74 27.72
C ALA D 66 -51.11 -2.92 28.92
N ILE D 67 -50.82 -1.66 28.66
CA ILE D 67 -50.39 -0.70 29.67
C ILE D 67 -51.57 -0.35 30.59
N VAL D 68 -52.71 -0.06 29.98
CA VAL D 68 -53.91 0.27 30.73
C VAL D 68 -54.31 -0.90 31.62
N ASP D 69 -54.36 -2.11 31.06
CA ASP D 69 -54.74 -3.31 31.82
C ASP D 69 -53.85 -3.54 33.05
N ARG D 70 -52.62 -3.06 33.01
CA ARG D 70 -51.72 -3.33 34.10
C ARG D 70 -51.74 -2.22 35.14
N GLY D 71 -52.42 -1.13 34.81
CA GLY D 71 -52.43 0.04 35.69
C GLY D 71 -51.11 0.80 35.68
N TYR D 72 -50.37 0.73 34.58
CA TYR D 72 -49.15 1.50 34.43
C TYR D 72 -49.47 2.81 33.73
N GLY D 73 -48.57 3.79 33.81
CA GLY D 73 -48.78 5.03 33.09
C GLY D 73 -48.09 5.06 31.74
N GLY D 74 -47.13 4.17 31.55
CA GLY D 74 -46.37 4.19 30.32
C GLY D 74 -45.41 3.03 30.17
N LEU D 75 -44.88 2.90 28.97
CA LEU D 75 -43.91 1.88 28.66
C LEU D 75 -42.78 2.55 27.88
N LEU D 76 -41.56 2.39 28.38
CA LEU D 76 -40.40 2.97 27.73
C LEU D 76 -39.54 1.84 27.13
N MET D 77 -39.25 1.97 25.84
CA MET D 77 -38.60 0.90 25.09
C MET D 77 -37.26 1.35 24.47
N PHE D 78 -36.19 0.60 24.76
CA PHE D 78 -34.86 0.84 24.17
C PHE D 78 -34.45 -0.34 23.28
N ASP D 79 -35.20 -1.42 23.36
CA ASP D 79 -34.88 -2.59 22.53
C ASP D 79 -35.40 -2.29 21.13
N PRO D 80 -34.51 -2.28 20.10
CA PRO D 80 -34.93 -1.99 18.72
C PRO D 80 -36.09 -2.86 18.24
N LEU D 81 -36.21 -4.09 18.74
CA LEU D 81 -37.31 -4.96 18.35
C LEU D 81 -38.64 -4.49 18.94
N ASN D 82 -38.60 -3.93 20.15
CA ASN D 82 -39.83 -3.40 20.73
C ASN D 82 -40.15 -2.06 20.08
N ILE D 83 -39.10 -1.33 19.71
CA ILE D 83 -39.29 -0.08 18.98
C ILE D 83 -39.94 -0.35 17.62
N ARG D 84 -39.49 -1.42 16.97
CA ARG D 84 -40.05 -1.84 15.69
C ARG D 84 -41.53 -2.19 15.88
N TYR D 85 -41.85 -2.91 16.94
CA TYR D 85 -43.25 -3.28 17.20
C TYR D 85 -44.14 -2.05 17.35
N ALA D 86 -43.70 -1.10 18.16
CA ALA D 86 -44.49 0.08 18.51
C ALA D 86 -44.68 1.07 17.34
N THR D 87 -43.66 1.20 16.50
CA THR D 87 -43.62 2.28 15.52
C THR D 87 -43.49 1.77 14.09
N ASP D 88 -43.07 0.52 13.94
CA ASP D 88 -42.70 -0.04 12.63
C ASP D 88 -41.57 0.71 11.95
N SER D 89 -40.84 1.52 12.72
CA SER D 89 -39.77 2.33 12.15
C SER D 89 -38.40 1.75 12.49
N THR D 90 -37.60 1.49 11.45
CA THR D 90 -36.23 1.00 11.64
C THR D 90 -35.22 2.14 11.56
N ASN D 91 -34.09 1.95 12.24
CA ASN D 91 -32.97 2.87 12.11
C ASN D 91 -31.70 2.21 12.61
N MET D 92 -30.87 1.75 11.68
CA MET D 92 -29.63 1.03 12.02
C MET D 92 -29.90 -0.05 13.04
N GLN D 93 -30.89 -0.91 12.78
CA GLN D 93 -31.37 -1.89 13.76
C GLN D 93 -30.26 -2.65 14.46
N LEU D 94 -29.31 -3.18 13.70
CA LEU D 94 -28.25 -3.98 14.30
C LEU D 94 -27.31 -3.12 15.16
N TRP D 95 -27.01 -1.90 14.69
CA TRP D 95 -26.20 -1.01 15.52
C TRP D 95 -26.99 -0.73 16.80
N ASN D 96 -28.29 -0.53 16.65
CA ASN D 96 -29.15 -0.18 17.77
C ASN D 96 -29.21 -1.29 18.84
N THR D 97 -29.13 -2.54 18.42
CA THR D 97 -29.22 -3.64 19.38
C THR D 97 -28.14 -3.60 20.48
N HIS D 98 -26.95 -3.09 20.18
CA HIS D 98 -25.94 -3.02 21.22
C HIS D 98 -25.44 -1.58 21.43
N ASN D 99 -26.15 -0.62 20.84
CA ASN D 99 -25.90 0.80 21.10
C ASN D 99 -27.22 1.51 21.35
N PRO D 100 -27.61 1.66 22.61
CA PRO D 100 -28.98 2.13 22.86
C PRO D 100 -29.15 3.64 22.63
N PHE D 101 -29.20 4.08 21.36
CA PHE D 101 -29.31 5.50 21.06
C PHE D 101 -30.75 5.95 20.94
N ARG D 102 -31.67 4.99 20.97
CA ARG D 102 -33.05 5.20 20.56
C ARG D 102 -34.03 4.88 21.70
N ALA D 103 -35.15 5.59 21.76
CA ALA D 103 -36.17 5.24 22.75
C ALA D 103 -37.57 5.61 22.32
N VAL D 104 -38.52 4.79 22.70
CA VAL D 104 -39.93 5.10 22.47
C VAL D 104 -40.69 5.09 23.79
N LEU D 105 -41.40 6.18 24.05
CA LEU D 105 -42.34 6.23 25.15
C LEU D 105 -43.78 6.11 24.64
N LEU D 106 -44.52 5.12 25.13
CA LEU D 106 -45.95 5.03 24.88
C LEU D 106 -46.70 5.24 26.21
N CYS D 107 -47.55 6.24 26.27
CA CYS D 107 -48.30 6.54 27.51
C CYS D 107 -49.67 5.88 27.54
N ALA D 108 -50.32 5.91 28.71
CA ALA D 108 -51.60 5.21 28.88
C ALA D 108 -52.72 5.81 28.05
N ASP D 109 -52.60 7.08 27.66
CA ASP D 109 -53.59 7.67 26.76
C ASP D 109 -53.29 7.39 25.29
N GLY D 110 -52.28 6.54 25.02
CA GLY D 110 -51.88 6.23 23.66
C GLY D 110 -50.87 7.18 23.03
N TYR D 111 -50.54 8.28 23.72
CA TYR D 111 -49.59 9.25 23.19
C TYR D 111 -48.19 8.64 23.07
N MET D 112 -47.55 8.78 21.91
CA MET D 112 -46.31 8.05 21.65
C MET D 112 -45.20 8.96 21.09
N VAL D 113 -44.05 8.94 21.78
CA VAL D 113 -42.92 9.80 21.43
C VAL D 113 -41.69 8.96 21.10
N ILE D 114 -40.95 9.34 20.07
CA ILE D 114 -39.66 8.70 19.84
C ILE D 114 -38.50 9.68 20.05
N TRP D 115 -37.47 9.20 20.72
CA TRP D 115 -36.18 9.85 20.73
C TRP D 115 -35.30 9.11 19.72
N ASP D 116 -34.98 9.77 18.61
CA ASP D 116 -34.22 9.12 17.55
C ASP D 116 -32.81 9.68 17.48
N TYR D 117 -32.00 9.05 16.65
CA TYR D 117 -30.69 9.57 16.31
C TYR D 117 -30.82 11.03 15.91
N LYS D 118 -29.97 11.87 16.49
CA LYS D 118 -30.02 13.31 16.29
C LYS D 118 -30.14 13.68 14.81
N ASN D 119 -29.31 13.06 13.98
CA ASN D 119 -29.28 13.33 12.54
C ASN D 119 -30.46 12.74 11.72
N SER D 120 -31.34 11.95 12.33
CA SER D 120 -32.36 11.29 11.54
C SER D 120 -33.78 11.34 12.09
N PRO D 121 -34.30 12.54 12.38
CA PRO D 121 -35.66 12.59 12.94
C PRO D 121 -36.76 12.15 11.97
N PHE D 122 -36.46 12.17 10.68
CA PHE D 122 -37.45 11.91 9.65
C PHE D 122 -37.83 10.44 9.48
N LEU D 123 -37.05 9.52 10.07
CA LEU D 123 -37.25 8.11 9.76
C LEU D 123 -38.57 7.52 10.28
N SER D 124 -39.30 8.22 11.14
CA SER D 124 -40.54 7.64 11.68
C SER D 124 -41.74 8.51 11.35
N LYS D 125 -41.50 9.57 10.58
CA LYS D 125 -42.57 10.50 10.25
C LYS D 125 -43.65 9.89 9.35
N PHE D 126 -43.39 8.71 8.78
CA PHE D 126 -44.38 8.01 7.97
C PHE D 126 -45.50 7.43 8.84
N ASN D 127 -45.22 7.26 10.14
CA ASN D 127 -46.21 6.72 11.08
C ASN D 127 -46.76 7.83 11.96
N PRO D 128 -47.96 8.33 11.64
CA PRO D 128 -48.61 9.44 12.35
C PRO D 128 -48.89 9.11 13.82
N LEU D 129 -48.94 7.83 14.17
CA LEU D 129 -49.09 7.43 15.59
C LEU D 129 -47.89 7.84 16.44
N VAL D 130 -46.77 8.13 15.78
CA VAL D 130 -45.61 8.68 16.46
C VAL D 130 -45.81 10.19 16.49
N ARG D 131 -46.12 10.73 17.66
CA ARG D 131 -46.60 12.11 17.74
C ARG D 131 -45.47 13.13 17.74
N GLU D 132 -44.30 12.74 18.24
CA GLU D 132 -43.13 13.62 18.26
C GLU D 132 -41.86 12.86 17.95
N GLN D 133 -40.91 13.55 17.33
CA GLN D 133 -39.58 13.01 17.09
C GLN D 133 -38.56 13.87 17.83
N ARG D 134 -37.94 13.32 18.86
CA ARG D 134 -36.96 14.05 19.63
C ARG D 134 -35.57 13.42 19.48
N SER D 135 -34.63 13.88 20.29
CA SER D 135 -33.31 13.26 20.40
C SER D 135 -32.84 13.35 21.84
N GLY D 136 -31.72 12.69 22.12
CA GLY D 136 -31.06 12.82 23.41
C GLY D 136 -31.33 11.69 24.38
N ALA D 137 -31.68 10.50 23.88
CA ALA D 137 -31.90 9.36 24.77
C ALA D 137 -30.73 8.40 24.73
N ASP D 138 -29.64 8.85 24.11
CA ASP D 138 -28.47 7.99 23.92
C ASP D 138 -27.55 8.08 25.14
N LEU D 139 -27.70 7.14 26.07
CA LEU D 139 -27.06 7.22 27.37
C LEU D 139 -25.97 6.17 27.54
N PHE D 140 -24.95 6.22 26.70
CA PHE D 140 -23.89 5.23 26.79
C PHE D 140 -22.53 5.86 26.46
N TYR D 141 -21.46 5.20 26.91
CA TYR D 141 -20.15 5.83 26.99
C TYR D 141 -19.56 6.26 25.64
N PHE D 142 -19.69 5.42 24.61
CA PHE D 142 -19.23 5.81 23.28
C PHE D 142 -19.84 7.16 22.87
N ASP D 143 -21.16 7.27 22.98
CA ASP D 143 -21.87 8.47 22.51
C ASP D 143 -21.69 9.72 23.37
N ARG D 144 -21.38 9.57 24.66
CA ARG D 144 -21.36 10.75 25.53
C ARG D 144 -20.19 10.81 26.53
N GLY D 145 -19.37 9.77 26.57
CA GLY D 145 -18.17 9.77 27.39
C GLY D 145 -18.48 10.03 28.85
N ASP D 146 -17.73 10.93 29.47
CA ASP D 146 -17.92 11.20 30.90
C ASP D 146 -19.10 12.14 31.21
N LYS D 147 -19.91 12.46 30.20
CA LYS D 147 -21.07 13.31 30.43
C LYS D 147 -22.40 12.60 30.09
N VAL D 148 -22.45 11.29 30.35
CA VAL D 148 -23.69 10.54 30.21
C VAL D 148 -24.72 11.05 31.23
N ASP D 149 -24.29 11.23 32.48
CA ASP D 149 -25.22 11.54 33.57
C ASP D 149 -26.02 12.84 33.35
N VAL D 150 -25.37 13.85 32.79
CA VAL D 150 -26.02 15.14 32.57
C VAL D 150 -27.21 14.99 31.62
N GLN D 151 -27.00 14.21 30.56
CA GLN D 151 -28.06 14.02 29.58
C GLN D 151 -29.08 13.04 30.13
N ALA D 152 -28.65 12.13 31.00
CA ALA D 152 -29.59 11.16 31.56
C ALA D 152 -30.67 11.91 32.35
N ASP D 153 -30.26 12.97 33.04
CA ASP D 153 -31.21 13.80 33.80
C ASP D 153 -32.08 14.66 32.89
N VAL D 154 -31.52 15.17 31.79
CA VAL D 154 -32.34 15.86 30.81
C VAL D 154 -33.42 14.93 30.25
N PHE D 155 -33.01 13.72 29.86
CA PHE D 155 -33.95 12.74 29.30
C PHE D 155 -35.00 12.32 30.33
N ALA D 156 -34.56 12.03 31.57
CA ALA D 156 -35.49 11.61 32.61
C ALA D 156 -36.54 12.68 32.92
N ASN D 157 -36.12 13.92 32.90
CA ASN D 157 -37.04 15.03 33.12
C ASN D 157 -38.05 15.16 31.98
N GLU D 158 -37.60 14.89 30.76
CA GLU D 158 -38.53 14.93 29.63
C GLU D 158 -39.61 13.86 29.78
N VAL D 159 -39.20 12.67 30.23
CA VAL D 159 -40.13 11.57 30.44
C VAL D 159 -41.11 11.91 31.54
N ARG D 160 -40.62 12.50 32.64
CA ARG D 160 -41.48 12.96 33.73
C ARG D 160 -42.56 13.90 33.22
N VAL D 161 -42.17 14.91 32.44
CA VAL D 161 -43.14 15.88 31.94
C VAL D 161 -44.15 15.23 30.98
N LEU D 162 -43.70 14.37 30.07
CA LEU D 162 -44.61 13.65 29.18
C LEU D 162 -45.61 12.80 29.98
N MET D 163 -45.11 12.14 31.02
CA MET D 163 -45.98 11.31 31.87
C MET D 163 -46.96 12.14 32.72
N GLN D 164 -46.52 13.30 33.18
CA GLN D 164 -47.41 14.23 33.88
C GLN D 164 -48.56 14.67 32.98
N ASP D 165 -48.26 14.87 31.70
CA ASP D 165 -49.25 15.37 30.75
C ASP D 165 -50.13 14.28 30.17
N HIS D 166 -49.62 13.06 30.07
CA HIS D 166 -50.33 12.03 29.32
C HIS D 166 -50.65 10.80 30.14
N ALA D 167 -50.13 10.77 31.36
CA ALA D 167 -50.53 9.75 32.31
C ALA D 167 -50.56 10.29 33.75
N PRO D 168 -51.24 11.43 33.97
CA PRO D 168 -51.19 12.05 35.31
C PRO D 168 -51.60 11.10 36.43
N GLY D 169 -50.87 11.12 37.54
CA GLY D 169 -51.14 10.26 38.68
C GLY D 169 -50.47 8.91 38.65
N HIS D 170 -49.95 8.52 37.49
CA HIS D 170 -49.20 7.28 37.37
C HIS D 170 -47.72 7.48 37.69
N THR D 171 -47.19 6.63 38.55
CA THR D 171 -45.76 6.63 38.85
C THR D 171 -45.12 5.33 38.35
N ARG D 172 -45.95 4.38 37.93
CA ARG D 172 -45.43 3.13 37.39
C ARG D 172 -45.10 3.25 35.91
N LEU D 173 -43.81 3.07 35.62
CA LEU D 173 -43.26 3.16 34.27
C LEU D 173 -42.60 1.84 33.92
N ALA D 174 -43.18 1.10 32.96
CA ALA D 174 -42.52 -0.13 32.50
C ALA D 174 -41.36 0.25 31.57
N VAL D 175 -40.22 -0.41 31.76
CA VAL D 175 -39.03 -0.19 30.91
C VAL D 175 -38.51 -1.56 30.47
N ASP D 176 -38.21 -1.74 29.19
CA ASP D 176 -37.80 -3.08 28.78
C ASP D 176 -36.37 -3.35 29.20
N LYS D 177 -35.46 -2.43 28.88
CA LYS D 177 -34.04 -2.55 29.21
C LYS D 177 -33.39 -1.17 29.08
N ILE D 178 -32.61 -0.77 30.08
CA ILE D 178 -32.04 0.58 30.10
C ILE D 178 -30.71 0.59 30.85
N MET D 179 -29.77 1.39 30.36
CA MET D 179 -28.47 1.58 31.02
C MET D 179 -28.64 2.15 32.44
N LEU D 180 -27.71 1.80 33.32
CA LEU D 180 -27.81 2.17 34.73
C LEU D 180 -28.02 3.69 34.92
N HIS D 181 -27.27 4.51 34.19
CA HIS D 181 -27.46 5.98 34.26
C HIS D 181 -28.90 6.41 33.99
N GLY D 182 -29.54 5.78 33.01
CA GLY D 182 -30.92 6.11 32.69
C GLY D 182 -31.86 5.62 33.79
N LEU D 183 -31.59 4.43 34.30
CA LEU D 183 -32.39 3.88 35.38
C LEU D 183 -32.34 4.78 36.62
N ARG D 184 -31.13 5.21 37.00
CA ARG D 184 -30.98 6.05 38.17
C ARG D 184 -31.71 7.37 37.96
N ALA D 185 -31.62 7.92 36.76
CA ALA D 185 -32.20 9.22 36.51
C ALA D 185 -33.73 9.16 36.55
N LEU D 186 -34.30 8.05 36.06
CA LEU D 186 -35.75 7.91 36.06
C LEU D 186 -36.26 7.74 37.49
N GLU D 187 -35.55 6.94 38.27
CA GLU D 187 -35.95 6.71 39.65
C GLU D 187 -35.82 8.00 40.44
N ALA D 188 -34.86 8.83 40.07
CA ALA D 188 -34.68 10.12 40.73
C ALA D 188 -35.87 11.05 40.45
N GLN D 189 -36.61 10.77 39.37
CA GLN D 189 -37.79 11.55 39.04
C GLN D 189 -39.04 11.01 39.72
N GLY D 190 -38.90 9.95 40.51
CA GLY D 190 -40.04 9.41 41.22
C GLY D 190 -40.75 8.24 40.56
N PHE D 191 -40.19 7.69 39.48
CA PHE D 191 -40.82 6.56 38.82
C PHE D 191 -40.53 5.26 39.55
N GLU D 192 -41.55 4.41 39.64
CA GLU D 192 -41.33 3.02 40.00
C GLU D 192 -41.17 2.22 38.71
N ILE D 193 -40.00 1.62 38.52
CA ILE D 193 -39.66 0.99 37.26
C ILE D 193 -40.17 -0.44 37.19
N MET D 194 -41.12 -0.69 36.28
CA MET D 194 -41.72 -2.01 36.16
C MET D 194 -41.08 -2.83 35.02
N GLU D 195 -41.30 -4.14 35.01
CA GLU D 195 -40.67 -5.01 34.01
C GLU D 195 -41.32 -4.85 32.63
N GLY D 196 -40.63 -4.17 31.72
CA GLY D 196 -41.19 -3.86 30.42
C GLY D 196 -41.41 -5.06 29.52
N GLU D 197 -40.50 -6.04 29.59
CA GLU D 197 -40.58 -7.23 28.72
C GLU D 197 -41.85 -8.06 28.99
N GLU D 198 -42.30 -8.07 30.23
CA GLU D 198 -43.54 -8.76 30.58
C GLU D 198 -44.71 -8.16 29.80
N VAL D 199 -44.64 -6.85 29.54
CA VAL D 199 -45.67 -6.16 28.77
C VAL D 199 -45.51 -6.40 27.26
N THR D 200 -44.28 -6.25 26.75
CA THR D 200 -44.05 -6.35 25.31
C THR D 200 -44.19 -7.79 24.81
N GLU D 201 -43.67 -8.75 25.56
CA GLU D 201 -43.73 -10.14 25.12
C GLU D 201 -45.17 -10.62 25.04
N LYS D 202 -46.00 -10.23 26.00
CA LYS D 202 -47.38 -10.72 26.00
C LYS D 202 -48.21 -10.02 24.95
N THR D 203 -47.86 -8.77 24.66
CA THR D 203 -48.56 -8.03 23.63
C THR D 203 -48.23 -8.61 22.26
N ARG D 204 -46.93 -8.77 22.00
CA ARG D 204 -46.46 -9.22 20.70
C ARG D 204 -46.85 -10.68 20.39
N ALA D 205 -47.18 -11.46 21.42
CA ALA D 205 -47.49 -12.89 21.24
C ALA D 205 -48.75 -13.14 20.41
N ILE D 206 -49.65 -12.18 20.35
CA ILE D 206 -50.87 -12.36 19.55
C ILE D 206 -50.88 -11.43 18.34
N LYS D 207 -50.76 -12.02 17.16
CA LYS D 207 -50.69 -11.26 15.92
C LYS D 207 -52.08 -10.90 15.39
N GLY D 208 -52.23 -9.67 14.94
CA GLY D 208 -53.43 -9.27 14.22
C GLY D 208 -53.47 -9.83 12.81
N PRO D 209 -54.59 -9.62 12.10
CA PRO D 209 -54.72 -10.13 10.73
C PRO D 209 -53.61 -9.62 9.78
N ASP D 210 -53.24 -8.35 9.86
CA ASP D 210 -52.23 -7.84 8.94
C ASP D 210 -50.82 -8.39 9.24
N GLU D 211 -50.50 -8.59 10.52
CA GLU D 211 -49.24 -9.24 10.86
C GLU D 211 -49.19 -10.68 10.34
N ILE D 212 -50.33 -11.37 10.36
CA ILE D 212 -50.35 -12.72 9.82
C ILE D 212 -50.11 -12.67 8.31
N LEU D 213 -50.73 -11.70 7.63
CA LEU D 213 -50.47 -11.51 6.21
C LEU D 213 -48.97 -11.20 5.96
N ALA D 214 -48.42 -10.21 6.67
CA ALA D 214 -47.00 -9.91 6.56
C ALA D 214 -46.14 -11.15 6.78
N MET D 215 -46.52 -11.97 7.75
CA MET D 215 -45.74 -13.16 8.04
C MET D 215 -45.81 -14.21 6.91
N ARG D 216 -46.99 -14.39 6.32
CA ARG D 216 -47.11 -15.32 5.20
C ARG D 216 -46.19 -14.88 4.06
N CYS D 217 -46.16 -13.58 3.79
CA CYS D 217 -45.27 -13.04 2.76
C CYS D 217 -43.81 -13.28 3.12
N ALA D 218 -43.43 -12.96 4.37
CA ALA D 218 -42.07 -13.17 4.82
C ALA D 218 -41.68 -14.64 4.72
N SER D 219 -42.61 -15.51 5.10
CA SER D 219 -42.38 -16.96 5.05
C SER D 219 -42.08 -17.46 3.62
N HIS D 220 -42.83 -16.93 2.65
CA HIS D 220 -42.65 -17.30 1.25
C HIS D 220 -41.28 -16.81 0.73
N ALA D 221 -40.98 -15.54 0.95
CA ALA D 221 -39.66 -14.98 0.61
C ALA D 221 -38.52 -15.79 1.20
N CYS D 222 -38.67 -16.19 2.46
CA CYS D 222 -37.62 -16.97 3.11
C CYS D 222 -37.47 -18.34 2.45
N GLU D 223 -38.59 -18.99 2.16
CA GLU D 223 -38.53 -20.33 1.56
C GLU D 223 -37.93 -20.29 0.17
N THR D 224 -38.25 -19.23 -0.56
CA THR D 224 -37.64 -18.96 -1.85
C THR D 224 -36.11 -18.82 -1.73
N ALA D 225 -35.65 -17.97 -0.81
CA ALA D 225 -34.22 -17.77 -0.59
C ALA D 225 -33.55 -19.09 -0.20
N VAL D 226 -34.20 -19.87 0.67
CA VAL D 226 -33.64 -21.16 1.07
C VAL D 226 -33.52 -22.09 -0.14
N ALA D 227 -34.46 -21.98 -1.07
CA ALA D 227 -34.43 -22.81 -2.28
C ALA D 227 -33.20 -22.50 -3.14
N GLU D 228 -32.93 -21.23 -3.38
CA GLU D 228 -31.68 -20.83 -4.03
C GLU D 228 -30.45 -21.40 -3.29
N MET D 229 -30.46 -21.32 -1.97
CA MET D 229 -29.35 -21.87 -1.21
C MET D 229 -29.22 -23.37 -1.43
N GLU D 230 -30.35 -24.07 -1.44
CA GLU D 230 -30.31 -25.52 -1.63
C GLU D 230 -29.76 -25.87 -3.01
N LYS D 231 -30.21 -25.11 -4.01
CA LYS D 231 -29.75 -25.26 -5.37
C LYS D 231 -28.23 -25.11 -5.44
N PHE D 232 -27.72 -24.05 -4.80
CA PHE D 232 -26.29 -23.79 -4.77
C PHE D 232 -25.55 -24.95 -4.11
N ALA D 233 -26.05 -25.40 -2.96
CA ALA D 233 -25.36 -26.44 -2.20
C ALA D 233 -25.27 -27.75 -2.97
N ARG D 234 -26.38 -28.16 -3.58
CA ARG D 234 -26.43 -29.45 -4.26
C ARG D 234 -25.56 -29.42 -5.53
N ALA D 235 -25.39 -28.24 -6.11
CA ALA D 235 -24.55 -28.10 -7.28
C ALA D 235 -23.05 -27.93 -6.97
N HIS D 236 -22.68 -27.53 -5.74
CA HIS D 236 -21.27 -27.18 -5.49
C HIS D 236 -20.62 -27.90 -4.31
N VAL D 237 -21.38 -28.49 -3.43
CA VAL D 237 -20.79 -29.20 -2.34
C VAL D 237 -19.91 -30.31 -2.87
N GLY D 238 -18.74 -30.42 -2.29
CA GLY D 238 -17.83 -31.44 -2.71
C GLY D 238 -16.94 -31.14 -3.88
N ASP D 239 -16.92 -29.90 -4.35
CA ASP D 239 -16.06 -29.48 -5.44
C ASP D 239 -14.65 -29.16 -4.96
N GLY D 240 -14.38 -29.50 -3.72
CA GLY D 240 -13.07 -29.27 -3.12
C GLY D 240 -12.81 -27.87 -2.60
N LYS D 241 -13.71 -26.93 -2.87
CA LYS D 241 -13.47 -25.57 -2.40
C LYS D 241 -14.70 -24.85 -1.82
N THR D 242 -15.91 -25.34 -2.09
CA THR D 242 -17.09 -24.69 -1.55
C THR D 242 -17.20 -24.95 -0.05
N SER D 243 -17.25 -23.85 0.69
CA SER D 243 -17.34 -23.82 2.14
C SER D 243 -18.75 -23.58 2.66
N GLU D 244 -18.96 -23.95 3.91
CA GLU D 244 -20.12 -23.59 4.67
C GLU D 244 -20.49 -22.13 4.45
N ASP D 245 -19.55 -21.20 4.60
CA ASP D 245 -19.79 -19.78 4.39
C ASP D 245 -20.26 -19.45 2.96
N ASP D 246 -19.71 -20.14 1.98
CA ASP D 246 -20.12 -19.94 0.58
C ASP D 246 -21.61 -20.24 0.43
N ILE D 247 -22.04 -21.35 1.02
CA ILE D 247 -23.42 -21.80 0.90
C ILE D 247 -24.32 -20.79 1.61
N TRP D 248 -23.95 -20.47 2.85
CA TRP D 248 -24.71 -19.59 3.72
C TRP D 248 -24.86 -18.20 3.12
N ALA D 249 -23.81 -17.73 2.44
CA ALA D 249 -23.82 -16.42 1.81
C ALA D 249 -24.99 -16.25 0.85
N VAL D 250 -25.43 -17.33 0.23
CA VAL D 250 -26.55 -17.24 -0.69
C VAL D 250 -27.83 -16.80 0.04
N LEU D 251 -28.07 -17.38 1.21
CA LEU D 251 -29.24 -17.00 2.01
C LEU D 251 -29.21 -15.52 2.41
N HIS D 252 -28.04 -15.00 2.80
CA HIS D 252 -27.92 -13.56 3.12
C HIS D 252 -28.38 -12.71 1.96
N ALA D 253 -27.82 -12.99 0.79
CA ALA D 253 -28.03 -12.13 -0.38
C ALA D 253 -29.49 -12.16 -0.83
N GLU D 254 -30.04 -13.37 -0.90
CA GLU D 254 -31.39 -13.58 -1.41
C GLU D 254 -32.41 -13.00 -0.44
N ASN D 255 -32.09 -13.00 0.85
CA ASN D 255 -32.93 -12.33 1.84
C ASN D 255 -32.92 -10.83 1.59
N ILE D 256 -31.73 -10.25 1.43
CA ILE D 256 -31.60 -8.82 1.21
C ILE D 256 -32.26 -8.35 -0.09
N LYS D 257 -32.09 -9.14 -1.15
CA LYS D 257 -32.72 -8.85 -2.44
C LYS D 257 -34.26 -8.79 -2.36
N ARG D 258 -34.83 -9.41 -1.33
CA ARG D 258 -36.28 -9.39 -1.16
C ARG D 258 -36.76 -8.44 -0.06
N GLY D 259 -35.83 -7.62 0.46
CA GLY D 259 -36.16 -6.61 1.44
C GLY D 259 -36.11 -7.10 2.88
N GLY D 260 -35.43 -8.21 3.10
CA GLY D 260 -35.19 -8.72 4.44
C GLY D 260 -34.15 -7.89 5.17
N GLU D 261 -33.76 -8.28 6.37
CA GLU D 261 -32.99 -7.36 7.20
C GLU D 261 -31.73 -7.94 7.78
N TRP D 262 -31.80 -9.14 8.37
CA TRP D 262 -30.58 -9.79 8.86
C TRP D 262 -30.84 -11.23 9.28
N ILE D 263 -29.77 -11.91 9.66
CA ILE D 263 -29.84 -13.28 10.16
C ILE D 263 -29.26 -13.33 11.58
N GLU D 264 -30.00 -13.91 12.51
CA GLU D 264 -29.68 -13.76 13.94
C GLU D 264 -28.54 -14.64 14.42
N THR D 265 -28.33 -15.77 13.74
CA THR D 265 -27.36 -16.74 14.23
C THR D 265 -26.39 -17.10 13.11
N ARG D 266 -25.49 -18.04 13.38
CA ARG D 266 -24.67 -18.63 12.33
C ARG D 266 -24.95 -20.13 12.25
N LEU D 267 -26.20 -20.52 12.49
CA LEU D 267 -26.48 -21.94 12.62
C LEU D 267 -26.68 -22.63 11.26
N LEU D 268 -25.57 -22.87 10.57
CA LEU D 268 -25.51 -23.80 9.44
C LEU D 268 -24.19 -24.53 9.59
N ALA D 269 -24.22 -25.85 9.43
CA ALA D 269 -23.01 -26.64 9.63
C ALA D 269 -23.02 -27.88 8.75
N SER D 270 -21.82 -28.38 8.44
CA SER D 270 -21.63 -29.51 7.54
C SER D 270 -20.99 -30.69 8.27
N GLY D 271 -21.42 -31.89 7.90
CA GLY D 271 -20.80 -33.11 8.38
C GLY D 271 -20.68 -33.21 9.88
N PRO D 272 -19.50 -33.60 10.36
CA PRO D 272 -19.31 -33.85 11.79
C PRO D 272 -19.49 -32.60 12.64
N ARG D 273 -19.54 -31.43 12.01
CA ARG D 273 -19.69 -30.18 12.76
C ARG D 273 -21.15 -29.94 13.14
N THR D 274 -22.04 -30.87 12.77
CA THR D 274 -23.44 -30.82 13.18
C THR D 274 -23.67 -31.49 14.53
N ASN D 275 -22.64 -32.13 15.07
CA ASN D 275 -22.75 -32.81 16.36
C ASN D 275 -21.50 -32.61 17.21
N PRO D 276 -21.61 -31.84 18.31
CA PRO D 276 -22.83 -31.23 18.84
C PRO D 276 -23.38 -30.07 18.03
N TRP D 277 -24.69 -29.87 18.09
CA TRP D 277 -25.34 -28.74 17.47
C TRP D 277 -24.89 -27.43 18.12
N PHE D 278 -25.05 -26.32 17.38
CA PHE D 278 -24.65 -24.93 17.73
C PHE D 278 -23.21 -24.58 17.38
N GLN D 279 -22.50 -25.47 16.69
CA GLN D 279 -21.27 -25.07 16.04
C GLN D 279 -21.66 -24.13 14.91
N GLU D 280 -20.80 -23.14 14.63
CA GLU D 280 -21.20 -22.05 13.76
C GLU D 280 -20.72 -22.22 12.33
N CYS D 281 -21.48 -21.62 11.41
CA CYS D 281 -21.11 -21.60 10.01
C CYS D 281 -19.73 -20.96 9.87
N GLY D 282 -18.86 -21.61 9.11
CA GLY D 282 -17.49 -21.17 8.98
C GLY D 282 -16.77 -21.58 7.69
N PRO D 283 -15.43 -21.68 7.76
CA PRO D 283 -14.62 -21.95 6.56
C PRO D 283 -14.60 -23.40 6.09
N ARG D 284 -15.09 -24.34 6.91
CA ARG D 284 -15.04 -25.77 6.56
C ARG D 284 -15.42 -26.05 5.12
N ILE D 285 -14.56 -26.80 4.42
CA ILE D 285 -14.81 -27.18 3.06
C ILE D 285 -15.73 -28.39 3.06
N THR D 286 -16.88 -28.24 2.38
CA THR D 286 -17.91 -29.27 2.42
C THR D 286 -17.54 -30.50 1.60
N GLN D 287 -18.15 -31.62 1.91
CA GLN D 287 -17.78 -32.91 1.31
C GLN D 287 -18.98 -33.61 0.69
N LYS D 288 -18.75 -34.39 -0.37
CA LYS D 288 -19.81 -35.28 -0.88
C LYS D 288 -20.10 -36.33 0.18
N ASN D 289 -21.34 -36.83 0.15
CA ASN D 289 -21.79 -37.85 1.09
C ASN D 289 -21.73 -37.37 2.54
N GLU D 290 -22.37 -36.24 2.80
CA GLU D 290 -22.39 -35.68 4.14
C GLU D 290 -23.69 -34.94 4.41
N ILE D 291 -24.01 -34.84 5.69
CA ILE D 291 -25.14 -34.06 6.18
C ILE D 291 -24.82 -32.55 6.21
N ILE D 292 -25.76 -31.74 5.75
CA ILE D 292 -25.73 -30.31 6.05
C ILE D 292 -27.03 -29.90 6.73
N ALA D 293 -26.91 -29.33 7.93
CA ALA D 293 -28.08 -28.90 8.71
C ALA D 293 -28.02 -27.40 8.96
N PHE D 294 -29.20 -26.77 9.04
CA PHE D 294 -29.24 -25.33 9.30
C PHE D 294 -30.56 -24.85 9.87
N ASP D 295 -30.50 -23.59 10.28
CA ASP D 295 -31.58 -22.90 10.95
C ASP D 295 -31.59 -21.49 10.37
N THR D 296 -32.68 -21.10 9.72
CA THR D 296 -32.73 -19.83 9.01
C THR D 296 -32.53 -18.63 9.94
N ASP D 297 -33.20 -18.64 11.10
CA ASP D 297 -33.13 -17.54 12.08
C ASP D 297 -33.13 -16.19 11.40
N LEU D 298 -34.07 -16.04 10.48
CA LEU D 298 -34.02 -14.98 9.51
C LEU D 298 -35.00 -13.87 9.86
N ILE D 299 -34.51 -12.63 9.83
CA ILE D 299 -35.35 -11.47 9.97
C ILE D 299 -35.62 -10.98 8.55
N GLY D 300 -36.82 -11.26 8.05
CA GLY D 300 -37.06 -11.18 6.63
C GLY D 300 -37.86 -10.00 6.16
N SER D 301 -38.60 -10.20 5.07
CA SER D 301 -39.41 -9.14 4.49
C SER D 301 -40.43 -8.65 5.51
N TYR D 302 -40.76 -7.36 5.41
CA TYR D 302 -41.60 -6.68 6.41
C TYR D 302 -41.04 -6.79 7.85
N GLY D 303 -39.79 -7.21 7.98
CA GLY D 303 -39.16 -7.32 9.28
C GLY D 303 -39.70 -8.47 10.11
N ILE D 304 -40.39 -9.40 9.47
CA ILE D 304 -40.92 -10.55 10.19
C ILE D 304 -39.90 -11.66 10.23
N CYS D 305 -39.77 -12.29 11.40
CA CYS D 305 -38.90 -13.45 11.57
C CYS D 305 -39.49 -14.73 10.97
N VAL D 306 -38.66 -15.44 10.22
CA VAL D 306 -39.00 -16.79 9.76
C VAL D 306 -37.92 -17.72 10.29
N ASP D 307 -38.35 -18.62 11.15
CA ASP D 307 -37.44 -19.46 11.89
C ASP D 307 -37.75 -20.93 11.60
N ILE D 308 -37.10 -21.49 10.57
CA ILE D 308 -37.30 -22.88 10.20
C ILE D 308 -35.96 -23.58 10.04
N SER D 309 -35.97 -24.89 10.21
CA SER D 309 -34.74 -25.66 10.13
C SER D 309 -34.94 -26.87 9.23
N ARG D 310 -33.89 -27.17 8.46
CA ARG D 310 -33.89 -28.36 7.60
C ARG D 310 -32.54 -29.05 7.64
N THR D 311 -32.56 -30.34 7.35
CA THR D 311 -31.33 -31.10 7.22
C THR D 311 -31.30 -31.70 5.81
N TRP D 312 -30.13 -31.65 5.16
CA TRP D 312 -29.97 -32.11 3.79
C TRP D 312 -28.91 -33.20 3.72
N TRP D 313 -29.14 -34.16 2.82
CA TRP D 313 -28.11 -35.11 2.43
C TRP D 313 -27.64 -34.79 1.02
N ILE D 314 -26.34 -34.65 0.85
CA ILE D 314 -25.77 -34.39 -0.46
C ILE D 314 -24.63 -35.38 -0.69
N GLY D 315 -24.76 -36.14 -1.76
CA GLY D 315 -23.79 -37.18 -2.06
C GLY D 315 -24.25 -38.03 -3.24
N ASP D 316 -23.49 -39.08 -3.53
CA ASP D 316 -23.88 -40.02 -4.58
C ASP D 316 -24.30 -41.33 -3.93
N GLN D 317 -23.74 -41.60 -2.76
CA GLN D 317 -24.20 -42.70 -1.92
C GLN D 317 -25.51 -42.35 -1.21
N LYS D 318 -26.08 -43.34 -0.54
CA LYS D 318 -27.30 -43.15 0.24
C LYS D 318 -26.93 -42.82 1.68
N PRO D 319 -27.83 -42.12 2.39
CA PRO D 319 -27.57 -41.85 3.81
C PRO D 319 -27.43 -43.15 4.58
N ARG D 320 -26.66 -43.15 5.66
CA ARG D 320 -26.56 -44.31 6.52
C ARG D 320 -27.93 -44.62 7.13
N PRO D 321 -28.13 -45.83 7.68
CA PRO D 321 -29.47 -46.13 8.19
C PRO D 321 -29.78 -45.30 9.44
N ASP D 322 -28.78 -45.08 10.28
CA ASP D 322 -28.99 -44.37 11.52
C ASP D 322 -29.33 -42.90 11.25
N MET D 323 -28.91 -42.40 10.09
CA MET D 323 -29.24 -41.04 9.67
C MET D 323 -30.71 -40.95 9.28
N VAL D 324 -31.14 -41.92 8.49
CA VAL D 324 -32.53 -42.01 8.07
C VAL D 324 -33.47 -42.15 9.27
N TYR D 325 -33.10 -43.01 10.21
CA TYR D 325 -33.92 -43.17 11.41
C TYR D 325 -34.01 -41.86 12.20
N ALA D 326 -32.86 -41.23 12.43
CA ALA D 326 -32.79 -39.95 13.14
C ALA D 326 -33.67 -38.90 12.48
N MET D 327 -33.66 -38.85 11.15
CA MET D 327 -34.47 -37.88 10.41
C MET D 327 -35.95 -38.16 10.61
N GLN D 328 -36.30 -39.44 10.61
CA GLN D 328 -37.69 -39.84 10.75
C GLN D 328 -38.19 -39.58 12.17
N HIS D 329 -37.35 -39.90 13.15
CA HIS D 329 -37.62 -39.61 14.54
C HIS D 329 -37.85 -38.10 14.75
N ALA D 330 -36.95 -37.29 14.18
CA ALA D 330 -37.05 -35.84 14.28
C ALA D 330 -38.34 -35.31 13.66
N HIS D 331 -38.67 -35.78 12.47
CA HIS D 331 -39.87 -35.36 11.77
C HIS D 331 -41.12 -35.81 12.54
N GLU D 332 -41.04 -36.99 13.15
CA GLU D 332 -42.12 -37.51 13.96
C GLU D 332 -42.31 -36.65 15.20
N HIS D 333 -41.19 -36.28 15.80
CA HIS D 333 -41.18 -35.41 16.97
C HIS D 333 -41.98 -34.13 16.75
N ILE D 334 -41.65 -33.38 15.69
CA ILE D 334 -42.29 -32.09 15.50
C ILE D 334 -43.75 -32.26 15.09
N MET D 335 -44.07 -33.31 14.35
CA MET D 335 -45.43 -33.47 13.85
C MET D 335 -46.37 -33.91 14.98
N THR D 336 -45.88 -34.77 15.87
CA THR D 336 -46.61 -35.16 17.07
C THR D 336 -46.84 -33.96 17.99
N ASN D 337 -45.76 -33.21 18.25
CA ASN D 337 -45.84 -32.06 19.12
C ASN D 337 -46.78 -30.99 18.57
N MET D 338 -46.73 -30.78 17.25
CA MET D 338 -47.58 -29.83 16.56
C MET D 338 -49.07 -30.12 16.78
N GLU D 339 -49.39 -31.41 16.90
CA GLU D 339 -50.77 -31.83 17.06
C GLU D 339 -51.35 -31.41 18.40
N MET D 340 -50.49 -31.14 19.37
CA MET D 340 -50.92 -30.63 20.67
C MET D 340 -51.54 -29.25 20.59
N LEU D 341 -51.33 -28.54 19.49
CA LEU D 341 -51.61 -27.10 19.42
C LEU D 341 -53.05 -26.70 19.05
N LYS D 342 -53.68 -25.96 19.95
CA LYS D 342 -55.00 -25.36 19.74
C LYS D 342 -55.21 -24.36 20.86
N PRO D 343 -56.14 -23.40 20.66
CA PRO D 343 -56.42 -22.43 21.73
C PRO D 343 -56.86 -23.12 23.02
N GLY D 344 -56.45 -22.61 24.17
CA GLY D 344 -56.92 -23.12 25.44
C GLY D 344 -55.96 -24.05 26.12
N VAL D 345 -55.06 -24.66 25.35
CA VAL D 345 -54.05 -25.54 25.91
C VAL D 345 -53.05 -24.75 26.75
N MET D 346 -52.84 -25.21 27.98
CA MET D 346 -51.88 -24.58 28.86
C MET D 346 -50.47 -24.93 28.42
N ILE D 347 -49.60 -23.94 28.39
CA ILE D 347 -48.22 -24.16 27.97
C ILE D 347 -47.52 -25.29 28.74
N PRO D 348 -47.65 -25.34 30.09
CA PRO D 348 -46.95 -26.44 30.76
C PRO D 348 -47.50 -27.84 30.44
N ASP D 349 -48.69 -27.91 29.82
CA ASP D 349 -49.24 -29.19 29.38
C ASP D 349 -48.62 -29.62 28.07
N LEU D 350 -48.23 -28.65 27.24
CA LEU D 350 -47.43 -28.93 26.04
C LEU D 350 -46.12 -29.61 26.47
N THR D 351 -45.50 -29.06 27.50
CA THR D 351 -44.33 -29.70 28.10
C THR D 351 -44.63 -31.13 28.56
N ALA D 352 -45.66 -31.27 29.40
CA ALA D 352 -45.96 -32.55 30.03
C ALA D 352 -46.30 -33.66 29.02
N ASN D 353 -46.91 -33.31 27.90
CA ASN D 353 -47.39 -34.31 26.96
C ASN D 353 -46.63 -34.39 25.64
N CYS D 354 -45.41 -33.85 25.61
CA CYS D 354 -44.66 -33.81 24.36
C CYS D 354 -44.21 -35.21 23.96
N HIS D 355 -43.99 -35.38 22.65
CA HIS D 355 -43.40 -36.59 22.10
C HIS D 355 -42.08 -36.94 22.79
N ARG D 356 -41.89 -38.23 23.06
CA ARG D 356 -40.74 -38.72 23.82
C ARG D 356 -39.62 -39.23 22.90
N LEU D 357 -38.53 -38.48 22.83
CA LEU D 357 -37.36 -38.86 22.03
C LEU D 357 -36.66 -40.08 22.62
N ASP D 358 -36.12 -40.94 21.77
CA ASP D 358 -35.36 -42.12 22.22
C ASP D 358 -34.26 -41.74 23.21
N ASP D 359 -33.96 -42.64 24.14
CA ASP D 359 -33.00 -42.36 25.19
C ASP D 359 -31.67 -41.85 24.64
N LYS D 360 -31.25 -42.36 23.49
CA LYS D 360 -29.97 -41.98 22.90
C LYS D 360 -29.95 -40.53 22.37
N PHE D 361 -31.13 -39.92 22.28
CA PHE D 361 -31.26 -38.54 21.78
C PHE D 361 -31.61 -37.54 22.87
N GLN D 362 -31.71 -37.99 24.12
CA GLN D 362 -32.22 -37.14 25.20
C GLN D 362 -31.18 -36.17 25.74
N ALA D 363 -29.92 -36.62 25.80
CA ALA D 363 -28.85 -35.79 26.35
C ALA D 363 -28.67 -34.50 25.56
N GLN D 364 -28.80 -34.60 24.24
CA GLN D 364 -28.46 -33.47 23.37
C GLN D 364 -29.67 -32.85 22.68
N LYS D 365 -30.86 -33.09 23.22
CA LYS D 365 -32.07 -32.51 22.62
C LYS D 365 -32.05 -30.98 22.77
N TYR D 366 -32.87 -30.32 21.95
CA TYR D 366 -32.92 -28.86 21.90
C TYR D 366 -33.31 -28.25 23.24
N GLY D 367 -33.07 -26.94 23.37
CA GLY D 367 -33.32 -26.23 24.60
C GLY D 367 -34.79 -25.91 24.81
N CYS D 368 -35.58 -26.20 23.78
CA CYS D 368 -37.03 -26.13 23.90
C CYS D 368 -37.66 -26.97 22.81
N LEU D 369 -38.92 -27.34 22.98
CA LEU D 369 -39.60 -28.10 21.94
C LEU D 369 -40.43 -27.13 21.11
N MET D 370 -40.70 -25.93 21.65
CA MET D 370 -41.39 -24.85 20.95
C MET D 370 -40.99 -23.49 21.51
N HIS D 371 -41.15 -22.45 20.69
CA HIS D 371 -41.05 -21.06 21.16
C HIS D 371 -41.86 -20.15 20.25
N GLY D 372 -42.27 -18.99 20.77
CA GLY D 372 -42.98 -18.03 19.95
C GLY D 372 -42.07 -17.37 18.93
N VAL D 373 -42.68 -16.71 17.96
CA VAL D 373 -41.94 -16.01 16.93
C VAL D 373 -42.79 -14.87 16.39
N GLY D 374 -42.16 -13.76 16.05
CA GLY D 374 -42.86 -12.62 15.49
C GLY D 374 -41.89 -11.72 14.73
N LEU D 375 -41.30 -10.74 15.43
CA LEU D 375 -40.26 -9.90 14.85
C LEU D 375 -38.88 -10.52 15.07
N CYS D 376 -38.87 -11.56 15.90
CA CYS D 376 -37.71 -12.37 16.25
C CYS D 376 -38.24 -13.49 17.14
N ASN D 377 -37.36 -14.27 17.75
CA ASN D 377 -37.85 -15.23 18.74
C ASN D 377 -38.53 -14.47 19.87
N GLU D 378 -39.70 -14.97 20.30
CA GLU D 378 -40.54 -14.30 21.29
C GLU D 378 -41.14 -15.30 22.28
N TRP D 379 -41.62 -14.78 23.42
CA TRP D 379 -42.40 -15.54 24.38
C TRP D 379 -43.54 -16.28 23.66
N PRO D 380 -43.87 -17.51 24.08
CA PRO D 380 -43.34 -18.29 25.21
C PRO D 380 -42.19 -19.19 24.82
N LEU D 381 -41.49 -19.70 25.83
CA LEU D 381 -40.51 -20.75 25.63
C LEU D 381 -41.12 -22.03 26.23
N VAL D 382 -41.22 -23.08 25.42
CA VAL D 382 -41.84 -24.33 25.86
C VAL D 382 -40.78 -25.38 26.12
N ALA D 383 -40.36 -25.50 27.38
CA ALA D 383 -39.24 -26.39 27.72
C ALA D 383 -39.65 -27.85 27.76
N TYR D 384 -38.67 -28.73 27.52
CA TYR D 384 -38.82 -30.16 27.77
C TYR D 384 -39.02 -30.38 29.26
N PRO D 385 -39.70 -31.49 29.62
CA PRO D 385 -40.02 -31.76 31.03
C PRO D 385 -38.83 -31.64 31.99
N ASP D 386 -37.63 -32.05 31.58
CA ASP D 386 -36.54 -32.06 32.55
C ASP D 386 -35.87 -30.69 32.75
N LYS D 387 -36.26 -29.69 31.96
CA LYS D 387 -35.75 -28.32 32.14
C LYS D 387 -36.85 -27.31 32.49
N ALA D 388 -38.11 -27.74 32.39
CA ALA D 388 -39.23 -26.83 32.61
C ALA D 388 -39.30 -26.36 34.07
N VAL D 389 -39.65 -25.10 34.24
CA VAL D 389 -39.70 -24.50 35.56
C VAL D 389 -41.13 -24.21 35.96
N PRO D 390 -41.60 -24.82 37.05
CA PRO D 390 -42.96 -24.58 37.53
C PRO D 390 -43.24 -23.09 37.71
N GLY D 391 -44.39 -22.64 37.23
CA GLY D 391 -44.82 -21.27 37.40
C GLY D 391 -44.13 -20.24 36.50
N SER D 392 -43.47 -20.69 35.43
CA SER D 392 -42.78 -19.76 34.55
C SER D 392 -43.66 -19.29 33.38
N TYR D 393 -44.45 -20.20 32.83
CA TYR D 393 -45.29 -19.89 31.67
C TYR D 393 -46.73 -20.41 31.82
N ASP D 394 -47.36 -20.15 32.96
CA ASP D 394 -48.71 -20.67 33.23
C ASP D 394 -49.78 -19.89 32.47
N TYR D 395 -49.87 -20.15 31.17
CA TYR D 395 -50.77 -19.40 30.29
C TYR D 395 -51.27 -20.32 29.19
N PRO D 396 -52.50 -20.06 28.69
CA PRO D 396 -53.06 -20.82 27.57
C PRO D 396 -52.66 -20.24 26.22
N LEU D 397 -52.57 -21.10 25.20
CA LEU D 397 -52.44 -20.63 23.82
C LEU D 397 -53.73 -19.91 23.42
N GLU D 398 -53.59 -18.95 22.52
CA GLU D 398 -54.73 -18.18 22.03
C GLU D 398 -54.59 -18.07 20.51
N PRO D 399 -55.71 -17.92 19.79
CA PRO D 399 -55.66 -17.71 18.33
C PRO D 399 -54.75 -16.54 17.98
N GLY D 400 -53.88 -16.69 16.99
CA GLY D 400 -53.04 -15.57 16.57
C GLY D 400 -51.63 -15.62 17.13
N MET D 401 -51.39 -16.53 18.07
CA MET D 401 -50.02 -16.87 18.46
C MET D 401 -49.34 -17.67 17.36
N VAL D 402 -48.02 -17.52 17.26
CA VAL D 402 -47.25 -18.28 16.29
C VAL D 402 -46.10 -18.96 17.00
N LEU D 403 -46.03 -20.28 16.88
CA LEU D 403 -45.00 -21.04 17.55
C LEU D 403 -44.18 -21.81 16.54
N CYS D 404 -42.87 -21.82 16.74
CA CYS D 404 -41.98 -22.71 16.02
C CYS D 404 -41.87 -24.02 16.78
N VAL D 405 -41.89 -25.13 16.05
CA VAL D 405 -41.85 -26.46 16.65
C VAL D 405 -40.54 -27.11 16.27
N GLU D 406 -39.76 -27.50 17.29
CA GLU D 406 -38.34 -27.84 17.12
C GLU D 406 -38.01 -29.32 17.25
N ALA D 407 -36.95 -29.74 16.56
CA ALA D 407 -36.35 -31.05 16.81
C ALA D 407 -34.86 -31.04 16.54
N ALA D 408 -34.10 -31.34 17.59
CA ALA D 408 -32.68 -31.62 17.45
C ALA D 408 -32.45 -33.07 17.86
N VAL D 409 -31.97 -33.91 16.94
CA VAL D 409 -31.80 -35.33 17.20
C VAL D 409 -30.39 -35.81 16.90
N GLY D 410 -29.66 -36.20 17.94
CA GLY D 410 -28.30 -36.66 17.78
C GLY D 410 -27.77 -37.38 19.00
N GLU D 411 -26.81 -38.27 18.78
CA GLU D 411 -26.24 -39.05 19.87
C GLU D 411 -24.99 -38.40 20.40
N VAL D 412 -24.75 -38.62 21.69
CA VAL D 412 -23.54 -38.16 22.32
C VAL D 412 -22.35 -38.82 21.64
N GLY D 413 -21.45 -37.99 21.11
CA GLY D 413 -20.25 -38.48 20.46
C GLY D 413 -20.49 -38.91 19.03
N GLY D 414 -21.69 -38.65 18.52
CA GLY D 414 -22.05 -39.02 17.17
C GLY D 414 -21.37 -38.15 16.12
N ASP D 415 -21.59 -38.44 14.85
CA ASP D 415 -20.92 -37.70 13.79
C ASP D 415 -21.90 -36.91 12.91
N PHE D 416 -23.14 -36.80 13.38
CA PHE D 416 -24.13 -35.96 12.73
C PHE D 416 -25.26 -35.67 13.71
N SER D 417 -26.08 -34.67 13.37
CA SER D 417 -27.34 -34.40 14.05
C SER D 417 -28.36 -34.09 13.01
N ILE D 418 -29.63 -34.28 13.36
CA ILE D 418 -30.71 -33.76 12.53
C ILE D 418 -31.29 -32.53 13.21
N LYS D 419 -31.55 -31.49 12.42
CA LYS D 419 -32.27 -30.33 12.95
C LYS D 419 -33.43 -30.03 12.03
N LEU D 420 -34.64 -30.08 12.58
CA LEU D 420 -35.84 -29.75 11.83
C LEU D 420 -36.70 -28.79 12.64
N GLU D 421 -37.48 -27.97 11.95
CA GLU D 421 -38.29 -26.98 12.62
C GLU D 421 -39.28 -26.32 11.66
N ASP D 422 -40.54 -26.25 12.09
CA ASP D 422 -41.58 -25.57 11.31
C ASP D 422 -42.19 -24.42 12.11
N GLN D 423 -42.78 -23.46 11.39
CA GLN D 423 -43.41 -22.27 11.98
C GLN D 423 -44.93 -22.38 11.89
N VAL D 424 -45.59 -22.43 13.04
CA VAL D 424 -47.01 -22.81 13.12
C VAL D 424 -47.91 -21.74 13.75
N LEU D 425 -48.93 -21.31 13.01
CA LEU D 425 -49.93 -20.37 13.52
C LEU D 425 -51.02 -21.07 14.33
N ILE D 426 -51.46 -20.46 15.43
CA ILE D 426 -52.59 -20.97 16.20
C ILE D 426 -53.88 -20.35 15.67
N THR D 427 -54.82 -21.21 15.24
CA THR D 427 -56.04 -20.73 14.61
C THR D 427 -57.20 -20.78 15.59
N GLU D 428 -58.42 -20.47 15.12
CA GLU D 428 -59.59 -20.42 15.99
C GLU D 428 -59.91 -21.76 16.65
N ASP D 429 -59.53 -22.87 16.01
CA ASP D 429 -59.86 -24.16 16.61
C ASP D 429 -58.77 -25.20 16.44
N GLY D 430 -57.54 -24.76 16.19
CA GLY D 430 -56.44 -25.68 16.02
C GLY D 430 -55.17 -24.96 15.62
N TYR D 431 -54.47 -25.51 14.63
CA TYR D 431 -53.24 -24.91 14.15
C TYR D 431 -53.17 -24.93 12.63
N GLU D 432 -52.30 -24.09 12.09
CA GLU D 432 -51.97 -24.10 10.68
C GLU D 432 -50.45 -24.02 10.51
N ASN D 433 -49.84 -25.10 10.04
CA ASN D 433 -48.42 -25.08 9.71
C ASN D 433 -48.20 -24.13 8.54
N LEU D 434 -47.45 -23.05 8.79
CA LEU D 434 -47.19 -22.07 7.73
C LEU D 434 -46.07 -22.56 6.81
N THR D 435 -45.25 -23.47 7.32
CA THR D 435 -44.04 -23.87 6.63
C THR D 435 -44.31 -24.97 5.59
N THR D 436 -43.93 -24.72 4.35
CA THR D 436 -44.18 -25.69 3.28
C THR D 436 -42.90 -26.27 2.64
N TYR D 437 -41.74 -25.92 3.19
CA TYR D 437 -40.47 -26.36 2.60
C TYR D 437 -40.33 -27.87 2.71
N PRO D 438 -39.95 -28.53 1.61
CA PRO D 438 -39.82 -29.99 1.61
C PRO D 438 -38.80 -30.53 2.60
N PHE D 439 -39.03 -31.78 3.02
CA PHE D 439 -38.06 -32.51 3.81
C PHE D 439 -37.22 -33.41 2.91
N ASP D 440 -35.93 -33.52 3.21
CA ASP D 440 -35.01 -34.30 2.38
C ASP D 440 -35.50 -35.75 2.18
N ALA D 441 -35.83 -36.07 0.92
CA ALA D 441 -36.39 -37.37 0.59
C ALA D 441 -35.50 -38.54 1.04
N ALA D 442 -34.21 -38.47 0.71
CA ALA D 442 -33.31 -39.57 1.01
C ALA D 442 -33.21 -39.82 2.51
N LEU D 443 -33.18 -38.74 3.29
CA LEU D 443 -33.07 -38.87 4.73
C LEU D 443 -34.36 -39.40 5.36
N MET D 444 -35.49 -39.07 4.72
CA MET D 444 -36.80 -39.54 5.16
C MET D 444 -37.01 -41.03 4.85
N GLY D 445 -36.10 -41.59 4.05
CA GLY D 445 -36.17 -42.99 3.65
C GLY D 445 -36.89 -43.22 2.32
N LEU D 446 -37.02 -42.17 1.50
CA LEU D 446 -37.70 -42.26 0.20
C LEU D 446 -36.72 -42.24 -0.98
N ALA D 447 -37.28 -42.25 -2.20
CA ALA D 447 -36.53 -42.14 -3.46
C ALA D 447 -37.50 -42.09 -4.64
#